data_1UMD
#
_entry.id   1UMD
#
_cell.length_a   127.579
_cell.length_b   246.503
_cell.length_c   137.285
_cell.angle_alpha   90.00
_cell.angle_beta   90.00
_cell.angle_gamma   90.00
#
_symmetry.space_group_name_H-M   'C 2 2 21'
#
loop_
_entity.id
_entity.type
_entity.pdbx_description
1 polymer '2-oxo acid dehydrogenase alpha subunit'
2 polymer '2-oxo acid dehydrogenase beta subunit'
3 non-polymer 'MAGNESIUM ION'
4 non-polymer 'THIAMINE DIPHOSPHATE'
5 non-polymer '2-OXO-4-METHYLPENTANOIC ACID'
6 water water
#
loop_
_entity_poly.entity_id
_entity_poly.type
_entity_poly.pdbx_seq_one_letter_code
_entity_poly.pdbx_strand_id
1 'polypeptide(L)'
;MVKETHRFETFTEEPIRLIGEEGEWLGDFPLDLEGEKLRRLYRDMLAARMLDERYTILIRTGKTSFIAPAAGHEAAQVAI
AHAIRPGFDWVFPYYRDHGLALALGIPLKELLGQMLATKADPNKGRQMPEHPGSKALNFFTVASPIASHVPPAAGAAISM
KLLRTGQVAVCTFGDGATSEGDWYAGINFAAVQGAPAVFIAENNFYAISVDYRHQTHSPTIADKAHAFGIPGYLVDGMDV
LASYYVVKEAVERARRGEGPSLVELRVYRYGPHSSADDDSRYRPKEEVAFWRKKDPIPRFRRFLEARGLWNEEWEEDVRE
EIRAELERGLKEAEEAGPVPPEWMFEDVFAEKPWHLLRQEALLKEEL
;
A,C
2 'polypeptide(L)'
;MALMTMVQALNRALDEEMAKDPRVVVLGEDVGKRGGVFLVTEGLLQKYGPDRVMDTPLSEAAIVGAALGMAAHGLRPVAE
IQFADYIFPGFDQLVSQVAKLRYRSGGQFTAPLVVRMPSGGGVRGGHHHSQSPEAHFVHTAGLKVVAVSTPYDAKGLLKA
AIRDEDPVVFLEPKRLYRSVKEEVPEEDYTLPIGKAALRREGKDLTLICYGTVMPEVLQAAAELAKAGVSAEVLDLRTLM
PWDYEAVMNSVAKTGRVVLVSDAPRHASFVSEVAATIAEDLLDMLLAPPIRVTGFDTPYPYAQDKLYLPTVTRILNAAKR
ALDY
;
B,D
#
# COMPACT_ATOMS: atom_id res chain seq x y z
N HIS A 6 -34.50 18.58 -14.51
CA HIS A 6 -33.36 19.56 -14.47
C HIS A 6 -32.02 18.86 -14.26
N ARG A 7 -30.98 19.45 -14.84
CA ARG A 7 -29.64 18.91 -14.73
C ARG A 7 -28.61 20.04 -14.69
N PHE A 8 -27.79 20.05 -13.65
CA PHE A 8 -26.76 21.08 -13.53
C PHE A 8 -25.69 20.85 -14.59
N GLU A 9 -25.00 21.91 -14.98
CA GLU A 9 -23.95 21.80 -15.98
C GLU A 9 -22.73 21.17 -15.32
N THR A 10 -22.06 20.30 -16.06
CA THR A 10 -20.88 19.63 -15.55
C THR A 10 -19.62 20.40 -15.96
N PHE A 11 -18.55 20.26 -15.18
CA PHE A 11 -17.27 20.89 -15.48
C PHE A 11 -17.35 22.37 -15.84
N THR A 12 -18.18 23.13 -15.13
CA THR A 12 -18.30 24.56 -15.41
C THR A 12 -17.04 25.29 -14.96
N GLU A 13 -16.66 26.34 -15.70
CA GLU A 13 -15.46 27.09 -15.35
C GLU A 13 -15.73 27.87 -14.07
N GLU A 14 -16.95 28.39 -13.96
CA GLU A 14 -17.35 29.15 -12.78
C GLU A 14 -18.14 28.23 -11.86
N PRO A 15 -17.84 28.27 -10.55
CA PRO A 15 -18.60 27.39 -9.64
C PRO A 15 -20.09 27.70 -9.62
N ILE A 16 -20.89 26.64 -9.58
CA ILE A 16 -22.33 26.77 -9.55
C ILE A 16 -22.80 27.51 -8.30
N ARG A 17 -23.65 28.53 -8.52
CA ARG A 17 -24.21 29.33 -7.43
C ARG A 17 -25.72 29.47 -7.61
N LEU A 18 -26.44 29.55 -6.50
CA LEU A 18 -27.89 29.72 -6.54
C LEU A 18 -28.33 30.94 -5.74
N ILE A 19 -27.52 31.34 -4.77
CA ILE A 19 -27.84 32.49 -3.93
C ILE A 19 -27.06 33.72 -4.39
N GLY A 20 -27.79 34.75 -4.84
CA GLY A 20 -27.15 35.97 -5.28
C GLY A 20 -26.70 36.78 -4.07
N GLU A 21 -25.76 37.69 -4.26
CA GLU A 21 -25.26 38.50 -3.15
C GLU A 21 -26.33 39.33 -2.45
N GLU A 22 -27.42 39.60 -3.15
CA GLU A 22 -28.53 40.37 -2.58
C GLU A 22 -29.63 39.42 -2.09
N GLY A 23 -29.40 38.12 -2.26
CA GLY A 23 -30.39 37.14 -1.83
C GLY A 23 -31.29 36.67 -2.95
N GLU A 24 -30.98 37.07 -4.18
CA GLU A 24 -31.80 36.65 -5.32
C GLU A 24 -31.54 35.19 -5.68
N TRP A 25 -32.56 34.54 -6.22
CA TRP A 25 -32.46 33.14 -6.63
C TRP A 25 -31.90 33.13 -8.05
N LEU A 26 -30.79 32.43 -8.24
CA LEU A 26 -30.13 32.36 -9.55
C LEU A 26 -30.41 31.09 -10.34
N GLY A 27 -31.19 30.18 -9.75
CA GLY A 27 -31.47 28.93 -10.44
C GLY A 27 -32.26 28.98 -11.74
N ASP A 28 -31.99 28.02 -12.61
CA ASP A 28 -32.69 27.92 -13.89
C ASP A 28 -33.77 26.86 -13.69
N PHE A 29 -34.27 26.80 -12.46
CA PHE A 29 -35.34 25.90 -12.06
C PHE A 29 -35.93 26.53 -10.80
N PRO A 30 -37.20 26.25 -10.50
CA PRO A 30 -37.80 26.84 -9.30
C PRO A 30 -37.36 26.26 -7.95
N LEU A 31 -37.18 27.16 -6.98
CA LEU A 31 -36.82 26.75 -5.62
C LEU A 31 -38.02 25.95 -5.14
N ASP A 32 -37.81 24.69 -4.77
CA ASP A 32 -38.92 23.85 -4.32
C ASP A 32 -38.93 23.47 -2.85
N LEU A 33 -37.98 23.99 -2.07
CA LEU A 33 -37.93 23.69 -0.66
C LEU A 33 -39.02 24.44 0.09
N GLU A 34 -39.65 23.78 1.05
CA GLU A 34 -40.69 24.42 1.84
C GLU A 34 -39.98 25.34 2.83
N GLY A 35 -40.69 26.36 3.31
CA GLY A 35 -40.09 27.29 4.25
C GLY A 35 -39.47 26.62 5.46
N GLU A 36 -40.12 25.58 5.96
CA GLU A 36 -39.65 24.86 7.13
C GLU A 36 -38.27 24.22 6.89
N LYS A 37 -38.10 23.63 5.72
CA LYS A 37 -36.84 22.99 5.38
C LYS A 37 -35.73 24.04 5.17
N LEU A 38 -36.10 25.16 4.57
CA LEU A 38 -35.12 26.23 4.34
C LEU A 38 -34.57 26.76 5.66
N ARG A 39 -35.47 26.98 6.62
CA ARG A 39 -35.08 27.47 7.93
C ARG A 39 -34.24 26.45 8.69
N ARG A 40 -34.50 25.17 8.43
CA ARG A 40 -33.74 24.11 9.11
C ARG A 40 -32.30 24.11 8.59
N LEU A 41 -32.12 24.40 7.32
CA LEU A 41 -30.78 24.45 6.74
C LEU A 41 -30.00 25.53 7.50
N TYR A 42 -30.64 26.66 7.73
CA TYR A 42 -30.01 27.77 8.45
C TYR A 42 -29.74 27.35 9.90
N ARG A 43 -30.74 26.77 10.53
CA ARG A 43 -30.66 26.33 11.92
C ARG A 43 -29.46 25.39 12.11
N ASP A 44 -29.34 24.40 11.23
CA ASP A 44 -28.24 23.45 11.34
C ASP A 44 -26.87 24.06 11.07
N MET A 45 -26.79 25.08 10.23
CA MET A 45 -25.51 25.72 9.97
C MET A 45 -25.07 26.47 11.23
N LEU A 46 -26.02 27.10 11.92
CA LEU A 46 -25.70 27.81 13.14
C LEU A 46 -25.22 26.82 14.20
N ALA A 47 -25.92 25.68 14.28
CA ALA A 47 -25.58 24.64 15.24
C ALA A 47 -24.18 24.10 14.97
N ALA A 48 -23.86 23.91 13.69
CA ALA A 48 -22.54 23.40 13.31
C ALA A 48 -21.47 24.42 13.69
N ARG A 49 -21.73 25.69 13.41
CA ARG A 49 -20.78 26.76 13.73
C ARG A 49 -20.55 26.81 15.24
N MET A 50 -21.65 26.76 16.00
CA MET A 50 -21.56 26.83 17.45
C MET A 50 -20.89 25.60 18.05
N LEU A 51 -21.06 24.44 17.42
CA LEU A 51 -20.41 23.22 17.92
C LEU A 51 -18.90 23.42 17.75
N ASP A 52 -18.51 23.95 16.60
CA ASP A 52 -17.11 24.19 16.31
C ASP A 52 -16.50 25.15 17.34
N GLU A 53 -17.24 26.20 17.66
CA GLU A 53 -16.76 27.19 18.63
C GLU A 53 -16.69 26.57 20.03
N ARG A 54 -17.52 25.57 20.29
CA ARG A 54 -17.52 24.88 21.57
C ARG A 54 -16.26 24.03 21.63
N TYR A 55 -15.89 23.46 20.48
CA TYR A 55 -14.69 22.63 20.40
C TYR A 55 -13.47 23.45 20.78
N THR A 56 -13.42 24.69 20.32
CA THR A 56 -12.30 25.57 20.64
C THR A 56 -12.16 25.70 22.16
N ILE A 57 -13.30 25.81 22.84
CA ILE A 57 -13.30 25.93 24.29
C ILE A 57 -12.86 24.62 24.94
N LEU A 58 -13.31 23.49 24.38
CA LEU A 58 -12.93 22.19 24.92
C LEU A 58 -11.42 22.01 24.87
N ILE A 59 -10.80 22.50 23.80
CA ILE A 59 -9.36 22.41 23.64
C ILE A 59 -8.70 23.31 24.67
N ARG A 60 -9.16 24.56 24.71
CA ARG A 60 -8.63 25.56 25.62
C ARG A 60 -8.73 25.15 27.09
N THR A 61 -9.76 24.38 27.43
CA THR A 61 -9.94 23.96 28.82
C THR A 61 -9.40 22.55 29.11
N GLY A 62 -8.74 21.95 28.13
CA GLY A 62 -8.19 20.62 28.32
C GLY A 62 -9.17 19.47 28.36
N LYS A 63 -10.39 19.71 27.88
CA LYS A 63 -11.42 18.67 27.87
C LYS A 63 -11.14 17.65 26.76
N THR A 64 -10.57 18.12 25.65
CA THR A 64 -10.22 17.25 24.55
C THR A 64 -8.80 17.60 24.12
N SER A 65 -8.10 16.62 23.56
CA SER A 65 -6.71 16.80 23.15
C SER A 65 -6.50 17.25 21.71
N PHE A 66 -7.57 17.20 20.90
CA PHE A 66 -7.42 17.55 19.49
C PHE A 66 -8.72 17.95 18.82
N ILE A 67 -8.66 18.97 17.97
CA ILE A 67 -9.81 19.41 17.21
C ILE A 67 -9.38 19.81 15.81
N ALA A 68 -10.30 19.66 14.86
CA ALA A 68 -10.06 20.01 13.46
C ALA A 68 -11.17 21.00 13.10
N PRO A 69 -10.92 22.30 13.25
CA PRO A 69 -11.89 23.36 12.96
C PRO A 69 -12.64 23.22 11.63
N ALA A 70 -13.96 23.19 11.71
CA ALA A 70 -14.79 23.05 10.52
C ALA A 70 -15.48 24.37 10.14
N ALA A 71 -15.21 25.44 10.87
CA ALA A 71 -15.83 26.73 10.56
C ALA A 71 -15.51 27.09 9.11
N GLY A 72 -16.54 27.35 8.33
CA GLY A 72 -16.35 27.69 6.93
C GLY A 72 -16.85 26.57 6.04
N HIS A 73 -17.03 25.38 6.64
CA HIS A 73 -17.50 24.20 5.92
C HIS A 73 -19.00 23.95 6.16
N GLU A 74 -19.65 24.80 6.95
CA GLU A 74 -21.06 24.61 7.28
C GLU A 74 -22.07 24.43 6.14
N ALA A 75 -21.99 25.25 5.09
CA ALA A 75 -22.94 25.12 3.99
C ALA A 75 -22.77 23.76 3.31
N ALA A 76 -21.52 23.37 3.09
CA ALA A 76 -21.22 22.09 2.47
C ALA A 76 -21.70 20.92 3.32
N GLN A 77 -21.30 20.90 4.58
CA GLN A 77 -21.67 19.82 5.47
C GLN A 77 -23.17 19.70 5.77
N VAL A 78 -23.82 20.83 6.02
CA VAL A 78 -25.26 20.79 6.30
C VAL A 78 -26.03 20.38 5.03
N ALA A 79 -25.62 20.90 3.89
CA ALA A 79 -26.27 20.56 2.63
C ALA A 79 -26.22 19.05 2.37
N ILE A 80 -25.06 18.45 2.58
CA ILE A 80 -24.89 17.02 2.35
C ILE A 80 -25.80 16.20 3.27
N ALA A 81 -25.88 16.61 4.53
CA ALA A 81 -26.70 15.91 5.51
C ALA A 81 -28.19 15.92 5.12
N HIS A 82 -28.62 16.98 4.45
CA HIS A 82 -30.02 17.11 4.03
C HIS A 82 -30.31 16.60 2.63
N ALA A 83 -29.27 16.32 1.85
CA ALA A 83 -29.45 15.83 0.49
C ALA A 83 -29.70 14.31 0.49
N ILE A 84 -29.47 13.67 1.63
CA ILE A 84 -29.68 12.23 1.76
C ILE A 84 -30.74 11.97 2.82
N ARG A 85 -31.04 10.69 3.05
CA ARG A 85 -32.01 10.29 4.07
C ARG A 85 -31.23 9.72 5.25
N PRO A 86 -31.07 10.51 6.33
CA PRO A 86 -30.33 10.01 7.48
C PRO A 86 -30.90 8.72 8.08
N GLY A 87 -30.02 7.77 8.36
CA GLY A 87 -30.46 6.50 8.92
C GLY A 87 -30.75 5.47 7.84
N PHE A 88 -30.86 5.93 6.60
CA PHE A 88 -31.13 5.05 5.46
C PHE A 88 -29.91 5.02 4.56
N ASP A 89 -29.53 6.19 4.06
CA ASP A 89 -28.35 6.28 3.21
C ASP A 89 -27.12 6.19 4.11
N TRP A 90 -25.97 5.90 3.53
CA TRP A 90 -24.73 5.79 4.30
C TRP A 90 -23.82 6.99 4.05
N VAL A 91 -23.01 7.29 5.05
CA VAL A 91 -22.06 8.40 4.95
C VAL A 91 -20.67 7.89 5.34
N PHE A 92 -19.68 8.20 4.50
CA PHE A 92 -18.30 7.85 4.75
C PHE A 92 -17.59 9.18 4.85
N PRO A 93 -17.54 9.75 6.06
CA PRO A 93 -16.91 11.05 6.33
C PRO A 93 -15.44 10.96 6.69
N TYR A 94 -14.85 12.13 6.93
CA TYR A 94 -13.48 12.20 7.39
C TYR A 94 -13.52 13.05 8.66
N TYR A 95 -12.38 13.19 9.32
CA TYR A 95 -12.29 13.91 10.59
C TYR A 95 -12.85 15.33 10.75
N ARG A 96 -12.94 16.09 9.66
CA ARG A 96 -13.44 17.46 9.79
C ARG A 96 -14.96 17.58 9.66
N ASP A 97 -15.64 16.46 9.50
CA ASP A 97 -17.10 16.46 9.31
C ASP A 97 -18.02 16.45 10.54
N HIS A 98 -17.62 17.04 11.66
CA HIS A 98 -18.51 17.01 12.81
C HIS A 98 -19.77 17.85 12.59
N GLY A 99 -19.71 18.83 11.69
CA GLY A 99 -20.88 19.63 11.41
C GLY A 99 -21.88 18.75 10.67
N LEU A 100 -21.37 17.93 9.77
CA LEU A 100 -22.18 17.00 9.00
C LEU A 100 -22.78 15.97 9.95
N ALA A 101 -21.96 15.46 10.86
CA ALA A 101 -22.40 14.49 11.84
C ALA A 101 -23.58 15.04 12.65
N LEU A 102 -23.45 16.30 13.07
CA LEU A 102 -24.50 16.94 13.86
C LEU A 102 -25.78 17.11 13.05
N ALA A 103 -25.65 17.62 11.83
CA ALA A 103 -26.81 17.84 10.96
C ALA A 103 -27.48 16.52 10.59
N LEU A 104 -26.72 15.44 10.59
CA LEU A 104 -27.24 14.13 10.26
C LEU A 104 -28.11 13.58 11.41
N GLY A 105 -27.92 14.13 12.60
CA GLY A 105 -28.72 13.70 13.73
C GLY A 105 -27.98 12.90 14.80
N ILE A 106 -26.67 12.78 14.69
CA ILE A 106 -25.91 12.05 15.70
C ILE A 106 -25.99 12.86 16.99
N PRO A 107 -26.42 12.24 18.10
CA PRO A 107 -26.55 12.91 19.39
C PRO A 107 -25.26 13.59 19.83
N LEU A 108 -25.37 14.81 20.33
CA LEU A 108 -24.19 15.55 20.78
C LEU A 108 -23.47 14.74 21.86
N LYS A 109 -24.23 13.99 22.62
CA LYS A 109 -23.69 13.14 23.68
C LYS A 109 -22.65 12.19 23.10
N GLU A 110 -22.96 11.62 21.94
CA GLU A 110 -22.06 10.69 21.26
C GLU A 110 -20.88 11.39 20.60
N LEU A 111 -21.12 12.54 20.00
CA LEU A 111 -20.03 13.29 19.35
C LEU A 111 -19.05 13.80 20.39
N LEU A 112 -19.57 14.38 21.46
CA LEU A 112 -18.73 14.90 22.53
C LEU A 112 -18.11 13.78 23.34
N GLY A 113 -18.86 12.68 23.49
CA GLY A 113 -18.34 11.53 24.20
C GLY A 113 -17.09 11.02 23.51
N GLN A 114 -17.09 11.07 22.18
CA GLN A 114 -15.94 10.61 21.40
C GLN A 114 -14.80 11.61 21.54
N MET A 115 -15.14 12.90 21.58
CA MET A 115 -14.12 13.94 21.73
C MET A 115 -13.44 13.83 23.10
N LEU A 116 -14.20 13.40 24.10
CA LEU A 116 -13.70 13.28 25.48
C LEU A 116 -13.28 11.87 25.85
N ALA A 117 -13.55 10.91 24.98
CA ALA A 117 -13.21 9.52 25.22
C ALA A 117 -13.87 8.94 26.48
N THR A 118 -15.14 9.29 26.69
CA THR A 118 -15.87 8.77 27.84
C THR A 118 -16.74 7.62 27.34
N LYS A 119 -17.41 6.93 28.26
CA LYS A 119 -18.26 5.82 27.86
C LYS A 119 -19.46 6.25 27.03
N ALA A 120 -19.61 7.57 26.86
CA ALA A 120 -20.71 8.10 26.05
C ALA A 120 -20.41 7.86 24.57
N ASP A 121 -19.14 7.60 24.28
CA ASP A 121 -18.71 7.36 22.90
C ASP A 121 -19.04 5.93 22.48
N PRO A 122 -19.90 5.77 21.46
CA PRO A 122 -20.24 4.41 21.02
C PRO A 122 -19.02 3.73 20.43
N ASN A 123 -17.99 4.52 20.13
CA ASN A 123 -16.74 3.99 19.57
C ASN A 123 -15.78 3.66 20.71
N LYS A 124 -16.29 3.77 21.94
CA LYS A 124 -15.54 3.43 23.15
C LYS A 124 -14.18 4.09 23.41
N GLY A 125 -14.01 5.34 22.96
CA GLY A 125 -12.75 6.03 23.18
C GLY A 125 -11.55 5.32 22.59
N ARG A 126 -11.78 4.54 21.55
CA ARG A 126 -10.72 3.79 20.88
C ARG A 126 -9.77 4.69 20.10
N GLN A 127 -10.28 5.79 19.55
CA GLN A 127 -9.44 6.68 18.75
C GLN A 127 -9.33 8.08 19.29
N MET A 128 -8.41 8.85 18.73
CA MET A 128 -8.23 10.23 19.16
C MET A 128 -9.47 11.02 18.75
N PRO A 129 -9.63 12.24 19.27
CA PRO A 129 -10.78 13.09 18.94
C PRO A 129 -10.97 13.27 17.44
N GLU A 130 -12.18 13.69 17.06
CA GLU A 130 -12.55 13.93 15.67
C GLU A 130 -12.66 12.63 14.85
N HIS A 131 -12.98 11.53 15.52
CA HIS A 131 -13.17 10.25 14.85
C HIS A 131 -14.51 9.66 15.24
N PRO A 132 -15.61 10.41 15.04
CA PRO A 132 -16.94 9.91 15.39
C PRO A 132 -17.39 8.78 14.45
N GLY A 133 -18.44 8.08 14.86
CA GLY A 133 -18.95 6.98 14.05
C GLY A 133 -20.25 6.52 14.67
N SER A 134 -21.21 6.17 13.84
CA SER A 134 -22.50 5.73 14.34
C SER A 134 -23.16 4.66 13.48
N LYS A 135 -23.43 3.52 14.09
CA LYS A 135 -24.10 2.44 13.38
C LYS A 135 -25.53 2.86 13.09
N ALA A 136 -26.18 3.48 14.08
CA ALA A 136 -27.56 3.92 13.96
C ALA A 136 -27.81 4.83 12.77
N LEU A 137 -26.87 5.74 12.50
CA LEU A 137 -27.03 6.66 11.38
C LEU A 137 -26.14 6.36 10.17
N ASN A 138 -25.66 5.12 10.08
CA ASN A 138 -24.82 4.70 8.97
C ASN A 138 -23.68 5.68 8.68
N PHE A 139 -23.06 6.16 9.75
CA PHE A 139 -21.96 7.12 9.67
C PHE A 139 -20.69 6.28 9.92
N PHE A 140 -20.10 5.77 8.85
CA PHE A 140 -18.92 4.91 8.91
C PHE A 140 -17.80 5.56 9.73
N THR A 141 -17.46 4.93 10.84
CA THR A 141 -16.44 5.47 11.74
C THR A 141 -15.19 5.99 11.03
N VAL A 142 -14.91 7.26 11.25
CA VAL A 142 -13.75 7.94 10.67
C VAL A 142 -12.45 7.17 10.93
N ALA A 143 -11.59 7.13 9.91
CA ALA A 143 -10.29 6.47 10.02
C ALA A 143 -9.29 7.56 9.69
N SER A 144 -8.12 7.53 10.33
CA SER A 144 -7.11 8.57 10.12
C SER A 144 -6.44 8.66 8.74
N PRO A 145 -5.99 7.53 8.18
CA PRO A 145 -5.34 7.62 6.87
C PRO A 145 -6.19 8.30 5.79
N ILE A 146 -5.65 9.39 5.24
CA ILE A 146 -6.31 10.16 4.20
C ILE A 146 -6.79 9.31 3.02
N ALA A 147 -8.07 9.47 2.71
CA ALA A 147 -8.74 8.77 1.61
C ALA A 147 -8.93 7.27 1.77
N SER A 148 -8.51 6.69 2.90
CA SER A 148 -8.65 5.25 3.09
C SER A 148 -10.11 4.79 3.12
N HIS A 149 -11.03 5.73 3.31
CA HIS A 149 -12.45 5.41 3.36
C HIS A 149 -13.13 5.47 2.00
N VAL A 150 -12.39 5.84 0.96
CA VAL A 150 -12.99 5.93 -0.38
C VAL A 150 -13.29 4.55 -0.97
N PRO A 151 -12.32 3.61 -0.94
CA PRO A 151 -12.64 2.30 -1.50
C PRO A 151 -13.81 1.64 -0.74
N PRO A 152 -13.83 1.76 0.60
CA PRO A 152 -14.95 1.14 1.33
C PRO A 152 -16.29 1.76 0.92
N ALA A 153 -16.29 3.06 0.66
CA ALA A 153 -17.52 3.75 0.25
C ALA A 153 -18.01 3.12 -1.05
N ALA A 154 -17.08 2.84 -1.95
CA ALA A 154 -17.41 2.23 -3.23
C ALA A 154 -17.99 0.84 -3.01
N GLY A 155 -17.38 0.08 -2.10
CA GLY A 155 -17.85 -1.27 -1.83
C GLY A 155 -19.24 -1.29 -1.24
N ALA A 156 -19.51 -0.39 -0.30
CA ALA A 156 -20.83 -0.32 0.33
C ALA A 156 -21.88 0.00 -0.73
N ALA A 157 -21.54 0.90 -1.66
CA ALA A 157 -22.46 1.26 -2.73
C ALA A 157 -22.75 0.06 -3.64
N ILE A 158 -21.71 -0.72 -3.93
CA ILE A 158 -21.90 -1.90 -4.77
C ILE A 158 -22.84 -2.88 -4.07
N SER A 159 -22.69 -2.98 -2.75
CA SER A 159 -23.54 -3.87 -1.95
C SER A 159 -24.99 -3.39 -2.05
N MET A 160 -25.19 -2.08 -1.91
CA MET A 160 -26.52 -1.49 -2.00
C MET A 160 -27.16 -1.83 -3.34
N LYS A 161 -26.36 -1.77 -4.40
CA LYS A 161 -26.85 -2.07 -5.73
C LYS A 161 -27.26 -3.53 -5.87
N LEU A 162 -26.37 -4.43 -5.47
CA LEU A 162 -26.64 -5.87 -5.57
C LEU A 162 -27.80 -6.31 -4.69
N LEU A 163 -27.93 -5.73 -3.52
CA LEU A 163 -29.01 -6.09 -2.60
C LEU A 163 -30.30 -5.31 -2.86
N ARG A 164 -30.27 -4.42 -3.84
CA ARG A 164 -31.43 -3.60 -4.21
C ARG A 164 -32.08 -2.88 -3.02
N THR A 165 -31.27 -2.28 -2.17
CA THR A 165 -31.79 -1.55 -1.01
C THR A 165 -32.32 -0.17 -1.37
N GLY A 166 -31.85 0.37 -2.48
CA GLY A 166 -32.28 1.69 -2.89
C GLY A 166 -31.54 2.78 -2.13
N GLN A 167 -30.51 2.39 -1.40
CA GLN A 167 -29.70 3.34 -0.64
C GLN A 167 -28.60 3.92 -1.52
N VAL A 168 -27.97 4.97 -1.01
CA VAL A 168 -26.87 5.62 -1.69
C VAL A 168 -25.80 5.82 -0.63
N ALA A 169 -24.54 5.83 -1.04
CA ALA A 169 -23.45 6.07 -0.11
C ALA A 169 -22.76 7.36 -0.51
N VAL A 170 -22.68 8.31 0.42
CA VAL A 170 -21.98 9.56 0.11
C VAL A 170 -20.64 9.49 0.81
N CYS A 171 -19.61 9.95 0.12
CA CYS A 171 -18.25 9.91 0.63
C CYS A 171 -17.62 11.31 0.57
N THR A 172 -17.25 11.85 1.72
CA THR A 172 -16.66 13.18 1.80
C THR A 172 -15.16 13.14 2.14
N PHE A 173 -14.42 14.11 1.60
CA PHE A 173 -12.99 14.17 1.81
C PHE A 173 -12.50 15.56 1.42
N GLY A 174 -11.27 15.90 1.81
CA GLY A 174 -10.74 17.21 1.48
C GLY A 174 -9.96 17.20 0.17
N ASP A 175 -9.39 18.34 -0.20
CA ASP A 175 -8.63 18.44 -1.44
C ASP A 175 -7.38 17.58 -1.43
N GLY A 176 -6.67 17.55 -0.30
CA GLY A 176 -5.46 16.75 -0.21
C GLY A 176 -5.71 15.29 -0.51
N ALA A 177 -6.86 14.79 -0.06
CA ALA A 177 -7.24 13.40 -0.26
C ALA A 177 -7.26 12.97 -1.73
N THR A 178 -7.57 13.90 -2.62
CA THR A 178 -7.64 13.58 -4.04
C THR A 178 -6.30 13.21 -4.68
N SER A 179 -5.21 13.38 -3.94
CA SER A 179 -3.88 13.03 -4.47
C SER A 179 -3.46 11.60 -4.12
N GLU A 180 -4.21 10.96 -3.22
CA GLU A 180 -3.91 9.59 -2.81
C GLU A 180 -4.36 8.56 -3.85
N GLY A 181 -3.53 7.53 -4.03
CA GLY A 181 -3.86 6.50 -4.99
C GLY A 181 -5.17 5.79 -4.69
N ASP A 182 -5.44 5.54 -3.41
CA ASP A 182 -6.67 4.85 -3.03
C ASP A 182 -7.92 5.67 -3.35
N TRP A 183 -7.78 6.99 -3.41
CA TRP A 183 -8.89 7.87 -3.74
C TRP A 183 -9.30 7.54 -5.18
N TYR A 184 -8.30 7.55 -6.07
CA TYR A 184 -8.52 7.26 -7.48
C TYR A 184 -8.97 5.81 -7.71
N ALA A 185 -8.29 4.87 -7.05
CA ALA A 185 -8.61 3.46 -7.21
C ALA A 185 -10.04 3.13 -6.82
N GLY A 186 -10.48 3.68 -5.69
CA GLY A 186 -11.84 3.41 -5.22
C GLY A 186 -12.92 3.97 -6.13
N ILE A 187 -12.79 5.23 -6.52
CA ILE A 187 -13.78 5.85 -7.39
C ILE A 187 -13.82 5.15 -8.74
N ASN A 188 -12.67 4.74 -9.25
CA ASN A 188 -12.62 4.07 -10.53
C ASN A 188 -13.48 2.79 -10.51
N PHE A 189 -13.36 2.00 -9.45
CA PHE A 189 -14.14 0.77 -9.33
C PHE A 189 -15.62 1.10 -9.23
N ALA A 190 -15.96 2.08 -8.40
CA ALA A 190 -17.37 2.47 -8.24
C ALA A 190 -17.96 2.90 -9.59
N ALA A 191 -17.19 3.64 -10.38
CA ALA A 191 -17.67 4.10 -11.67
C ALA A 191 -17.89 2.95 -12.65
N VAL A 192 -16.94 2.03 -12.70
CA VAL A 192 -17.06 0.89 -13.61
C VAL A 192 -18.29 0.05 -13.27
N GLN A 193 -18.61 -0.05 -11.99
CA GLN A 193 -19.77 -0.83 -11.56
C GLN A 193 -21.07 -0.03 -11.56
N GLY A 194 -20.99 1.26 -11.88
CA GLY A 194 -22.18 2.09 -11.88
C GLY A 194 -22.82 2.05 -10.51
N ALA A 195 -22.00 2.04 -9.48
CA ALA A 195 -22.48 1.98 -8.09
C ALA A 195 -23.08 3.29 -7.62
N PRO A 196 -24.09 3.21 -6.74
CA PRO A 196 -24.76 4.39 -6.19
C PRO A 196 -23.95 5.09 -5.11
N ALA A 197 -22.86 5.73 -5.54
CA ALA A 197 -21.97 6.46 -4.63
C ALA A 197 -21.75 7.88 -5.13
N VAL A 198 -21.75 8.83 -4.21
CA VAL A 198 -21.50 10.23 -4.55
C VAL A 198 -20.24 10.64 -3.79
N PHE A 199 -19.20 11.00 -4.54
CA PHE A 199 -17.95 11.42 -3.95
C PHE A 199 -17.92 12.94 -3.91
N ILE A 200 -17.77 13.47 -2.71
CA ILE A 200 -17.80 14.92 -2.49
C ILE A 200 -16.54 15.50 -1.88
N ALA A 201 -15.95 16.47 -2.56
CA ALA A 201 -14.76 17.12 -2.06
C ALA A 201 -15.11 18.41 -1.34
N GLU A 202 -14.59 18.55 -0.13
CA GLU A 202 -14.78 19.77 0.65
C GLU A 202 -13.43 20.42 0.43
N ASN A 203 -13.30 21.12 -0.69
CA ASN A 203 -12.06 21.77 -1.08
C ASN A 203 -11.82 23.12 -0.41
N ASN A 204 -10.90 23.15 0.56
CA ASN A 204 -10.58 24.39 1.23
C ASN A 204 -9.23 24.93 0.75
N PHE A 205 -8.75 24.38 -0.36
CA PHE A 205 -7.50 24.82 -0.98
C PHE A 205 -6.20 24.57 -0.22
N TYR A 206 -6.28 23.78 0.85
CA TYR A 206 -5.10 23.47 1.67
C TYR A 206 -5.17 22.06 2.25
N ALA A 207 -4.00 21.45 2.39
CA ALA A 207 -3.86 20.12 3.00
C ALA A 207 -2.83 20.46 4.08
N ILE A 208 -3.33 20.93 5.22
CA ILE A 208 -2.52 21.41 6.33
C ILE A 208 -1.87 22.69 5.80
N SER A 209 -0.64 22.61 5.29
CA SER A 209 0.05 23.79 4.77
C SER A 209 0.30 23.75 3.26
N VAL A 210 0.12 22.59 2.65
CA VAL A 210 0.33 22.45 1.22
C VAL A 210 -0.88 23.03 0.46
N ASP A 211 -0.66 24.07 -0.34
CA ASP A 211 -1.77 24.68 -1.08
C ASP A 211 -2.18 23.88 -2.32
N TYR A 212 -3.37 24.17 -2.82
CA TYR A 212 -3.91 23.47 -3.98
C TYR A 212 -2.92 23.37 -5.14
N ARG A 213 -2.25 24.46 -5.44
CA ARG A 213 -1.29 24.51 -6.55
C ARG A 213 -0.17 23.47 -6.43
N HIS A 214 0.24 23.15 -5.20
CA HIS A 214 1.30 22.16 -5.00
C HIS A 214 0.69 20.78 -4.73
N GLN A 215 -0.63 20.72 -4.73
CA GLN A 215 -1.35 19.47 -4.48
C GLN A 215 -1.63 18.71 -5.78
N THR A 216 -2.09 19.43 -6.79
CA THR A 216 -2.38 18.80 -8.06
C THR A 216 -2.32 19.82 -9.18
N HIS A 217 -2.10 19.35 -10.40
CA HIS A 217 -1.99 20.21 -11.56
C HIS A 217 -3.31 20.43 -12.31
N SER A 218 -4.35 19.66 -11.99
CA SER A 218 -5.62 19.84 -12.65
C SER A 218 -6.21 21.14 -12.10
N PRO A 219 -6.73 22.02 -12.98
CA PRO A 219 -7.31 23.29 -12.52
C PRO A 219 -8.34 23.14 -11.41
N THR A 220 -9.12 22.07 -11.44
CA THR A 220 -10.14 21.83 -10.42
C THR A 220 -10.16 20.36 -10.05
N ILE A 221 -10.88 20.03 -8.99
CA ILE A 221 -11.01 18.64 -8.58
C ILE A 221 -12.11 18.02 -9.45
N ALA A 222 -13.11 18.84 -9.80
CA ALA A 222 -14.21 18.36 -10.63
C ALA A 222 -13.67 17.77 -11.94
N ASP A 223 -12.64 18.38 -12.50
CA ASP A 223 -12.05 17.90 -13.75
C ASP A 223 -11.57 16.47 -13.65
N LYS A 224 -11.21 16.03 -12.45
CA LYS A 224 -10.73 14.66 -12.25
C LYS A 224 -11.80 13.62 -12.62
N ALA A 225 -13.07 14.03 -12.62
CA ALA A 225 -14.14 13.10 -12.97
C ALA A 225 -13.96 12.52 -14.37
N HIS A 226 -13.27 13.25 -15.24
CA HIS A 226 -13.02 12.79 -16.60
C HIS A 226 -12.26 11.47 -16.61
N ALA A 227 -11.44 11.26 -15.58
CA ALA A 227 -10.65 10.04 -15.49
C ALA A 227 -11.49 8.80 -15.20
N PHE A 228 -12.75 9.01 -14.81
CA PHE A 228 -13.65 7.90 -14.49
C PHE A 228 -14.84 7.83 -15.43
N GLY A 229 -14.99 8.83 -16.29
CA GLY A 229 -16.10 8.84 -17.20
C GLY A 229 -17.40 9.16 -16.48
N ILE A 230 -17.32 9.85 -15.35
CA ILE A 230 -18.51 10.22 -14.59
C ILE A 230 -18.65 11.73 -14.57
N PRO A 231 -19.85 12.23 -14.25
CA PRO A 231 -20.01 13.69 -14.22
C PRO A 231 -19.27 14.35 -13.06
N GLY A 232 -18.69 15.52 -13.33
CA GLY A 232 -17.97 16.27 -12.32
C GLY A 232 -18.62 17.64 -12.20
N TYR A 233 -18.79 18.11 -10.97
CA TYR A 233 -19.42 19.41 -10.73
C TYR A 233 -18.58 20.34 -9.88
N LEU A 234 -18.46 21.60 -10.30
CA LEU A 234 -17.73 22.61 -9.56
C LEU A 234 -18.80 23.47 -8.91
N VAL A 235 -18.83 23.50 -7.59
CA VAL A 235 -19.86 24.22 -6.85
C VAL A 235 -19.34 25.20 -5.80
N ASP A 236 -20.10 26.26 -5.56
CA ASP A 236 -19.75 27.26 -4.54
C ASP A 236 -20.15 26.63 -3.21
N GLY A 237 -19.17 26.08 -2.50
CA GLY A 237 -19.44 25.43 -1.22
C GLY A 237 -19.85 26.34 -0.08
N MET A 238 -19.91 27.64 -0.33
CA MET A 238 -20.31 28.58 0.71
C MET A 238 -21.79 28.93 0.47
N ASP A 239 -22.35 28.33 -0.57
CA ASP A 239 -23.74 28.52 -0.95
C ASP A 239 -24.49 27.25 -0.55
N VAL A 240 -25.24 27.30 0.55
CA VAL A 240 -25.94 26.10 1.02
C VAL A 240 -26.97 25.55 0.04
N LEU A 241 -27.61 26.42 -0.74
CA LEU A 241 -28.61 25.94 -1.70
C LEU A 241 -27.94 25.28 -2.90
N ALA A 242 -26.86 25.89 -3.39
CA ALA A 242 -26.15 25.32 -4.52
C ALA A 242 -25.59 23.97 -4.12
N SER A 243 -25.00 23.90 -2.92
CA SER A 243 -24.42 22.65 -2.43
C SER A 243 -25.50 21.58 -2.28
N TYR A 244 -26.62 21.96 -1.68
CA TYR A 244 -27.72 21.02 -1.47
C TYR A 244 -28.29 20.45 -2.78
N TYR A 245 -28.67 21.34 -3.69
CA TYR A 245 -29.26 20.90 -4.95
C TYR A 245 -28.33 20.10 -5.86
N VAL A 246 -27.05 20.48 -5.92
CA VAL A 246 -26.12 19.73 -6.77
C VAL A 246 -25.88 18.34 -6.19
N VAL A 247 -25.67 18.26 -4.88
CA VAL A 247 -25.44 16.97 -4.25
C VAL A 247 -26.70 16.11 -4.34
N LYS A 248 -27.86 16.72 -4.10
CA LYS A 248 -29.13 16.02 -4.17
C LYS A 248 -29.33 15.41 -5.57
N GLU A 249 -29.00 16.17 -6.61
CA GLU A 249 -29.14 15.67 -7.97
C GLU A 249 -28.23 14.46 -8.19
N ALA A 250 -27.02 14.52 -7.64
CA ALA A 250 -26.07 13.42 -7.76
C ALA A 250 -26.60 12.20 -7.01
N VAL A 251 -27.22 12.44 -5.85
CA VAL A 251 -27.80 11.37 -5.05
C VAL A 251 -28.96 10.71 -5.82
N GLU A 252 -29.80 11.52 -6.45
CA GLU A 252 -30.93 10.99 -7.21
C GLU A 252 -30.42 10.19 -8.40
N ARG A 253 -29.35 10.68 -9.02
CA ARG A 253 -28.75 9.99 -10.17
C ARG A 253 -28.27 8.61 -9.73
N ALA A 254 -27.60 8.56 -8.58
CA ALA A 254 -27.09 7.31 -8.05
C ALA A 254 -28.25 6.37 -7.69
N ARG A 255 -29.26 6.94 -7.06
CA ARG A 255 -30.41 6.16 -6.64
C ARG A 255 -31.17 5.53 -7.81
N ARG A 256 -31.17 6.19 -8.97
CA ARG A 256 -31.88 5.61 -10.11
C ARG A 256 -30.99 4.66 -10.92
N GLY A 257 -29.79 4.40 -10.42
CA GLY A 257 -28.88 3.49 -11.08
C GLY A 257 -27.99 4.04 -12.17
N GLU A 258 -27.81 5.36 -12.22
CA GLU A 258 -26.98 5.97 -13.24
C GLU A 258 -25.51 6.10 -12.86
N GLY A 259 -25.13 5.54 -11.72
CA GLY A 259 -23.73 5.60 -11.32
C GLY A 259 -23.33 6.79 -10.47
N PRO A 260 -22.04 6.84 -10.08
CA PRO A 260 -21.50 7.92 -9.25
C PRO A 260 -21.25 9.27 -9.91
N SER A 261 -20.95 10.25 -9.07
CA SER A 261 -20.65 11.61 -9.51
C SER A 261 -19.55 12.13 -8.59
N LEU A 262 -18.83 13.15 -9.04
CA LEU A 262 -17.79 13.77 -8.24
C LEU A 262 -18.22 15.23 -8.12
N VAL A 263 -18.52 15.65 -6.89
CA VAL A 263 -18.96 17.01 -6.63
C VAL A 263 -17.92 17.78 -5.82
N GLU A 264 -17.42 18.88 -6.39
CA GLU A 264 -16.44 19.70 -5.69
C GLU A 264 -17.13 20.92 -5.06
N LEU A 265 -17.07 20.99 -3.74
CA LEU A 265 -17.66 22.11 -3.00
C LEU A 265 -16.53 23.00 -2.51
N ARG A 266 -16.39 24.16 -3.13
CA ARG A 266 -15.34 25.09 -2.73
C ARG A 266 -15.73 25.82 -1.47
N VAL A 267 -14.96 25.60 -0.41
CA VAL A 267 -15.22 26.23 0.87
C VAL A 267 -13.90 26.82 1.35
N TYR A 268 -13.87 27.27 2.60
CA TYR A 268 -12.64 27.81 3.16
C TYR A 268 -12.56 27.37 4.62
N ARG A 269 -11.33 27.09 5.06
CA ARG A 269 -11.09 26.66 6.43
C ARG A 269 -10.73 27.92 7.22
N TYR A 270 -11.69 28.46 7.97
CA TYR A 270 -11.43 29.67 8.75
C TYR A 270 -10.41 29.47 9.86
N GLY A 271 -10.48 28.33 10.54
CA GLY A 271 -9.55 28.06 11.62
C GLY A 271 -8.27 27.42 11.11
N PRO A 272 -7.33 27.09 12.00
CA PRO A 272 -6.08 26.47 11.54
C PRO A 272 -6.41 25.04 11.12
N HIS A 273 -5.44 24.34 10.55
CA HIS A 273 -5.69 22.96 10.14
C HIS A 273 -6.24 22.17 11.32
N SER A 274 -5.59 22.31 12.47
CA SER A 274 -5.99 21.63 13.69
C SER A 274 -5.38 22.32 14.90
N SER A 275 -5.77 21.87 16.09
CA SER A 275 -5.25 22.45 17.34
C SER A 275 -3.74 22.24 17.46
N ALA A 276 -3.19 21.39 16.60
CA ALA A 276 -1.75 21.11 16.62
C ALA A 276 -1.04 21.93 15.55
N ASP A 277 -1.80 22.74 14.81
CA ASP A 277 -1.26 23.55 13.72
C ASP A 277 -1.34 25.06 14.01
N ASP A 278 -0.91 25.85 13.04
CA ASP A 278 -0.91 27.31 13.12
C ASP A 278 -1.05 27.87 11.70
N ASP A 279 -2.29 28.18 11.30
CA ASP A 279 -2.60 28.70 9.98
C ASP A 279 -2.02 30.08 9.70
N SER A 280 -2.00 30.93 10.72
CA SER A 280 -1.47 32.29 10.57
C SER A 280 0.04 32.31 10.37
N ARG A 281 0.56 31.27 9.72
CA ARG A 281 1.99 31.16 9.46
C ARG A 281 2.27 30.94 7.98
N TYR A 282 1.36 30.26 7.28
CA TYR A 282 1.55 29.96 5.87
C TYR A 282 0.44 30.49 4.96
N ARG A 283 -0.52 31.20 5.54
CA ARG A 283 -1.62 31.78 4.76
C ARG A 283 -1.67 33.29 4.91
N PRO A 284 -1.78 34.01 3.78
CA PRO A 284 -1.83 35.48 3.80
C PRO A 284 -3.13 35.97 4.45
N LYS A 285 -2.98 36.81 5.47
CA LYS A 285 -4.14 37.37 6.18
C LYS A 285 -5.20 37.93 5.24
N GLU A 286 -4.74 38.46 4.10
CA GLU A 286 -5.63 39.04 3.10
C GLU A 286 -6.54 37.97 2.48
N GLU A 287 -6.03 36.75 2.38
CA GLU A 287 -6.80 35.64 1.80
C GLU A 287 -7.88 35.21 2.79
N VAL A 288 -7.49 35.02 4.05
CA VAL A 288 -8.41 34.61 5.09
C VAL A 288 -9.53 35.62 5.26
N ALA A 289 -9.16 36.90 5.32
CA ALA A 289 -10.13 37.98 5.47
C ALA A 289 -11.10 37.98 4.30
N PHE A 290 -10.57 37.84 3.10
CA PHE A 290 -11.38 37.81 1.89
C PHE A 290 -12.45 36.73 1.94
N TRP A 291 -12.07 35.52 2.34
CA TRP A 291 -13.02 34.43 2.42
C TRP A 291 -13.94 34.51 3.64
N ARG A 292 -13.52 35.28 4.65
CA ARG A 292 -14.33 35.45 5.84
C ARG A 292 -15.61 36.19 5.45
N LYS A 293 -15.49 37.08 4.47
CA LYS A 293 -16.63 37.86 4.00
C LYS A 293 -17.59 36.96 3.22
N LYS A 294 -17.17 35.73 2.95
CA LYS A 294 -17.99 34.78 2.21
C LYS A 294 -18.67 33.76 3.13
N ASP A 295 -18.66 34.06 4.43
CA ASP A 295 -19.27 33.19 5.42
C ASP A 295 -20.65 32.74 4.92
N PRO A 296 -20.86 31.42 4.83
CA PRO A 296 -22.14 30.88 4.36
C PRO A 296 -23.35 31.23 5.22
N ILE A 297 -23.11 31.48 6.51
CA ILE A 297 -24.20 31.79 7.42
C ILE A 297 -24.88 33.12 7.10
N PRO A 298 -24.11 34.23 7.08
CA PRO A 298 -24.74 35.53 6.77
C PRO A 298 -25.33 35.54 5.37
N ARG A 299 -24.70 34.78 4.47
CA ARG A 299 -25.16 34.72 3.09
C ARG A 299 -26.55 34.12 2.98
N PHE A 300 -26.78 33.00 3.66
CA PHE A 300 -28.09 32.37 3.59
C PHE A 300 -29.08 33.15 4.45
N ARG A 301 -28.59 33.81 5.50
CA ARG A 301 -29.48 34.60 6.35
C ARG A 301 -30.15 35.66 5.48
N ARG A 302 -29.35 36.33 4.65
CA ARG A 302 -29.86 37.37 3.78
C ARG A 302 -30.91 36.81 2.82
N PHE A 303 -30.70 35.58 2.36
CA PHE A 303 -31.64 34.94 1.45
C PHE A 303 -32.99 34.74 2.13
N LEU A 304 -32.96 34.32 3.40
CA LEU A 304 -34.18 34.09 4.16
C LEU A 304 -34.83 35.42 4.52
N GLU A 305 -34.02 36.36 4.98
CA GLU A 305 -34.50 37.68 5.38
C GLU A 305 -35.21 38.41 4.24
N ALA A 306 -34.70 38.24 3.02
CA ALA A 306 -35.28 38.89 1.86
C ALA A 306 -36.64 38.32 1.49
N ARG A 307 -37.01 37.23 2.15
CA ARG A 307 -38.29 36.59 1.88
C ARG A 307 -39.17 36.48 3.13
N GLY A 308 -38.85 37.27 4.15
CA GLY A 308 -39.61 37.25 5.38
C GLY A 308 -39.55 35.93 6.12
N LEU A 309 -38.46 35.19 5.89
CA LEU A 309 -38.28 33.88 6.52
C LEU A 309 -37.23 33.90 7.63
N TRP A 310 -36.85 35.10 8.05
CA TRP A 310 -35.88 35.27 9.11
C TRP A 310 -36.03 36.64 9.78
N ASN A 311 -35.79 36.68 11.07
CA ASN A 311 -35.83 37.93 11.85
C ASN A 311 -34.94 37.74 13.07
N GLU A 312 -34.55 38.83 13.69
CA GLU A 312 -33.67 38.78 14.86
C GLU A 312 -34.19 37.94 16.02
N GLU A 313 -35.48 38.04 16.28
CA GLU A 313 -36.09 37.29 17.38
C GLU A 313 -35.90 35.78 17.20
N TRP A 314 -36.18 35.29 16.00
CA TRP A 314 -36.02 33.86 15.71
C TRP A 314 -34.55 33.50 15.86
N GLU A 315 -33.67 34.34 15.32
CA GLU A 315 -32.24 34.13 15.39
C GLU A 315 -31.82 33.86 16.83
N GLU A 316 -32.23 34.75 17.74
CA GLU A 316 -31.90 34.62 19.15
C GLU A 316 -32.48 33.36 19.77
N ASP A 317 -33.74 33.07 19.44
CA ASP A 317 -34.40 31.87 19.95
C ASP A 317 -33.64 30.61 19.55
N VAL A 318 -33.29 30.53 18.27
CA VAL A 318 -32.56 29.38 17.76
C VAL A 318 -31.21 29.21 18.46
N ARG A 319 -30.47 30.32 18.61
CA ARG A 319 -29.17 30.28 19.26
C ARG A 319 -29.23 29.83 20.72
N GLU A 320 -30.23 30.30 21.46
CA GLU A 320 -30.36 29.92 22.85
C GLU A 320 -30.70 28.44 22.96
N GLU A 321 -31.51 27.94 22.02
CA GLU A 321 -31.88 26.52 22.02
C GLU A 321 -30.65 25.67 21.72
N ILE A 322 -29.79 26.15 20.83
CA ILE A 322 -28.58 25.43 20.47
C ILE A 322 -27.59 25.39 21.63
N ARG A 323 -27.33 26.53 22.26
CA ARG A 323 -26.38 26.53 23.37
C ARG A 323 -26.87 25.65 24.50
N ALA A 324 -28.18 25.51 24.64
CA ALA A 324 -28.76 24.67 25.69
C ALA A 324 -28.48 23.21 25.31
N GLU A 325 -28.65 22.88 24.04
CA GLU A 325 -28.42 21.52 23.56
C GLU A 325 -26.95 21.16 23.75
N LEU A 326 -26.06 22.12 23.48
CA LEU A 326 -24.63 21.90 23.64
C LEU A 326 -24.28 21.62 25.11
N GLU A 327 -24.83 22.43 26.00
CA GLU A 327 -24.58 22.27 27.43
C GLU A 327 -25.08 20.92 27.92
N ARG A 328 -26.27 20.54 27.47
CA ARG A 328 -26.84 19.25 27.87
C ARG A 328 -26.02 18.10 27.30
N GLY A 329 -25.61 18.24 26.04
CA GLY A 329 -24.83 17.20 25.39
C GLY A 329 -23.48 16.98 26.08
N LEU A 330 -22.81 18.07 26.43
CA LEU A 330 -21.52 17.99 27.09
C LEU A 330 -21.69 17.38 28.49
N LYS A 331 -22.74 17.78 29.19
CA LYS A 331 -22.99 17.26 30.52
C LYS A 331 -23.16 15.74 30.48
N GLU A 332 -23.99 15.27 29.54
CA GLU A 332 -24.23 13.84 29.40
C GLU A 332 -22.95 13.08 29.06
N ALA A 333 -22.15 13.65 28.16
CA ALA A 333 -20.90 13.03 27.74
C ALA A 333 -19.96 12.85 28.94
N GLU A 334 -19.82 13.90 29.73
CA GLU A 334 -18.95 13.89 30.90
C GLU A 334 -19.44 12.94 32.00
N GLU A 335 -20.73 12.98 32.29
CA GLU A 335 -21.28 12.14 33.34
C GLU A 335 -21.19 10.64 33.03
N ALA A 336 -20.95 10.31 31.76
CA ALA A 336 -20.85 8.91 31.34
C ALA A 336 -19.71 8.17 32.05
N GLY A 337 -18.65 8.89 32.37
CA GLY A 337 -17.53 8.26 33.05
C GLY A 337 -16.44 7.75 32.11
N PRO A 338 -15.22 7.52 32.64
CA PRO A 338 -14.08 7.04 31.85
C PRO A 338 -14.32 5.62 31.32
N VAL A 339 -13.66 5.29 30.22
CA VAL A 339 -13.80 3.96 29.66
C VAL A 339 -12.86 3.03 30.44
N PRO A 340 -13.32 1.81 30.76
CA PRO A 340 -12.51 0.84 31.51
C PRO A 340 -11.20 0.49 30.79
N PRO A 341 -10.14 0.19 31.56
CA PRO A 341 -8.85 -0.17 30.96
C PRO A 341 -8.97 -1.46 30.15
N GLU A 342 -9.77 -2.39 30.65
CA GLU A 342 -9.97 -3.69 30.00
C GLU A 342 -10.54 -3.57 28.58
N TRP A 343 -11.28 -2.51 28.31
CA TRP A 343 -11.88 -2.32 26.99
C TRP A 343 -10.82 -2.29 25.89
N MET A 344 -9.57 -2.08 26.27
CA MET A 344 -8.46 -2.04 25.33
C MET A 344 -8.32 -3.36 24.58
N PHE A 345 -8.82 -4.44 25.19
CA PHE A 345 -8.73 -5.77 24.60
C PHE A 345 -10.02 -6.25 23.92
N GLU A 346 -11.07 -5.46 24.02
CA GLU A 346 -12.36 -5.80 23.44
C GLU A 346 -12.47 -5.30 22.00
N ASP A 347 -13.25 -6.03 21.19
CA ASP A 347 -13.51 -5.69 19.80
C ASP A 347 -12.36 -5.80 18.78
N VAL A 348 -11.26 -6.43 19.15
CA VAL A 348 -10.18 -6.62 18.19
C VAL A 348 -10.77 -7.66 17.24
N PHE A 349 -11.43 -8.66 17.83
CA PHE A 349 -12.11 -9.73 17.12
C PHE A 349 -13.46 -9.82 17.81
N ALA A 350 -14.38 -10.63 17.28
CA ALA A 350 -15.69 -10.77 17.91
C ALA A 350 -15.49 -11.28 19.34
N GLU A 351 -14.56 -12.23 19.49
CA GLU A 351 -14.25 -12.79 20.80
C GLU A 351 -12.74 -12.76 21.01
N LYS A 352 -12.30 -12.58 22.25
CA LYS A 352 -10.87 -12.54 22.55
C LYS A 352 -10.19 -13.90 22.46
N PRO A 353 -9.13 -14.00 21.64
CA PRO A 353 -8.39 -15.26 21.49
C PRO A 353 -7.50 -15.48 22.71
N TRP A 354 -6.82 -16.63 22.76
CA TRP A 354 -5.97 -16.95 23.89
C TRP A 354 -4.92 -15.88 24.22
N HIS A 355 -4.24 -15.37 23.19
CA HIS A 355 -3.20 -14.37 23.44
C HIS A 355 -3.72 -13.06 24.03
N LEU A 356 -4.92 -12.65 23.66
CA LEU A 356 -5.47 -11.41 24.20
C LEU A 356 -5.93 -11.64 25.63
N LEU A 357 -6.45 -12.83 25.91
CA LEU A 357 -6.90 -13.17 27.25
C LEU A 357 -5.67 -13.15 28.18
N ARG A 358 -4.56 -13.70 27.70
CA ARG A 358 -3.34 -13.72 28.48
C ARG A 358 -2.80 -12.31 28.70
N GLN A 359 -2.85 -11.51 27.64
CA GLN A 359 -2.37 -10.13 27.73
C GLN A 359 -3.25 -9.30 28.65
N GLU A 360 -4.55 -9.59 28.66
CA GLU A 360 -5.47 -8.85 29.53
C GLU A 360 -5.20 -9.18 31.00
N ALA A 361 -4.90 -10.45 31.26
CA ALA A 361 -4.61 -10.89 32.62
C ALA A 361 -3.32 -10.24 33.10
N LEU A 362 -2.36 -10.10 32.19
CA LEU A 362 -1.09 -9.47 32.53
C LEU A 362 -1.30 -8.03 32.96
N LEU A 363 -2.04 -7.28 32.14
CA LEU A 363 -2.30 -5.88 32.45
C LEU A 363 -2.99 -5.74 33.81
N LYS A 364 -3.91 -6.66 34.10
CA LYS A 364 -4.63 -6.64 35.36
C LYS A 364 -3.70 -6.74 36.57
N GLU A 365 -2.54 -7.39 36.38
CA GLU A 365 -1.58 -7.53 37.47
C GLU A 365 -1.11 -6.14 37.89
N GLU A 366 -0.95 -5.28 36.89
CA GLU A 366 -0.46 -3.92 37.08
C GLU A 366 -1.54 -2.93 37.57
N LEU A 367 -2.80 -3.29 37.39
CA LEU A 367 -3.90 -2.41 37.80
C LEU A 367 -4.23 -2.60 39.28
N ALA B 2 -15.08 -37.57 -2.24
CA ALA B 2 -14.41 -37.88 -3.54
C ALA B 2 -12.95 -37.40 -3.53
N LEU B 3 -12.16 -37.96 -4.43
CA LEU B 3 -10.75 -37.57 -4.53
C LEU B 3 -10.66 -36.27 -5.33
N MET B 4 -10.00 -35.27 -4.79
CA MET B 4 -9.87 -34.02 -5.50
C MET B 4 -8.61 -33.26 -5.11
N THR B 5 -8.21 -32.33 -5.98
CA THR B 5 -7.04 -31.51 -5.76
C THR B 5 -7.43 -30.34 -4.86
N MET B 6 -6.45 -29.54 -4.45
CA MET B 6 -6.75 -28.40 -3.61
C MET B 6 -7.65 -27.42 -4.37
N VAL B 7 -7.35 -27.20 -5.64
CA VAL B 7 -8.14 -26.30 -6.47
C VAL B 7 -9.60 -26.75 -6.50
N GLN B 8 -9.82 -28.04 -6.71
CA GLN B 8 -11.18 -28.58 -6.76
C GLN B 8 -11.87 -28.44 -5.40
N ALA B 9 -11.13 -28.66 -4.33
CA ALA B 9 -11.68 -28.54 -2.98
C ALA B 9 -12.09 -27.09 -2.67
N LEU B 10 -11.23 -26.16 -3.06
CA LEU B 10 -11.50 -24.74 -2.84
C LEU B 10 -12.71 -24.31 -3.66
N ASN B 11 -12.75 -24.76 -4.91
CA ASN B 11 -13.84 -24.44 -5.81
C ASN B 11 -15.15 -24.98 -5.25
N ARG B 12 -15.10 -26.19 -4.69
CA ARG B 12 -16.28 -26.81 -4.11
C ARG B 12 -16.77 -26.02 -2.90
N ALA B 13 -15.82 -25.57 -2.07
CA ALA B 13 -16.16 -24.80 -0.89
C ALA B 13 -16.89 -23.51 -1.28
N LEU B 14 -16.38 -22.82 -2.28
CA LEU B 14 -16.99 -21.59 -2.74
C LEU B 14 -18.40 -21.85 -3.29
N ASP B 15 -18.51 -22.87 -4.13
CA ASP B 15 -19.80 -23.23 -4.73
C ASP B 15 -20.83 -23.50 -3.64
N GLU B 16 -20.45 -24.32 -2.67
CA GLU B 16 -21.34 -24.69 -1.57
C GLU B 16 -21.80 -23.50 -0.74
N GLU B 17 -20.87 -22.65 -0.34
CA GLU B 17 -21.21 -21.48 0.46
C GLU B 17 -22.07 -20.50 -0.32
N MET B 18 -21.84 -20.37 -1.62
CA MET B 18 -22.63 -19.46 -2.44
C MET B 18 -24.04 -20.02 -2.64
N ALA B 19 -24.16 -21.33 -2.70
CA ALA B 19 -25.47 -21.95 -2.86
C ALA B 19 -26.27 -21.74 -1.58
N LYS B 20 -25.58 -21.79 -0.44
CA LYS B 20 -26.21 -21.62 0.88
C LYS B 20 -26.59 -20.19 1.26
N ASP B 21 -25.76 -19.24 0.86
CA ASP B 21 -26.00 -17.83 1.22
C ASP B 21 -25.86 -16.89 0.03
N PRO B 22 -26.95 -16.21 -0.37
CA PRO B 22 -26.96 -15.28 -1.48
C PRO B 22 -25.97 -14.12 -1.30
N ARG B 23 -25.68 -13.82 -0.03
CA ARG B 23 -24.76 -12.74 0.31
C ARG B 23 -23.30 -13.03 -0.06
N VAL B 24 -22.96 -14.30 -0.23
CA VAL B 24 -21.59 -14.64 -0.59
C VAL B 24 -21.28 -14.28 -2.03
N VAL B 25 -20.30 -13.41 -2.22
CA VAL B 25 -19.90 -12.97 -3.54
C VAL B 25 -18.39 -13.07 -3.71
N VAL B 26 -17.95 -13.33 -4.93
CA VAL B 26 -16.53 -13.44 -5.22
C VAL B 26 -16.11 -12.27 -6.10
N LEU B 27 -14.97 -11.66 -5.79
CA LEU B 27 -14.48 -10.54 -6.59
C LEU B 27 -12.96 -10.54 -6.67
N GLY B 28 -12.45 -10.11 -7.81
CA GLY B 28 -11.03 -10.06 -7.99
C GLY B 28 -10.68 -10.00 -9.46
N GLU B 29 -9.38 -9.97 -9.76
CA GLU B 29 -8.94 -9.91 -11.14
C GLU B 29 -9.04 -11.28 -11.80
N ASP B 30 -9.75 -11.33 -12.93
CA ASP B 30 -9.89 -12.55 -13.71
C ASP B 30 -10.58 -13.74 -13.04
N VAL B 31 -11.48 -13.48 -12.10
CA VAL B 31 -12.17 -14.57 -11.40
C VAL B 31 -13.45 -15.00 -12.12
N GLY B 32 -13.92 -14.17 -13.05
CA GLY B 32 -15.14 -14.46 -13.77
C GLY B 32 -15.06 -15.44 -14.91
N LYS B 33 -15.27 -14.96 -16.12
CA LYS B 33 -15.24 -15.81 -17.30
C LYS B 33 -13.98 -16.68 -17.37
N ARG B 34 -12.84 -16.12 -16.97
CA ARG B 34 -11.57 -16.85 -17.01
C ARG B 34 -11.56 -17.99 -15.99
N GLY B 35 -12.37 -17.86 -14.95
CA GLY B 35 -12.44 -18.89 -13.92
C GLY B 35 -11.25 -18.84 -12.98
N GLY B 36 -10.50 -17.74 -13.02
CA GLY B 36 -9.33 -17.60 -12.16
C GLY B 36 -8.06 -18.08 -12.83
N VAL B 37 -6.94 -17.41 -12.58
CA VAL B 37 -5.70 -17.82 -13.21
C VAL B 37 -5.23 -19.20 -12.72
N PHE B 38 -5.83 -19.68 -11.64
CA PHE B 38 -5.51 -21.00 -11.12
C PHE B 38 -6.77 -21.88 -11.09
N LEU B 39 -7.81 -21.41 -11.77
CA LEU B 39 -9.09 -22.10 -11.91
C LEU B 39 -9.88 -22.34 -10.63
N VAL B 40 -9.52 -21.65 -9.56
CA VAL B 40 -10.22 -21.83 -8.29
C VAL B 40 -11.70 -21.42 -8.36
N THR B 41 -12.01 -20.42 -9.18
CA THR B 41 -13.38 -19.94 -9.30
C THR B 41 -14.06 -20.40 -10.59
N GLU B 42 -13.46 -21.39 -11.26
CA GLU B 42 -14.00 -21.89 -12.52
C GLU B 42 -15.46 -22.30 -12.40
N GLY B 43 -16.27 -21.85 -13.36
CA GLY B 43 -17.68 -22.19 -13.40
C GLY B 43 -18.62 -21.42 -12.48
N LEU B 44 -18.10 -20.67 -11.53
CA LEU B 44 -18.96 -19.95 -10.61
C LEU B 44 -19.75 -18.82 -11.28
N LEU B 45 -19.12 -18.10 -12.19
CA LEU B 45 -19.80 -17.01 -12.89
C LEU B 45 -20.97 -17.57 -13.68
N GLN B 46 -20.72 -18.63 -14.44
CA GLN B 46 -21.75 -19.27 -15.24
C GLN B 46 -22.94 -19.71 -14.39
N LYS B 47 -22.66 -20.17 -13.18
CA LYS B 47 -23.70 -20.64 -12.29
C LYS B 47 -24.41 -19.58 -11.46
N TYR B 48 -23.66 -18.61 -10.95
CA TYR B 48 -24.25 -17.58 -10.09
C TYR B 48 -24.45 -16.18 -10.69
N GLY B 49 -23.89 -15.92 -11.87
CA GLY B 49 -24.07 -14.62 -12.50
C GLY B 49 -23.01 -13.59 -12.16
N PRO B 50 -22.90 -12.55 -12.99
CA PRO B 50 -21.92 -11.47 -12.81
C PRO B 50 -22.09 -10.60 -11.56
N ASP B 51 -23.27 -10.66 -10.94
CA ASP B 51 -23.49 -9.88 -9.73
C ASP B 51 -23.01 -10.62 -8.48
N ARG B 52 -22.45 -11.81 -8.67
CA ARG B 52 -21.95 -12.58 -7.53
C ARG B 52 -20.52 -13.04 -7.73
N VAL B 53 -20.07 -12.97 -8.98
CA VAL B 53 -18.70 -13.34 -9.34
C VAL B 53 -18.28 -12.19 -10.23
N MET B 54 -17.57 -11.22 -9.68
CA MET B 54 -17.19 -10.08 -10.49
C MET B 54 -15.72 -9.80 -10.73
N ASP B 55 -15.39 -9.64 -12.00
CA ASP B 55 -14.04 -9.30 -12.39
C ASP B 55 -13.92 -7.84 -11.98
N THR B 56 -12.79 -7.48 -11.41
CA THR B 56 -12.59 -6.12 -10.97
C THR B 56 -11.47 -5.45 -11.75
N PRO B 57 -11.36 -4.11 -11.61
CA PRO B 57 -10.29 -3.40 -12.30
C PRO B 57 -9.01 -3.92 -11.63
N LEU B 58 -7.86 -3.60 -12.21
CA LEU B 58 -6.59 -4.06 -11.65
C LEU B 58 -6.13 -3.15 -10.51
N SER B 59 -6.74 -3.31 -9.34
CA SER B 59 -6.39 -2.50 -8.17
C SER B 59 -6.65 -3.26 -6.89
N GLU B 60 -5.59 -3.60 -6.17
CA GLU B 60 -5.74 -4.33 -4.92
C GLU B 60 -6.36 -3.45 -3.82
N ALA B 61 -6.16 -2.14 -3.92
CA ALA B 61 -6.76 -1.23 -2.94
C ALA B 61 -8.27 -1.25 -3.18
N ALA B 62 -8.68 -1.22 -4.44
CA ALA B 62 -10.09 -1.25 -4.78
C ALA B 62 -10.70 -2.59 -4.35
N ILE B 63 -9.99 -3.68 -4.61
CA ILE B 63 -10.48 -5.01 -4.24
C ILE B 63 -10.67 -5.18 -2.74
N VAL B 64 -9.60 -4.97 -1.97
CA VAL B 64 -9.66 -5.12 -0.53
C VAL B 64 -10.61 -4.11 0.14
N GLY B 65 -10.49 -2.84 -0.25
CA GLY B 65 -11.34 -1.81 0.33
C GLY B 65 -12.81 -1.96 -0.01
N ALA B 66 -13.12 -2.27 -1.27
CA ALA B 66 -14.51 -2.45 -1.67
C ALA B 66 -15.08 -3.66 -0.92
N ALA B 67 -14.27 -4.71 -0.80
CA ALA B 67 -14.71 -5.90 -0.08
C ALA B 67 -15.05 -5.50 1.34
N LEU B 68 -14.24 -4.64 1.94
CA LEU B 68 -14.47 -4.19 3.31
C LEU B 68 -15.81 -3.45 3.37
N GLY B 69 -16.04 -2.56 2.41
CA GLY B 69 -17.29 -1.81 2.36
C GLY B 69 -18.48 -2.73 2.19
N MET B 70 -18.34 -3.73 1.33
CA MET B 70 -19.41 -4.70 1.07
C MET B 70 -19.73 -5.49 2.35
N ALA B 71 -18.69 -5.91 3.04
CA ALA B 71 -18.84 -6.68 4.27
C ALA B 71 -19.50 -5.86 5.37
N ALA B 72 -19.13 -4.61 5.49
CA ALA B 72 -19.72 -3.75 6.51
C ALA B 72 -21.19 -3.51 6.26
N HIS B 73 -21.58 -3.46 4.98
CA HIS B 73 -22.97 -3.18 4.63
C HIS B 73 -23.94 -4.36 4.63
N GLY B 74 -23.52 -5.52 4.13
CA GLY B 74 -24.44 -6.64 4.12
C GLY B 74 -24.02 -7.90 3.39
N LEU B 75 -23.01 -7.79 2.52
CA LEU B 75 -22.55 -8.96 1.80
C LEU B 75 -21.44 -9.67 2.56
N ARG B 76 -21.08 -10.85 2.07
CA ARG B 76 -20.02 -11.65 2.68
C ARG B 76 -19.08 -11.95 1.52
N PRO B 77 -18.23 -10.97 1.17
CA PRO B 77 -17.28 -11.09 0.08
C PRO B 77 -16.06 -11.96 0.30
N VAL B 78 -15.67 -12.65 -0.77
CA VAL B 78 -14.48 -13.47 -0.77
C VAL B 78 -13.64 -12.82 -1.86
N ALA B 79 -12.75 -11.93 -1.44
CA ALA B 79 -11.88 -11.22 -2.37
C ALA B 79 -10.67 -12.05 -2.71
N GLU B 80 -10.20 -11.94 -3.94
CA GLU B 80 -9.01 -12.66 -4.33
C GLU B 80 -7.94 -11.67 -4.75
N ILE B 81 -6.72 -11.91 -4.29
CA ILE B 81 -5.56 -11.12 -4.64
C ILE B 81 -4.83 -12.17 -5.48
N GLN B 82 -4.66 -11.88 -6.76
CA GLN B 82 -4.06 -12.84 -7.69
C GLN B 82 -2.83 -13.60 -7.21
N PHE B 83 -1.92 -12.90 -6.55
CA PHE B 83 -0.72 -13.51 -5.99
C PHE B 83 -0.51 -12.78 -4.67
N ALA B 84 -0.14 -13.52 -3.63
CA ALA B 84 0.08 -12.92 -2.33
C ALA B 84 1.07 -11.75 -2.45
N ASP B 85 1.98 -11.86 -3.41
CA ASP B 85 2.99 -10.84 -3.64
C ASP B 85 2.38 -9.48 -3.97
N TYR B 86 1.15 -9.50 -4.46
CA TYR B 86 0.48 -8.28 -4.85
C TYR B 86 -0.50 -7.70 -3.85
N ILE B 87 -0.39 -8.11 -2.59
CA ILE B 87 -1.29 -7.58 -1.58
C ILE B 87 -0.89 -6.15 -1.21
N PHE B 88 0.38 -5.83 -1.42
CA PHE B 88 0.91 -4.51 -1.04
C PHE B 88 0.23 -3.26 -1.59
N PRO B 89 -0.15 -3.25 -2.87
CA PRO B 89 -0.82 -2.03 -3.34
C PRO B 89 -2.10 -1.77 -2.55
N GLY B 90 -2.65 -2.82 -1.96
CA GLY B 90 -3.86 -2.68 -1.16
C GLY B 90 -3.57 -2.86 0.32
N PHE B 91 -2.32 -2.66 0.71
CA PHE B 91 -1.91 -2.86 2.08
C PHE B 91 -2.58 -1.94 3.10
N ASP B 92 -2.72 -0.66 2.78
CA ASP B 92 -3.36 0.23 3.74
C ASP B 92 -4.81 -0.18 3.96
N GLN B 93 -5.49 -0.56 2.89
CA GLN B 93 -6.88 -0.98 3.02
C GLN B 93 -6.95 -2.17 3.99
N LEU B 94 -6.03 -3.12 3.81
CA LEU B 94 -6.00 -4.31 4.65
C LEU B 94 -5.69 -4.04 6.12
N VAL B 95 -4.64 -3.26 6.38
CA VAL B 95 -4.24 -3.01 7.77
C VAL B 95 -4.91 -1.82 8.46
N SER B 96 -5.29 -0.79 7.69
CA SER B 96 -5.90 0.39 8.29
C SER B 96 -7.43 0.37 8.30
N GLN B 97 -8.04 -0.22 7.27
CA GLN B 97 -9.50 -0.28 7.22
C GLN B 97 -10.07 -1.61 7.68
N VAL B 98 -9.64 -2.70 7.04
CA VAL B 98 -10.15 -4.03 7.39
C VAL B 98 -9.85 -4.47 8.82
N ALA B 99 -8.58 -4.58 9.13
CA ALA B 99 -8.13 -5.04 10.44
C ALA B 99 -8.65 -4.27 11.64
N LYS B 100 -8.79 -2.95 11.50
CA LYS B 100 -9.20 -2.11 12.62
C LYS B 100 -10.64 -1.65 12.68
N LEU B 101 -11.47 -2.06 11.73
CA LEU B 101 -12.86 -1.62 11.70
C LEU B 101 -13.64 -1.91 12.98
N ARG B 102 -13.69 -3.18 13.40
CA ARG B 102 -14.43 -3.53 14.60
C ARG B 102 -13.91 -2.77 15.81
N TYR B 103 -12.59 -2.77 15.98
CA TYR B 103 -11.95 -2.10 17.12
C TYR B 103 -12.22 -0.59 17.18
N ARG B 104 -11.89 0.12 16.11
CA ARG B 104 -12.04 1.57 16.08
C ARG B 104 -13.49 2.05 16.17
N SER B 105 -14.44 1.19 15.80
CA SER B 105 -15.85 1.58 15.84
C SER B 105 -16.55 1.09 17.11
N GLY B 106 -15.78 0.55 18.04
CA GLY B 106 -16.38 0.06 19.26
C GLY B 106 -17.32 -1.09 19.00
N GLY B 107 -17.08 -1.81 17.90
CA GLY B 107 -17.93 -2.94 17.56
C GLY B 107 -19.18 -2.58 16.78
N GLN B 108 -19.34 -1.31 16.42
CA GLN B 108 -20.52 -0.86 15.67
C GLN B 108 -20.51 -1.38 14.23
N PHE B 109 -19.32 -1.51 13.65
CA PHE B 109 -19.17 -1.99 12.28
C PHE B 109 -18.27 -3.22 12.27
N THR B 110 -18.58 -4.19 11.42
CA THR B 110 -17.79 -5.42 11.35
C THR B 110 -17.35 -5.74 9.93
N ALA B 111 -16.39 -6.64 9.81
CA ALA B 111 -15.84 -7.01 8.50
C ALA B 111 -15.86 -8.50 8.16
N PRO B 112 -17.06 -9.07 7.95
CA PRO B 112 -17.13 -10.49 7.61
C PRO B 112 -16.69 -10.72 6.17
N LEU B 113 -15.37 -10.66 5.94
CA LEU B 113 -14.84 -10.86 4.60
C LEU B 113 -13.64 -11.80 4.63
N VAL B 114 -13.36 -12.38 3.47
CA VAL B 114 -12.24 -13.28 3.33
C VAL B 114 -11.38 -12.79 2.18
N VAL B 115 -10.06 -12.79 2.38
CA VAL B 115 -9.15 -12.37 1.33
C VAL B 115 -8.29 -13.58 0.98
N ARG B 116 -8.59 -14.20 -0.15
CA ARG B 116 -7.86 -15.38 -0.64
C ARG B 116 -6.65 -14.96 -1.48
N MET B 117 -5.57 -15.71 -1.39
CA MET B 117 -4.39 -15.41 -2.18
C MET B 117 -3.44 -16.59 -2.31
N PRO B 118 -2.96 -16.87 -3.53
CA PRO B 118 -2.02 -17.98 -3.76
C PRO B 118 -0.71 -17.49 -3.17
N SER B 119 0.09 -18.38 -2.59
CA SER B 119 1.36 -17.96 -2.00
C SER B 119 2.44 -19.04 -2.09
N GLY B 120 3.60 -18.75 -1.50
CA GLY B 120 4.70 -19.71 -1.49
C GLY B 120 5.58 -19.81 -2.72
N GLY B 121 6.80 -20.27 -2.51
CA GLY B 121 7.75 -20.43 -3.60
C GLY B 121 7.72 -21.81 -4.22
N GLY B 122 8.85 -22.19 -4.82
CA GLY B 122 8.94 -23.50 -5.45
C GLY B 122 8.26 -23.59 -6.80
N VAL B 123 7.87 -22.44 -7.37
CA VAL B 123 7.21 -22.43 -8.66
C VAL B 123 7.89 -21.53 -9.68
N ARG B 124 9.19 -21.29 -9.50
CA ARG B 124 9.95 -20.43 -10.42
C ARG B 124 9.26 -19.09 -10.62
N GLY B 125 8.74 -18.52 -9.53
CA GLY B 125 8.03 -17.26 -9.61
C GLY B 125 8.85 -16.01 -9.40
N GLY B 126 10.13 -16.14 -9.10
CA GLY B 126 10.96 -14.97 -8.88
C GLY B 126 10.49 -14.13 -7.71
N HIS B 127 10.76 -12.83 -7.76
CA HIS B 127 10.39 -11.92 -6.68
C HIS B 127 8.90 -11.76 -6.38
N HIS B 128 8.06 -11.78 -7.41
CA HIS B 128 6.63 -11.55 -7.20
C HIS B 128 5.60 -12.62 -7.55
N HIS B 129 6.01 -13.87 -7.61
CA HIS B 129 5.09 -14.98 -7.86
C HIS B 129 5.50 -16.08 -6.88
N SER B 130 6.15 -15.70 -5.79
CA SER B 130 6.66 -16.67 -4.81
C SER B 130 6.55 -16.30 -3.33
N GLN B 131 6.29 -15.03 -3.03
CA GLN B 131 6.24 -14.58 -1.63
C GLN B 131 5.27 -15.24 -0.67
N SER B 132 5.67 -15.25 0.60
CA SER B 132 4.89 -15.78 1.73
C SER B 132 4.93 -14.63 2.74
N PRO B 133 4.01 -13.66 2.59
CA PRO B 133 3.88 -12.48 3.44
C PRO B 133 3.04 -12.59 4.70
N GLU B 134 2.72 -13.81 5.13
CA GLU B 134 1.89 -14.01 6.32
C GLU B 134 2.33 -13.21 7.56
N ALA B 135 3.64 -13.02 7.73
CA ALA B 135 4.16 -12.26 8.88
C ALA B 135 3.53 -10.86 8.95
N HIS B 136 3.40 -10.23 7.78
CA HIS B 136 2.81 -8.89 7.70
C HIS B 136 1.40 -8.89 8.26
N PHE B 137 0.67 -9.97 8.02
CA PHE B 137 -0.70 -10.09 8.48
C PHE B 137 -0.80 -10.45 9.96
N VAL B 138 -0.01 -11.44 10.38
CA VAL B 138 -0.02 -11.87 11.78
C VAL B 138 0.37 -10.72 12.71
N HIS B 139 1.24 -9.82 12.24
CA HIS B 139 1.68 -8.68 13.04
C HIS B 139 0.60 -7.61 13.15
N THR B 140 -0.40 -7.69 12.29
CA THR B 140 -1.50 -6.73 12.27
C THR B 140 -2.70 -7.21 13.08
N ALA B 141 -2.90 -6.61 14.26
CA ALA B 141 -4.01 -6.99 15.13
C ALA B 141 -5.35 -6.82 14.40
N GLY B 142 -6.22 -7.81 14.54
CA GLY B 142 -7.52 -7.73 13.91
C GLY B 142 -7.72 -8.63 12.71
N LEU B 143 -6.65 -9.28 12.27
CA LEU B 143 -6.75 -10.19 11.13
C LEU B 143 -6.51 -11.64 11.53
N LYS B 144 -7.39 -12.54 11.09
CA LYS B 144 -7.17 -13.94 11.36
C LYS B 144 -6.40 -14.37 10.12
N VAL B 145 -5.45 -15.29 10.29
CA VAL B 145 -4.62 -15.73 9.17
C VAL B 145 -4.56 -17.25 9.09
N VAL B 146 -4.93 -17.78 7.93
CA VAL B 146 -4.93 -19.22 7.69
C VAL B 146 -4.13 -19.61 6.45
N ALA B 147 -3.34 -20.67 6.56
CA ALA B 147 -2.54 -21.17 5.43
C ALA B 147 -2.73 -22.68 5.36
N VAL B 148 -3.43 -23.15 4.33
CA VAL B 148 -3.71 -24.58 4.19
C VAL B 148 -2.67 -25.36 3.40
N SER B 149 -2.66 -26.69 3.57
CA SER B 149 -1.69 -27.53 2.87
C SER B 149 -2.27 -28.83 2.30
N THR B 150 -3.56 -29.06 2.50
CA THR B 150 -4.21 -30.26 1.98
C THR B 150 -5.58 -29.93 1.40
N PRO B 151 -6.04 -30.72 0.43
CA PRO B 151 -7.36 -30.46 -0.16
C PRO B 151 -8.47 -30.51 0.89
N TYR B 152 -8.36 -31.45 1.83
CA TYR B 152 -9.35 -31.59 2.90
C TYR B 152 -9.44 -30.31 3.74
N ASP B 153 -8.30 -29.79 4.16
CA ASP B 153 -8.27 -28.58 4.97
C ASP B 153 -8.74 -27.38 4.16
N ALA B 154 -8.35 -27.35 2.88
CA ALA B 154 -8.72 -26.24 1.99
C ALA B 154 -10.23 -26.01 2.01
N LYS B 155 -11.01 -27.05 1.73
CA LYS B 155 -12.45 -26.91 1.72
C LYS B 155 -13.02 -26.58 3.11
N GLY B 156 -12.61 -27.36 4.11
CA GLY B 156 -13.11 -27.16 5.45
C GLY B 156 -12.81 -25.81 6.08
N LEU B 157 -11.59 -25.32 5.90
CA LEU B 157 -11.22 -24.04 6.47
C LEU B 157 -11.72 -22.83 5.67
N LEU B 158 -11.84 -22.96 4.36
CA LEU B 158 -12.36 -21.84 3.56
C LEU B 158 -13.83 -21.67 3.92
N LYS B 159 -14.54 -22.79 4.08
CA LYS B 159 -15.95 -22.73 4.44
C LYS B 159 -16.05 -22.08 5.83
N ALA B 160 -15.16 -22.48 6.73
CA ALA B 160 -15.16 -21.92 8.09
C ALA B 160 -14.89 -20.41 8.05
N ALA B 161 -13.95 -20.00 7.21
CA ALA B 161 -13.60 -18.59 7.06
C ALA B 161 -14.78 -17.78 6.54
N ILE B 162 -15.49 -18.31 5.56
CA ILE B 162 -16.64 -17.62 4.98
C ILE B 162 -17.74 -17.43 6.02
N ARG B 163 -17.82 -18.35 6.98
CA ARG B 163 -18.83 -18.25 8.02
C ARG B 163 -18.36 -17.41 9.19
N ASP B 164 -17.05 -17.27 9.34
CA ASP B 164 -16.45 -16.48 10.42
C ASP B 164 -16.75 -15.00 10.17
N GLU B 165 -17.16 -14.28 11.22
CA GLU B 165 -17.48 -12.86 11.11
C GLU B 165 -16.23 -11.97 11.13
N ASP B 166 -15.11 -12.53 11.58
CA ASP B 166 -13.86 -11.79 11.65
C ASP B 166 -13.14 -11.88 10.31
N PRO B 167 -12.43 -10.82 9.91
CA PRO B 167 -11.69 -10.82 8.62
C PRO B 167 -10.67 -11.95 8.61
N VAL B 168 -10.61 -12.70 7.52
CA VAL B 168 -9.66 -13.80 7.40
C VAL B 168 -8.81 -13.70 6.14
N VAL B 169 -7.49 -13.76 6.30
CA VAL B 169 -6.58 -13.74 5.15
C VAL B 169 -6.30 -15.22 4.96
N PHE B 170 -6.70 -15.74 3.81
CA PHE B 170 -6.58 -17.17 3.49
C PHE B 170 -5.49 -17.42 2.45
N LEU B 171 -4.37 -18.01 2.87
CA LEU B 171 -3.27 -18.27 1.94
C LEU B 171 -3.27 -19.70 1.39
N GLU B 172 -3.13 -19.79 0.08
CA GLU B 172 -3.13 -21.08 -0.63
C GLU B 172 -1.79 -21.29 -1.33
N PRO B 173 -0.92 -22.15 -0.77
CA PRO B 173 0.39 -22.41 -1.40
C PRO B 173 0.17 -22.98 -2.78
N LYS B 174 0.46 -22.16 -3.80
CA LYS B 174 0.21 -22.54 -5.18
C LYS B 174 0.91 -23.80 -5.67
N ARG B 175 2.07 -24.13 -5.10
CA ARG B 175 2.77 -25.33 -5.55
C ARG B 175 1.95 -26.56 -5.13
N LEU B 176 1.01 -26.37 -4.22
CA LEU B 176 0.17 -27.46 -3.73
C LEU B 176 -1.24 -27.48 -4.34
N TYR B 177 -1.52 -26.58 -5.28
CA TYR B 177 -2.84 -26.52 -5.91
C TYR B 177 -3.32 -27.83 -6.55
N ARG B 178 -2.40 -28.59 -7.14
CA ARG B 178 -2.76 -29.86 -7.80
C ARG B 178 -1.70 -30.93 -7.57
N SER B 179 -0.87 -30.73 -6.55
CA SER B 179 0.20 -31.67 -6.25
C SER B 179 -0.29 -33.03 -5.78
N VAL B 180 -1.52 -33.10 -5.29
CA VAL B 180 -2.06 -34.36 -4.80
C VAL B 180 -3.58 -34.38 -4.77
N LYS B 181 -4.15 -35.58 -4.93
CA LYS B 181 -5.59 -35.74 -4.90
C LYS B 181 -5.95 -36.52 -3.63
N GLU B 182 -6.57 -35.82 -2.69
CA GLU B 182 -6.97 -36.41 -1.41
C GLU B 182 -8.49 -36.55 -1.33
N GLU B 183 -8.94 -37.44 -0.46
CA GLU B 183 -10.37 -37.67 -0.26
C GLU B 183 -11.01 -36.46 0.40
N VAL B 184 -11.99 -35.86 -0.27
CA VAL B 184 -12.68 -34.70 0.27
C VAL B 184 -14.18 -34.94 0.21
N PRO B 185 -14.82 -35.06 1.38
CA PRO B 185 -16.26 -35.27 1.46
C PRO B 185 -17.07 -34.25 0.66
N GLU B 186 -18.07 -34.73 -0.05
CA GLU B 186 -18.93 -33.84 -0.84
C GLU B 186 -19.90 -33.15 0.10
N GLU B 187 -20.23 -33.83 1.21
CA GLU B 187 -21.15 -33.28 2.19
C GLU B 187 -20.60 -32.02 2.83
N ASP B 188 -21.48 -31.24 3.44
CA ASP B 188 -21.07 -30.01 4.09
C ASP B 188 -20.35 -30.29 5.39
N TYR B 189 -19.18 -29.68 5.55
CA TYR B 189 -18.41 -29.84 6.77
C TYR B 189 -17.45 -28.67 6.86
N THR B 190 -17.09 -28.29 8.07
CA THR B 190 -16.16 -27.19 8.29
C THR B 190 -15.06 -27.70 9.22
N LEU B 191 -14.01 -26.91 9.35
CA LEU B 191 -12.91 -27.25 10.23
C LEU B 191 -12.69 -26.04 11.14
N PRO B 192 -12.19 -26.27 12.36
CA PRO B 192 -11.95 -25.17 13.30
C PRO B 192 -10.75 -24.29 12.99
N ILE B 193 -10.99 -22.99 12.88
CA ILE B 193 -9.91 -22.04 12.65
C ILE B 193 -9.26 -21.85 14.02
N GLY B 194 -7.94 -21.96 14.06
CA GLY B 194 -7.23 -21.80 15.32
C GLY B 194 -6.72 -23.13 15.87
N LYS B 195 -6.91 -24.21 15.11
CA LYS B 195 -6.48 -25.53 15.54
C LYS B 195 -5.49 -26.19 14.58
N ALA B 196 -4.39 -26.68 15.13
CA ALA B 196 -3.36 -27.34 14.33
C ALA B 196 -3.82 -28.77 14.02
N ALA B 197 -3.15 -29.40 13.08
CA ALA B 197 -3.46 -30.78 12.70
C ALA B 197 -2.21 -31.63 12.83
N LEU B 198 -2.34 -32.71 13.57
CA LEU B 198 -1.22 -33.63 13.78
C LEU B 198 -1.12 -34.53 12.54
N ARG B 199 0.02 -34.48 11.86
CA ARG B 199 0.23 -35.28 10.65
C ARG B 199 0.96 -36.58 11.00
N ARG B 200 1.74 -36.53 12.08
CA ARG B 200 2.50 -37.69 12.52
C ARG B 200 2.79 -37.56 14.00
N GLU B 201 2.53 -38.64 14.75
CA GLU B 201 2.80 -38.64 16.18
C GLU B 201 4.21 -39.16 16.38
N GLY B 202 4.94 -38.55 17.32
CA GLY B 202 6.31 -38.97 17.58
C GLY B 202 6.74 -38.49 18.94
N LYS B 203 7.89 -38.97 19.41
CA LYS B 203 8.36 -38.55 20.74
C LYS B 203 9.81 -38.10 20.78
N ASP B 204 10.51 -38.15 19.66
CA ASP B 204 11.91 -37.76 19.66
C ASP B 204 12.16 -36.33 19.18
N LEU B 205 11.25 -35.81 18.36
CA LEU B 205 11.42 -34.46 17.83
C LEU B 205 10.09 -33.89 17.35
N THR B 206 9.93 -32.57 17.49
CA THR B 206 8.72 -31.92 17.03
C THR B 206 9.05 -31.07 15.81
N LEU B 207 8.30 -31.26 14.74
CA LEU B 207 8.49 -30.49 13.52
C LEU B 207 7.26 -29.60 13.35
N ILE B 208 7.43 -28.30 13.57
CA ILE B 208 6.34 -27.36 13.43
C ILE B 208 6.45 -26.73 12.04
N CYS B 209 5.34 -26.74 11.31
CA CYS B 209 5.33 -26.21 9.96
C CYS B 209 3.91 -25.89 9.51
N TYR B 210 3.78 -25.48 8.27
CA TYR B 210 2.49 -25.15 7.67
C TYR B 210 2.69 -24.79 6.21
N GLY B 211 1.59 -24.79 5.47
CA GLY B 211 1.62 -24.43 4.07
C GLY B 211 2.65 -25.01 3.12
N THR B 212 3.29 -24.10 2.38
CA THR B 212 4.28 -24.41 1.36
C THR B 212 5.28 -25.55 1.59
N VAL B 213 5.95 -25.56 2.74
CA VAL B 213 6.95 -26.57 3.03
C VAL B 213 6.49 -27.97 3.46
N MET B 214 5.20 -28.16 3.65
CA MET B 214 4.70 -29.48 4.09
C MET B 214 5.28 -30.69 3.36
N PRO B 215 5.36 -30.65 2.02
CA PRO B 215 5.92 -31.79 1.30
C PRO B 215 7.29 -32.23 1.80
N GLU B 216 8.22 -31.28 1.89
CA GLU B 216 9.57 -31.58 2.35
C GLU B 216 9.62 -31.99 3.82
N VAL B 217 8.79 -31.35 4.65
CA VAL B 217 8.76 -31.69 6.07
C VAL B 217 8.29 -33.13 6.28
N LEU B 218 7.21 -33.51 5.60
CA LEU B 218 6.67 -34.86 5.72
C LEU B 218 7.68 -35.89 5.21
N GLN B 219 8.39 -35.53 4.14
CA GLN B 219 9.39 -36.41 3.55
C GLN B 219 10.53 -36.60 4.54
N ALA B 220 10.90 -35.51 5.21
CA ALA B 220 11.99 -35.55 6.19
C ALA B 220 11.58 -36.43 7.36
N ALA B 221 10.31 -36.33 7.76
CA ALA B 221 9.81 -37.13 8.87
C ALA B 221 9.89 -38.61 8.50
N ALA B 222 9.51 -38.93 7.27
CA ALA B 222 9.55 -40.31 6.79
C ALA B 222 10.98 -40.85 6.82
N GLU B 223 11.92 -40.05 6.34
CA GLU B 223 13.32 -40.47 6.32
C GLU B 223 13.89 -40.63 7.73
N LEU B 224 13.44 -39.80 8.66
CA LEU B 224 13.91 -39.91 10.05
C LEU B 224 13.42 -41.23 10.63
N ALA B 225 12.19 -41.61 10.30
CA ALA B 225 11.62 -42.85 10.78
C ALA B 225 12.49 -44.04 10.35
N LYS B 226 12.91 -44.02 9.09
CA LYS B 226 13.75 -45.10 8.55
C LYS B 226 15.02 -45.22 9.39
N ALA B 227 15.49 -44.09 9.90
CA ALA B 227 16.71 -44.06 10.70
C ALA B 227 16.42 -44.26 12.19
N GLY B 228 15.21 -44.71 12.49
CA GLY B 228 14.84 -44.96 13.88
C GLY B 228 14.51 -43.72 14.70
N VAL B 229 14.24 -42.60 14.04
CA VAL B 229 13.90 -41.37 14.74
C VAL B 229 12.41 -41.10 14.60
N SER B 230 11.72 -40.95 15.72
CA SER B 230 10.28 -40.70 15.73
C SER B 230 9.98 -39.21 15.86
N ALA B 231 9.63 -38.59 14.73
CA ALA B 231 9.31 -37.17 14.72
C ALA B 231 7.82 -36.93 14.69
N GLU B 232 7.39 -35.90 15.40
CA GLU B 232 5.98 -35.52 15.45
C GLU B 232 5.80 -34.32 14.54
N VAL B 233 4.95 -34.45 13.52
CA VAL B 233 4.72 -33.36 12.58
C VAL B 233 3.42 -32.63 12.87
N LEU B 234 3.53 -31.32 13.10
CA LEU B 234 2.35 -30.52 13.40
C LEU B 234 2.13 -29.42 12.36
N ASP B 235 1.01 -29.50 11.63
CA ASP B 235 0.65 -28.50 10.63
C ASP B 235 -0.23 -27.50 11.39
N LEU B 236 0.31 -26.30 11.63
CA LEU B 236 -0.43 -25.28 12.37
C LEU B 236 -1.77 -24.90 11.73
N ARG B 237 -1.78 -24.81 10.40
CA ARG B 237 -2.96 -24.43 9.65
C ARG B 237 -3.36 -22.98 9.88
N THR B 238 -3.73 -22.64 11.11
CA THR B 238 -4.09 -21.25 11.43
C THR B 238 -2.88 -20.58 12.08
N LEU B 239 -2.46 -19.46 11.50
CA LEU B 239 -1.30 -18.72 12.02
C LEU B 239 -1.69 -17.66 13.05
N MET B 240 -2.94 -17.20 12.97
CA MET B 240 -3.47 -16.21 13.90
C MET B 240 -4.97 -16.39 14.00
N PRO B 241 -5.47 -16.83 15.16
CA PRO B 241 -4.69 -17.19 16.35
C PRO B 241 -4.14 -18.62 16.22
N TRP B 242 -2.86 -18.81 16.51
CA TRP B 242 -2.29 -20.15 16.38
C TRP B 242 -2.53 -21.06 17.58
N ASP B 243 -2.47 -22.37 17.34
CA ASP B 243 -2.73 -23.39 18.36
C ASP B 243 -1.63 -23.49 19.41
N TYR B 244 -1.67 -22.59 20.38
CA TYR B 244 -0.67 -22.56 21.45
C TYR B 244 -0.58 -23.90 22.17
N GLU B 245 -1.72 -24.44 22.60
CA GLU B 245 -1.76 -25.71 23.32
C GLU B 245 -1.14 -26.87 22.55
N ALA B 246 -1.53 -27.03 21.28
CA ALA B 246 -1.00 -28.11 20.46
C ALA B 246 0.52 -28.02 20.37
N VAL B 247 1.03 -26.81 20.19
CA VAL B 247 2.47 -26.60 20.09
C VAL B 247 3.20 -26.91 21.38
N MET B 248 2.76 -26.33 22.49
CA MET B 248 3.43 -26.56 23.77
C MET B 248 3.35 -28.01 24.25
N ASN B 249 2.24 -28.69 23.97
CA ASN B 249 2.11 -30.08 24.40
C ASN B 249 3.12 -30.96 23.67
N SER B 250 3.30 -30.72 22.38
CA SER B 250 4.23 -31.52 21.59
C SER B 250 5.67 -31.28 22.03
N VAL B 251 6.07 -30.01 22.09
CA VAL B 251 7.44 -29.66 22.48
C VAL B 251 7.76 -30.14 23.90
N ALA B 252 6.77 -30.12 24.78
CA ALA B 252 6.97 -30.56 26.16
C ALA B 252 7.28 -32.06 26.16
N LYS B 253 6.60 -32.79 25.28
CA LYS B 253 6.79 -34.23 25.16
C LYS B 253 8.12 -34.61 24.54
N THR B 254 8.47 -33.96 23.43
CA THR B 254 9.71 -34.28 22.73
C THR B 254 10.95 -33.58 23.26
N GLY B 255 10.80 -32.36 23.76
CA GLY B 255 11.94 -31.63 24.28
C GLY B 255 12.80 -30.97 23.22
N ARG B 256 12.53 -31.24 21.95
CA ARG B 256 13.28 -30.64 20.87
C ARG B 256 12.35 -30.28 19.72
N VAL B 257 12.58 -29.11 19.12
CA VAL B 257 11.73 -28.65 18.04
C VAL B 257 12.46 -27.92 16.92
N VAL B 258 12.01 -28.17 15.70
CA VAL B 258 12.53 -27.54 14.49
C VAL B 258 11.30 -26.94 13.83
N LEU B 259 11.35 -25.64 13.54
CA LEU B 259 10.22 -24.95 12.90
C LEU B 259 10.61 -24.67 11.46
N VAL B 260 9.70 -24.97 10.53
CA VAL B 260 9.97 -24.79 9.11
C VAL B 260 8.94 -23.94 8.35
N SER B 261 9.45 -23.09 7.48
CA SER B 261 8.61 -22.21 6.66
C SER B 261 9.47 -21.64 5.53
N ASP B 262 8.84 -21.28 4.41
CA ASP B 262 9.61 -20.72 3.30
C ASP B 262 9.65 -19.18 3.37
N ALA B 263 8.98 -18.62 4.37
CA ALA B 263 8.95 -17.16 4.55
C ALA B 263 10.29 -16.67 5.07
N PRO B 264 10.69 -15.43 4.71
CA PRO B 264 11.96 -14.85 5.14
C PRO B 264 12.11 -14.94 6.66
N ARG B 265 13.33 -15.28 7.10
CA ARG B 265 13.61 -15.46 8.53
C ARG B 265 13.27 -14.29 9.45
N HIS B 266 13.88 -13.15 9.23
CA HIS B 266 13.69 -12.00 10.11
C HIS B 266 12.27 -11.54 10.40
N ALA B 267 11.92 -11.61 11.69
CA ALA B 267 10.61 -11.22 12.19
C ALA B 267 9.50 -12.01 11.53
N SER B 268 9.78 -13.26 11.19
CA SER B 268 8.79 -14.13 10.55
C SER B 268 7.84 -14.71 11.60
N PHE B 269 6.80 -15.39 11.12
CA PHE B 269 5.85 -16.01 12.02
C PHE B 269 6.49 -17.13 12.82
N VAL B 270 7.33 -17.95 12.19
CA VAL B 270 7.96 -19.03 12.95
C VAL B 270 8.90 -18.46 14.00
N SER B 271 9.43 -17.26 13.75
CA SER B 271 10.30 -16.62 14.74
C SER B 271 9.45 -16.30 15.97
N GLU B 272 8.18 -15.98 15.73
CA GLU B 272 7.27 -15.67 16.82
C GLU B 272 6.99 -16.91 17.66
N VAL B 273 6.69 -18.01 16.99
CA VAL B 273 6.42 -19.27 17.69
C VAL B 273 7.67 -19.72 18.45
N ALA B 274 8.83 -19.62 17.81
CA ALA B 274 10.08 -20.02 18.44
C ALA B 274 10.35 -19.20 19.70
N ALA B 275 10.16 -17.88 19.60
CA ALA B 275 10.37 -17.00 20.74
C ALA B 275 9.42 -17.35 21.89
N THR B 276 8.19 -17.69 21.53
CA THR B 276 7.18 -18.04 22.51
C THR B 276 7.52 -19.36 23.21
N ILE B 277 8.02 -20.33 22.44
CA ILE B 277 8.42 -21.62 23.03
C ILE B 277 9.55 -21.40 24.03
N ALA B 278 10.54 -20.59 23.65
CA ALA B 278 11.67 -20.32 24.52
C ALA B 278 11.25 -19.58 25.79
N GLU B 279 10.29 -18.66 25.65
CA GLU B 279 9.81 -17.87 26.76
C GLU B 279 8.95 -18.65 27.76
N ASP B 280 8.16 -19.60 27.26
CA ASP B 280 7.26 -20.38 28.11
C ASP B 280 7.70 -21.80 28.47
N LEU B 281 8.56 -22.41 27.65
CA LEU B 281 9.00 -23.78 27.90
C LEU B 281 10.50 -24.00 28.00
N LEU B 282 11.24 -23.01 28.47
CA LEU B 282 12.68 -23.15 28.59
C LEU B 282 13.05 -24.42 29.34
N ASP B 283 12.36 -24.68 30.44
CA ASP B 283 12.60 -25.84 31.28
C ASP B 283 12.34 -27.19 30.61
N MET B 284 11.57 -27.18 29.52
CA MET B 284 11.25 -28.41 28.81
C MET B 284 12.13 -28.64 27.59
N LEU B 285 12.99 -27.68 27.27
CA LEU B 285 13.85 -27.79 26.10
C LEU B 285 15.14 -28.58 26.31
N LEU B 286 15.33 -29.60 25.49
CA LEU B 286 16.53 -30.43 25.55
C LEU B 286 17.51 -29.92 24.50
N ALA B 287 17.02 -29.06 23.62
CA ALA B 287 17.83 -28.48 22.55
C ALA B 287 17.25 -27.11 22.17
N PRO B 288 18.05 -26.28 21.50
CA PRO B 288 17.59 -24.95 21.09
C PRO B 288 16.51 -25.03 20.02
N PRO B 289 15.54 -24.10 20.04
CA PRO B 289 14.48 -24.13 19.03
C PRO B 289 15.17 -23.77 17.72
N ILE B 290 15.17 -24.67 16.75
CA ILE B 290 15.84 -24.39 15.49
C ILE B 290 14.87 -23.99 14.38
N ARG B 291 15.22 -22.93 13.65
CA ARG B 291 14.38 -22.43 12.58
C ARG B 291 14.99 -22.65 11.20
N VAL B 292 14.23 -23.31 10.32
CA VAL B 292 14.63 -23.56 8.95
C VAL B 292 13.66 -22.68 8.17
N THR B 293 14.15 -21.57 7.65
CA THR B 293 13.30 -20.62 6.95
C THR B 293 13.85 -20.17 5.60
N GLY B 294 13.06 -19.37 4.90
CA GLY B 294 13.52 -18.83 3.63
C GLY B 294 14.61 -17.87 4.03
N PHE B 295 15.53 -17.57 3.12
CA PHE B 295 16.62 -16.65 3.44
C PHE B 295 16.14 -15.19 3.44
N ASP B 296 16.91 -14.32 4.07
CA ASP B 296 16.55 -12.90 4.13
C ASP B 296 16.96 -12.16 2.88
N THR B 297 16.39 -12.58 1.77
CA THR B 297 16.66 -11.99 0.46
C THR B 297 15.35 -11.99 -0.31
N PRO B 298 15.28 -11.21 -1.41
CA PRO B 298 14.02 -11.23 -2.16
C PRO B 298 14.00 -12.65 -2.72
N TYR B 299 12.85 -13.16 -3.13
CA TYR B 299 12.80 -14.53 -3.65
C TYR B 299 13.52 -14.61 -5.00
N PRO B 300 14.60 -15.40 -5.07
CA PRO B 300 15.39 -15.55 -6.29
C PRO B 300 14.79 -16.47 -7.35
N TYR B 301 15.00 -16.13 -8.61
CA TYR B 301 14.49 -16.94 -9.69
C TYR B 301 15.44 -18.11 -9.97
N ALA B 302 16.67 -17.78 -10.36
CA ALA B 302 17.66 -18.81 -10.69
C ALA B 302 17.84 -19.85 -9.59
N GLN B 303 17.93 -19.39 -8.34
CA GLN B 303 18.15 -20.29 -7.22
C GLN B 303 16.87 -20.69 -6.48
N ASP B 304 15.74 -20.67 -7.20
CA ASP B 304 14.47 -21.02 -6.59
C ASP B 304 14.51 -22.29 -5.71
N LYS B 305 15.03 -23.38 -6.27
CA LYS B 305 15.11 -24.65 -5.56
C LYS B 305 16.09 -24.68 -4.38
N LEU B 306 16.95 -23.68 -4.30
CA LEU B 306 17.91 -23.60 -3.20
C LEU B 306 17.34 -22.72 -2.09
N TYR B 307 16.45 -21.80 -2.45
CA TYR B 307 15.83 -20.93 -1.47
C TYR B 307 14.78 -21.68 -0.66
N LEU B 308 13.90 -22.38 -1.36
CA LEU B 308 12.85 -23.18 -0.71
C LEU B 308 13.53 -24.26 0.12
N PRO B 309 13.17 -24.38 1.41
CA PRO B 309 13.76 -25.40 2.29
C PRO B 309 13.74 -26.79 1.65
N THR B 310 14.90 -27.44 1.61
CA THR B 310 15.02 -28.78 1.05
C THR B 310 14.91 -29.83 2.16
N VAL B 311 14.66 -31.08 1.77
CA VAL B 311 14.58 -32.16 2.76
C VAL B 311 15.91 -32.22 3.49
N THR B 312 16.99 -32.02 2.74
CA THR B 312 18.33 -32.06 3.31
C THR B 312 18.51 -30.99 4.39
N ARG B 313 18.12 -29.77 4.08
CA ARG B 313 18.25 -28.66 5.02
C ARG B 313 17.46 -28.92 6.30
N ILE B 314 16.28 -29.50 6.14
CA ILE B 314 15.43 -29.83 7.29
C ILE B 314 16.07 -30.94 8.11
N LEU B 315 16.63 -31.93 7.42
CA LEU B 315 17.27 -33.05 8.09
C LEU B 315 18.52 -32.59 8.85
N ASN B 316 19.25 -31.63 8.30
CA ASN B 316 20.45 -31.14 8.97
C ASN B 316 20.05 -30.44 10.27
N ALA B 317 18.92 -29.74 10.24
CA ALA B 317 18.42 -29.05 11.41
C ALA B 317 17.95 -30.06 12.45
N ALA B 318 17.27 -31.10 11.99
CA ALA B 318 16.79 -32.14 12.88
C ALA B 318 17.98 -32.79 13.59
N LYS B 319 19.06 -33.01 12.84
CA LYS B 319 20.27 -33.61 13.40
C LYS B 319 20.87 -32.73 14.49
N ARG B 320 20.90 -31.42 14.26
CA ARG B 320 21.46 -30.49 15.23
C ARG B 320 20.65 -30.56 16.52
N ALA B 321 19.33 -30.61 16.38
CA ALA B 321 18.44 -30.67 17.52
C ALA B 321 18.59 -31.99 18.27
N LEU B 322 18.71 -33.08 17.52
CA LEU B 322 18.85 -34.40 18.11
C LEU B 322 20.22 -34.64 18.76
N ASP B 323 21.27 -34.09 18.16
CA ASP B 323 22.62 -34.27 18.68
C ASP B 323 23.02 -33.29 19.77
N TYR B 324 22.19 -32.27 20.02
CA TYR B 324 22.50 -31.26 21.03
C TYR B 324 22.62 -31.84 22.44
N HIS C 6 4.17 22.48 -35.72
CA HIS C 6 3.22 21.35 -35.93
C HIS C 6 2.83 20.74 -34.58
N ARG C 7 1.52 20.66 -34.32
CA ARG C 7 1.04 20.10 -33.07
C ARG C 7 -0.18 19.19 -33.27
N PHE C 8 -0.14 18.03 -32.64
CA PHE C 8 -1.25 17.09 -32.73
C PHE C 8 -2.39 17.51 -31.80
N GLU C 9 -3.61 17.15 -32.17
CA GLU C 9 -4.78 17.49 -31.37
C GLU C 9 -4.88 16.58 -30.15
N THR C 10 -5.25 17.16 -29.01
CA THR C 10 -5.39 16.41 -27.78
C THR C 10 -6.82 15.91 -27.63
N PHE C 11 -6.99 14.84 -26.86
CA PHE C 11 -8.30 14.27 -26.57
C PHE C 11 -9.20 14.11 -27.80
N THR C 12 -8.62 13.67 -28.92
CA THR C 12 -9.40 13.50 -30.15
C THR C 12 -10.41 12.37 -30.04
N GLU C 13 -11.51 12.54 -30.76
CA GLU C 13 -12.59 11.56 -30.81
C GLU C 13 -12.04 10.28 -31.43
N GLU C 14 -11.38 10.44 -32.58
CA GLU C 14 -10.79 9.32 -33.29
C GLU C 14 -9.29 9.28 -33.07
N PRO C 15 -8.73 8.07 -32.96
CA PRO C 15 -7.28 7.96 -32.75
C PRO C 15 -6.48 8.55 -33.92
N ILE C 16 -5.43 9.29 -33.57
CA ILE C 16 -4.58 9.91 -34.56
C ILE C 16 -3.91 8.86 -35.44
N ARG C 17 -3.95 9.04 -36.75
CA ARG C 17 -3.31 8.11 -37.67
C ARG C 17 -2.63 8.87 -38.80
N LEU C 18 -1.52 8.33 -39.30
CA LEU C 18 -0.78 8.98 -40.37
C LEU C 18 -0.60 8.09 -41.59
N ILE C 19 -0.85 6.80 -41.43
CA ILE C 19 -0.72 5.85 -42.53
C ILE C 19 -2.09 5.41 -43.02
N GLY C 20 -2.36 5.62 -44.30
CA GLY C 20 -3.64 5.24 -44.87
C GLY C 20 -3.74 3.74 -45.08
N GLU C 21 -4.96 3.28 -45.35
CA GLU C 21 -5.21 1.86 -45.58
C GLU C 21 -4.45 1.33 -46.80
N GLU C 22 -4.17 2.22 -47.75
CA GLU C 22 -3.46 1.82 -48.97
C GLU C 22 -2.01 2.28 -48.95
N GLY C 23 -1.52 2.60 -47.76
CA GLY C 23 -0.14 3.04 -47.61
C GLY C 23 0.14 4.51 -47.89
N GLU C 24 -0.90 5.33 -47.94
CA GLU C 24 -0.72 6.75 -48.20
C GLU C 24 -0.46 7.55 -46.93
N TRP C 25 0.21 8.69 -47.08
CA TRP C 25 0.52 9.59 -45.98
C TRP C 25 -0.71 10.47 -45.73
N LEU C 26 -1.13 10.56 -44.48
CA LEU C 26 -2.32 11.33 -44.13
C LEU C 26 -2.02 12.59 -43.31
N GLY C 27 -0.76 12.81 -42.98
CA GLY C 27 -0.39 13.96 -42.19
C GLY C 27 -0.66 15.32 -42.82
N ASP C 28 -0.89 16.33 -41.98
CA ASP C 28 -1.13 17.68 -42.47
C ASP C 28 0.22 18.20 -42.94
N PHE C 29 1.23 17.99 -42.12
CA PHE C 29 2.59 18.41 -42.41
C PHE C 29 3.24 17.39 -43.34
N PRO C 30 4.31 17.79 -44.04
CA PRO C 30 4.98 16.88 -44.96
C PRO C 30 5.86 15.90 -44.17
N LEU C 31 5.89 14.65 -44.59
CA LEU C 31 6.69 13.62 -43.94
C LEU C 31 8.14 14.11 -43.97
N ASP C 32 8.81 14.12 -42.81
CA ASP C 32 10.19 14.59 -42.77
C ASP C 32 11.21 13.55 -42.31
N LEU C 33 10.90 12.27 -42.52
CA LEU C 33 11.82 11.18 -42.17
C LEU C 33 12.44 10.61 -43.43
N GLU C 34 13.76 10.52 -43.48
CA GLU C 34 14.44 10.00 -44.66
C GLU C 34 14.09 8.53 -44.92
N GLY C 35 14.19 8.10 -46.17
CA GLY C 35 13.89 6.73 -46.50
C GLY C 35 14.64 5.72 -45.65
N GLU C 36 15.91 6.02 -45.37
CA GLU C 36 16.76 5.15 -44.55
C GLU C 36 16.13 4.96 -43.17
N LYS C 37 15.63 6.05 -42.58
CA LYS C 37 15.01 5.99 -41.27
C LYS C 37 13.70 5.20 -41.31
N LEU C 38 12.93 5.38 -42.37
CA LEU C 38 11.67 4.65 -42.52
C LEU C 38 11.92 3.15 -42.58
N ARG C 39 12.98 2.76 -43.30
CA ARG C 39 13.32 1.34 -43.42
C ARG C 39 13.79 0.80 -42.08
N ARG C 40 14.43 1.65 -41.29
CA ARG C 40 14.91 1.22 -39.98
C ARG C 40 13.74 0.90 -39.06
N LEU C 41 12.67 1.71 -39.13
CA LEU C 41 11.50 1.47 -38.30
C LEU C 41 10.89 0.11 -38.64
N TYR C 42 10.85 -0.21 -39.93
CA TYR C 42 10.29 -1.48 -40.38
C TYR C 42 11.18 -2.63 -39.94
N ARG C 43 12.49 -2.45 -40.12
CA ARG C 43 13.48 -3.44 -39.74
C ARG C 43 13.34 -3.79 -38.26
N ASP C 44 13.22 -2.75 -37.43
CA ASP C 44 13.09 -2.95 -35.99
C ASP C 44 11.78 -3.65 -35.62
N MET C 45 10.70 -3.37 -36.35
CA MET C 45 9.43 -4.03 -36.05
C MET C 45 9.54 -5.51 -36.40
N LEU C 46 10.21 -5.83 -37.52
CA LEU C 46 10.39 -7.22 -37.90
C LEU C 46 11.25 -7.94 -36.86
N ALA C 47 12.29 -7.26 -36.39
CA ALA C 47 13.16 -7.85 -35.39
C ALA C 47 12.38 -8.15 -34.10
N ALA C 48 11.55 -7.20 -33.68
CA ALA C 48 10.75 -7.36 -32.48
C ALA C 48 9.77 -8.53 -32.64
N ARG C 49 9.13 -8.60 -33.80
CA ARG C 49 8.17 -9.68 -34.08
C ARG C 49 8.87 -11.02 -34.07
N MET C 50 10.04 -11.09 -34.70
CA MET C 50 10.78 -12.34 -34.75
C MET C 50 11.36 -12.73 -33.39
N LEU C 51 11.65 -11.72 -32.56
CA LEU C 51 12.16 -12.00 -31.23
C LEU C 51 11.01 -12.66 -30.47
N ASP C 52 9.81 -12.14 -30.65
CA ASP C 52 8.63 -12.66 -29.99
C ASP C 52 8.36 -14.10 -30.42
N GLU C 53 8.55 -14.40 -31.70
CA GLU C 53 8.33 -15.75 -32.19
C GLU C 53 9.42 -16.70 -31.69
N ARG C 54 10.62 -16.18 -31.45
CA ARG C 54 11.70 -17.01 -30.92
C ARG C 54 11.38 -17.35 -29.46
N TYR C 55 10.75 -16.41 -28.76
CA TYR C 55 10.37 -16.62 -27.36
C TYR C 55 9.39 -17.78 -27.28
N THR C 56 8.48 -17.84 -28.24
CA THR C 56 7.49 -18.92 -28.28
C THR C 56 8.21 -20.26 -28.36
N ILE C 57 9.27 -20.30 -29.16
CA ILE C 57 10.05 -21.51 -29.32
C ILE C 57 10.80 -21.86 -28.02
N LEU C 58 11.30 -20.84 -27.33
CA LEU C 58 12.02 -21.06 -26.08
C LEU C 58 11.11 -21.73 -25.04
N ILE C 59 9.82 -21.40 -25.09
CA ILE C 59 8.85 -21.99 -24.17
C ILE C 59 8.66 -23.46 -24.55
N ARG C 60 8.43 -23.71 -25.84
CA ARG C 60 8.24 -25.06 -26.35
C ARG C 60 9.38 -26.00 -26.00
N THR C 61 10.61 -25.48 -26.03
CA THR C 61 11.77 -26.32 -25.73
C THR C 61 12.17 -26.26 -24.26
N GLY C 62 11.44 -25.47 -23.47
CA GLY C 62 11.74 -25.35 -22.06
C GLY C 62 12.97 -24.50 -21.73
N LYS C 63 13.51 -23.78 -22.69
CA LYS C 63 14.67 -22.92 -22.44
C LYS C 63 14.31 -21.78 -21.50
N THR C 64 13.06 -21.35 -21.55
CA THR C 64 12.59 -20.31 -20.65
C THR C 64 11.27 -20.79 -20.05
N SER C 65 10.93 -20.32 -18.86
CA SER C 65 9.72 -20.76 -18.18
C SER C 65 8.53 -19.83 -18.33
N PHE C 66 8.76 -18.65 -18.89
CA PHE C 66 7.66 -17.69 -19.00
C PHE C 66 7.92 -16.64 -20.08
N ILE C 67 6.88 -16.30 -20.84
CA ILE C 67 6.99 -15.26 -21.85
C ILE C 67 5.70 -14.45 -21.85
N ALA C 68 5.80 -13.19 -22.28
CA ALA C 68 4.66 -12.30 -22.37
C ALA C 68 4.62 -11.83 -23.83
N PRO C 69 3.87 -12.53 -24.69
CA PRO C 69 3.76 -12.20 -26.11
C PRO C 69 3.50 -10.73 -26.39
N ALA C 70 4.39 -10.11 -27.16
CA ALA C 70 4.25 -8.70 -27.50
C ALA C 70 3.83 -8.50 -28.95
N ALA C 71 3.54 -9.59 -29.64
CA ALA C 71 3.12 -9.50 -31.03
C ALA C 71 1.88 -8.61 -31.10
N GLY C 72 1.96 -7.57 -31.91
CA GLY C 72 0.85 -6.63 -32.03
C GLY C 72 1.21 -5.28 -31.43
N HIS C 73 2.25 -5.27 -30.60
CA HIS C 73 2.74 -4.06 -29.95
C HIS C 73 3.96 -3.46 -30.65
N GLU C 74 4.43 -4.08 -31.73
CA GLU C 74 5.63 -3.61 -32.43
C GLU C 74 5.69 -2.15 -32.88
N ALA C 75 4.61 -1.64 -33.47
CA ALA C 75 4.60 -0.25 -33.92
C ALA C 75 4.78 0.69 -32.75
N ALA C 76 4.09 0.40 -31.65
CA ALA C 76 4.17 1.22 -30.45
C ALA C 76 5.56 1.19 -29.82
N GLN C 77 6.07 -0.01 -29.58
CA GLN C 77 7.37 -0.16 -28.95
C GLN C 77 8.54 0.36 -29.79
N VAL C 78 8.51 0.12 -31.09
CA VAL C 78 9.59 0.59 -31.95
C VAL C 78 9.53 2.12 -32.08
N ALA C 79 8.32 2.66 -32.16
CA ALA C 79 8.15 4.11 -32.27
C ALA C 79 8.72 4.79 -31.04
N ILE C 80 8.46 4.23 -29.86
CA ILE C 80 8.95 4.81 -28.61
C ILE C 80 10.48 4.81 -28.55
N ALA C 81 11.10 3.71 -28.94
CA ALA C 81 12.55 3.61 -28.92
C ALA C 81 13.21 4.65 -29.82
N HIS C 82 12.53 5.01 -30.90
CA HIS C 82 13.08 5.99 -31.85
C HIS C 82 12.72 7.44 -31.55
N ALA C 83 11.72 7.66 -30.69
CA ALA C 83 11.31 9.02 -30.35
C ALA C 83 12.20 9.62 -29.25
N ILE C 84 12.96 8.77 -28.57
CA ILE C 84 13.85 9.23 -27.50
C ILE C 84 15.30 9.07 -27.93
N ARG C 85 16.22 9.44 -27.05
CA ARG C 85 17.65 9.32 -27.32
C ARG C 85 18.21 8.20 -26.46
N PRO C 86 18.38 7.01 -27.04
CA PRO C 86 18.92 5.86 -26.30
C PRO C 86 20.27 6.12 -25.65
N GLY C 87 20.38 5.75 -24.37
CA GLY C 87 21.63 5.96 -23.66
C GLY C 87 21.69 7.32 -22.99
N PHE C 88 20.71 8.17 -23.29
CA PHE C 88 20.64 9.50 -22.72
C PHE C 88 19.34 9.63 -21.92
N ASP C 89 18.21 9.47 -22.60
CA ASP C 89 16.92 9.53 -21.92
C ASP C 89 16.76 8.23 -21.14
N TRP C 90 15.81 8.20 -20.21
CA TRP C 90 15.56 7.02 -19.40
C TRP C 90 14.25 6.37 -19.80
N VAL C 91 14.18 5.06 -19.66
CA VAL C 91 12.98 4.31 -19.99
C VAL C 91 12.55 3.48 -18.78
N PHE C 92 11.27 3.59 -18.42
CA PHE C 92 10.71 2.82 -17.31
C PHE C 92 9.64 1.94 -17.96
N PRO C 93 10.05 0.76 -18.43
CA PRO C 93 9.19 -0.23 -19.09
C PRO C 93 8.54 -1.24 -18.17
N TYR C 94 7.71 -2.10 -18.77
CA TYR C 94 7.10 -3.18 -18.02
C TYR C 94 7.44 -4.48 -18.76
N TYR C 95 6.99 -5.61 -18.22
CA TYR C 95 7.33 -6.93 -18.78
C TYR C 95 7.08 -7.24 -20.26
N ARG C 96 6.10 -6.59 -20.89
CA ARG C 96 5.84 -6.90 -22.29
C ARG C 96 6.66 -6.06 -23.28
N ASP C 97 7.58 -5.25 -22.78
CA ASP C 97 8.38 -4.39 -23.65
C ASP C 97 9.68 -4.92 -24.23
N HIS C 98 9.80 -6.23 -24.46
CA HIS C 98 11.06 -6.71 -25.02
C HIS C 98 11.33 -6.16 -26.43
N GLY C 99 10.26 -5.82 -27.15
CA GLY C 99 10.43 -5.25 -28.48
C GLY C 99 11.07 -3.88 -28.37
N LEU C 100 10.60 -3.12 -27.38
CA LEU C 100 11.13 -1.79 -27.12
C LEU C 100 12.58 -1.91 -26.65
N ALA C 101 12.85 -2.89 -25.80
CA ALA C 101 14.21 -3.11 -25.31
C ALA C 101 15.15 -3.39 -26.49
N LEU C 102 14.72 -4.24 -27.41
CA LEU C 102 15.54 -4.58 -28.56
C LEU C 102 15.80 -3.36 -29.46
N ALA C 103 14.74 -2.63 -29.78
CA ALA C 103 14.88 -1.45 -30.63
C ALA C 103 15.72 -0.36 -29.96
N LEU C 104 15.75 -0.36 -28.64
CA LEU C 104 16.52 0.64 -27.90
C LEU C 104 18.01 0.36 -28.01
N GLY C 105 18.36 -0.89 -28.31
CA GLY C 105 19.77 -1.25 -28.45
C GLY C 105 20.30 -2.26 -27.45
N ILE C 106 19.44 -2.75 -26.57
CA ILE C 106 19.89 -3.74 -25.59
C ILE C 106 20.26 -5.01 -26.35
N PRO C 107 21.49 -5.50 -26.16
CA PRO C 107 22.00 -6.71 -26.84
C PRO C 107 21.10 -7.93 -26.65
N LEU C 108 20.91 -8.71 -27.71
CA LEU C 108 20.09 -9.90 -27.63
C LEU C 108 20.67 -10.83 -26.56
N LYS C 109 21.98 -10.80 -26.41
CA LYS C 109 22.67 -11.62 -25.43
C LYS C 109 22.11 -11.34 -24.02
N GLU C 110 21.92 -10.07 -23.70
CA GLU C 110 21.40 -9.69 -22.39
C GLU C 110 19.91 -10.01 -22.23
N LEU C 111 19.14 -9.79 -23.29
CA LEU C 111 17.71 -10.06 -23.24
C LEU C 111 17.48 -11.57 -23.09
N LEU C 112 18.15 -12.35 -23.93
CA LEU C 112 18.02 -13.80 -23.88
C LEU C 112 18.68 -14.36 -22.61
N GLY C 113 19.73 -13.69 -22.15
CA GLY C 113 20.39 -14.13 -20.94
C GLY C 113 19.42 -14.04 -19.77
N GLN C 114 18.62 -12.99 -19.74
CA GLN C 114 17.64 -12.78 -18.67
C GLN C 114 16.51 -13.80 -18.80
N MET C 115 16.10 -14.10 -20.03
CA MET C 115 15.05 -15.08 -20.26
C MET C 115 15.48 -16.48 -19.82
N LEU C 116 16.76 -16.79 -19.99
CA LEU C 116 17.31 -18.10 -19.63
C LEU C 116 17.98 -18.15 -18.27
N ALA C 117 18.12 -16.99 -17.63
CA ALA C 117 18.76 -16.89 -16.32
C ALA C 117 20.22 -17.37 -16.34
N THR C 118 20.97 -16.93 -17.33
CA THR C 118 22.38 -17.31 -17.41
C THR C 118 23.22 -16.09 -16.99
N LYS C 119 24.53 -16.27 -16.89
CA LYS C 119 25.41 -15.18 -16.49
C LYS C 119 25.43 -14.04 -17.52
N ALA C 120 24.78 -14.25 -18.66
CA ALA C 120 24.73 -13.21 -19.69
C ALA C 120 23.74 -12.13 -19.25
N ASP C 121 22.88 -12.47 -18.30
CA ASP C 121 21.91 -11.51 -17.78
C ASP C 121 22.59 -10.54 -16.84
N PRO C 122 22.61 -9.23 -17.19
CA PRO C 122 23.27 -8.29 -16.29
C PRO C 122 22.48 -8.19 -14.97
N ASN C 123 21.26 -8.71 -14.98
CA ASN C 123 20.41 -8.72 -13.80
C ASN C 123 20.62 -10.00 -12.99
N LYS C 124 21.65 -10.75 -13.38
CA LYS C 124 22.06 -11.99 -12.70
C LYS C 124 21.04 -13.09 -12.44
N GLY C 125 20.07 -13.24 -13.34
CA GLY C 125 19.07 -14.29 -13.16
C GLY C 125 18.28 -14.19 -11.87
N ARG C 126 18.18 -12.98 -11.34
CA ARG C 126 17.47 -12.73 -10.09
C ARG C 126 15.96 -12.83 -10.22
N GLN C 127 15.42 -12.49 -11.38
CA GLN C 127 13.97 -12.52 -11.58
C GLN C 127 13.48 -13.48 -12.65
N MET C 128 12.16 -13.68 -12.71
CA MET C 128 11.63 -14.56 -13.73
C MET C 128 11.78 -13.87 -15.08
N PRO C 129 11.66 -14.63 -16.17
CA PRO C 129 11.78 -14.09 -17.52
C PRO C 129 10.91 -12.86 -17.75
N GLU C 130 11.25 -12.09 -18.79
CA GLU C 130 10.53 -10.88 -19.16
C GLU C 130 10.74 -9.75 -18.15
N HIS C 131 11.88 -9.79 -17.45
CA HIS C 131 12.22 -8.74 -16.50
C HIS C 131 13.60 -8.16 -16.83
N PRO C 132 13.80 -7.72 -18.08
CA PRO C 132 15.09 -7.15 -18.49
C PRO C 132 15.39 -5.82 -17.80
N GLY C 133 16.63 -5.38 -17.92
CA GLY C 133 17.05 -4.12 -17.32
C GLY C 133 18.47 -3.83 -17.75
N SER C 134 18.77 -2.56 -18.02
CA SER C 134 20.10 -2.18 -18.47
C SER C 134 20.55 -0.82 -17.97
N LYS C 135 21.63 -0.82 -17.20
CA LYS C 135 22.21 0.41 -16.68
C LYS C 135 22.72 1.24 -17.85
N ALA C 136 23.43 0.58 -18.76
CA ALA C 136 24.02 1.25 -19.91
C ALA C 136 23.00 2.01 -20.77
N LEU C 137 21.81 1.46 -20.93
CA LEU C 137 20.80 2.13 -21.75
C LEU C 137 19.67 2.74 -20.93
N ASN C 138 19.93 3.00 -19.65
CA ASN C 138 18.97 3.60 -18.74
C ASN C 138 17.60 2.95 -18.85
N PHE C 139 17.59 1.62 -18.90
CA PHE C 139 16.37 0.82 -19.02
C PHE C 139 16.12 0.26 -17.61
N PHE C 140 15.39 1.03 -16.81
CA PHE C 140 15.09 0.68 -15.41
C PHE C 140 14.52 -0.73 -15.29
N THR C 141 15.26 -1.62 -14.62
CA THR C 141 14.86 -3.01 -14.48
C THR C 141 13.40 -3.22 -14.12
N VAL C 142 12.72 -4.00 -14.97
CA VAL C 142 11.32 -4.32 -14.82
C VAL C 142 11.00 -4.90 -13.44
N ALA C 143 9.86 -4.48 -12.87
CA ALA C 143 9.39 -4.98 -11.59
C ALA C 143 8.02 -5.57 -11.91
N SER C 144 7.64 -6.65 -11.23
CA SER C 144 6.37 -7.31 -11.51
C SER C 144 5.08 -6.57 -11.18
N PRO C 145 4.98 -5.98 -9.98
CA PRO C 145 3.75 -5.27 -9.63
C PRO C 145 3.33 -4.18 -10.62
N ILE C 146 2.14 -4.37 -11.19
CA ILE C 146 1.58 -3.45 -12.16
C ILE C 146 1.60 -1.99 -11.69
N ALA C 147 2.14 -1.12 -12.56
CA ALA C 147 2.25 0.31 -12.30
C ALA C 147 3.24 0.73 -11.21
N SER C 148 3.91 -0.21 -10.57
CA SER C 148 4.83 0.15 -9.49
C SER C 148 6.00 1.02 -9.96
N HIS C 149 6.27 0.99 -11.27
CA HIS C 149 7.37 1.78 -11.82
C HIS C 149 6.96 3.20 -12.22
N VAL C 150 5.69 3.55 -12.06
CA VAL C 150 5.24 4.88 -12.42
C VAL C 150 5.76 5.96 -11.46
N PRO C 151 5.61 5.76 -10.13
CA PRO C 151 6.16 6.81 -9.25
C PRO C 151 7.68 6.98 -9.44
N PRO C 152 8.42 5.87 -9.59
CA PRO C 152 9.88 5.97 -9.78
C PRO C 152 10.20 6.78 -11.04
N ALA C 153 9.43 6.56 -12.11
CA ALA C 153 9.63 7.29 -13.36
C ALA C 153 9.45 8.78 -13.11
N ALA C 154 8.44 9.13 -12.33
CA ALA C 154 8.17 10.52 -12.00
C ALA C 154 9.35 11.11 -11.23
N GLY C 155 9.91 10.31 -10.32
CA GLY C 155 11.04 10.76 -9.53
C GLY C 155 12.30 11.01 -10.34
N ALA C 156 12.60 10.11 -11.29
CA ALA C 156 13.78 10.28 -12.12
C ALA C 156 13.60 11.55 -12.95
N ALA C 157 12.39 11.78 -13.44
CA ALA C 157 12.10 12.97 -14.23
C ALA C 157 12.32 14.22 -13.38
N ILE C 158 11.88 14.17 -12.13
CA ILE C 158 12.06 15.31 -11.22
C ILE C 158 13.55 15.56 -11.03
N SER C 159 14.32 14.48 -10.93
CA SER C 159 15.77 14.59 -10.76
C SER C 159 16.40 15.22 -12.00
N MET C 160 15.93 14.81 -13.18
CA MET C 160 16.45 15.36 -14.43
C MET C 160 16.19 16.87 -14.46
N LYS C 161 15.01 17.27 -13.97
CA LYS C 161 14.65 18.68 -13.94
C LYS C 161 15.51 19.47 -12.96
N LEU C 162 15.67 18.94 -11.74
CA LEU C 162 16.45 19.62 -10.72
C LEU C 162 17.93 19.71 -11.11
N LEU C 163 18.47 18.66 -11.71
CA LEU C 163 19.87 18.63 -12.11
C LEU C 163 20.10 19.25 -13.50
N ARG C 164 19.00 19.61 -14.17
CA ARG C 164 19.03 20.22 -15.50
C ARG C 164 19.89 19.44 -16.50
N THR C 165 19.63 18.14 -16.57
CA THR C 165 20.38 17.26 -17.47
C THR C 165 19.88 17.33 -18.91
N GLY C 166 18.67 17.83 -19.10
CA GLY C 166 18.13 17.92 -20.45
C GLY C 166 17.55 16.59 -20.90
N GLN C 167 17.49 15.63 -20.00
CA GLN C 167 16.96 14.30 -20.31
C GLN C 167 15.45 14.24 -20.13
N VAL C 168 14.87 13.15 -20.61
CA VAL C 168 13.44 12.91 -20.48
C VAL C 168 13.30 11.47 -20.04
N ALA C 169 12.25 11.19 -19.28
CA ALA C 169 11.98 9.84 -18.81
C ALA C 169 10.66 9.38 -19.44
N VAL C 170 10.68 8.26 -20.15
CA VAL C 170 9.45 7.75 -20.73
C VAL C 170 9.06 6.54 -19.89
N CYS C 171 7.77 6.42 -19.63
CA CYS C 171 7.25 5.33 -18.81
C CYS C 171 6.11 4.63 -19.55
N THR C 172 6.30 3.34 -19.82
CA THR C 172 5.30 2.56 -20.55
C THR C 172 4.57 1.59 -19.63
N PHE C 173 3.31 1.32 -19.95
CA PHE C 173 2.47 0.43 -19.14
C PHE C 173 1.23 0.07 -19.96
N GLY C 174 0.51 -0.96 -19.52
CA GLY C 174 -0.68 -1.38 -20.23
C GLY C 174 -1.94 -0.71 -19.72
N ASP C 175 -3.09 -1.06 -20.31
CA ASP C 175 -4.36 -0.46 -19.91
C ASP C 175 -4.74 -0.80 -18.47
N GLY C 176 -4.48 -2.04 -18.05
CA GLY C 176 -4.81 -2.43 -16.69
C GLY C 176 -4.08 -1.61 -15.65
N ALA C 177 -2.84 -1.23 -15.96
CA ALA C 177 -2.02 -0.43 -15.05
C ALA C 177 -2.66 0.90 -14.68
N THR C 178 -3.50 1.44 -15.56
CA THR C 178 -4.12 2.73 -15.30
C THR C 178 -5.16 2.69 -14.19
N SER C 179 -5.49 1.50 -13.70
CA SER C 179 -6.47 1.35 -12.63
C SER C 179 -5.83 1.36 -11.24
N GLU C 180 -4.51 1.19 -11.19
CA GLU C 180 -3.79 1.16 -9.92
C GLU C 180 -3.61 2.56 -9.31
N GLY C 181 -3.73 2.63 -7.98
CA GLY C 181 -3.57 3.91 -7.31
C GLY C 181 -2.20 4.54 -7.54
N ASP C 182 -1.15 3.72 -7.57
CA ASP C 182 0.21 4.25 -7.77
C ASP C 182 0.40 4.88 -9.14
N TRP C 183 -0.36 4.41 -10.13
CA TRP C 183 -0.30 4.97 -11.47
C TRP C 183 -0.72 6.43 -11.36
N TYR C 184 -1.92 6.64 -10.80
CA TYR C 184 -2.47 7.96 -10.62
C TYR C 184 -1.61 8.85 -9.72
N ALA C 185 -1.20 8.32 -8.57
CA ALA C 185 -0.40 9.08 -7.62
C ALA C 185 0.92 9.55 -8.21
N GLY C 186 1.58 8.67 -8.96
CA GLY C 186 2.85 9.02 -9.56
C GLY C 186 2.75 10.10 -10.62
N ILE C 187 1.80 9.95 -11.54
CA ILE C 187 1.63 10.94 -12.60
C ILE C 187 1.22 12.30 -12.04
N ASN C 188 0.38 12.28 -11.01
CA ASN C 188 -0.09 13.52 -10.37
C ASN C 188 1.10 14.34 -9.85
N PHE C 189 2.05 13.67 -9.21
CA PHE C 189 3.22 14.35 -8.67
C PHE C 189 4.09 14.89 -9.80
N ALA C 190 4.26 14.08 -10.85
CA ALA C 190 5.07 14.50 -11.99
C ALA C 190 4.45 15.72 -12.64
N ALA C 191 3.12 15.74 -12.73
CA ALA C 191 2.41 16.85 -13.35
C ALA C 191 2.56 18.13 -12.52
N VAL C 192 2.42 18.01 -11.21
CA VAL C 192 2.53 19.17 -10.32
C VAL C 192 3.91 19.80 -10.45
N GLN C 193 4.94 18.95 -10.52
CA GLN C 193 6.32 19.43 -10.64
C GLN C 193 6.70 19.80 -12.06
N GLY C 194 5.81 19.58 -13.01
CA GLY C 194 6.12 19.89 -14.40
C GLY C 194 7.37 19.13 -14.83
N ALA C 195 7.50 17.90 -14.36
CA ALA C 195 8.66 17.07 -14.66
C ALA C 195 8.67 16.53 -16.10
N PRO C 196 9.87 16.39 -16.69
CA PRO C 196 10.05 15.90 -18.05
C PRO C 196 9.83 14.39 -18.15
N ALA C 197 8.57 13.97 -18.04
CA ALA C 197 8.21 12.56 -18.11
C ALA C 197 7.05 12.38 -19.08
N VAL C 198 7.12 11.35 -19.90
CA VAL C 198 6.04 11.05 -20.84
C VAL C 198 5.50 9.68 -20.46
N PHE C 199 4.21 9.64 -20.14
CA PHE C 199 3.55 8.40 -19.74
C PHE C 199 2.80 7.85 -20.94
N ILE C 200 3.16 6.63 -21.33
CA ILE C 200 2.60 6.01 -22.51
C ILE C 200 1.88 4.69 -22.24
N ALA C 201 0.61 4.63 -22.60
CA ALA C 201 -0.17 3.42 -22.42
C ALA C 201 -0.19 2.58 -23.68
N GLU C 202 0.17 1.30 -23.54
CA GLU C 202 0.12 0.37 -24.64
C GLU C 202 -1.19 -0.35 -24.34
N ASN C 203 -2.28 0.26 -24.81
CA ASN C 203 -3.62 -0.27 -24.56
C ASN C 203 -4.01 -1.36 -25.53
N ASN C 204 -4.02 -2.60 -25.05
CA ASN C 204 -4.43 -3.72 -25.90
C ASN C 204 -5.84 -4.19 -25.52
N PHE C 205 -6.54 -3.36 -24.77
CA PHE C 205 -7.93 -3.61 -24.35
C PHE C 205 -8.18 -4.77 -23.39
N TYR C 206 -7.11 -5.35 -22.85
CA TYR C 206 -7.24 -6.45 -21.89
C TYR C 206 -6.15 -6.42 -20.84
N ALA C 207 -6.49 -6.86 -19.64
CA ALA C 207 -5.55 -6.98 -18.52
C ALA C 207 -5.77 -8.47 -18.24
N ILE C 208 -5.00 -9.30 -18.93
CA ILE C 208 -5.14 -10.75 -18.88
C ILE C 208 -6.50 -11.05 -19.53
N SER C 209 -7.54 -11.30 -18.72
CA SER C 209 -8.86 -11.58 -19.29
C SER C 209 -9.89 -10.47 -19.06
N VAL C 210 -9.57 -9.52 -18.20
CA VAL C 210 -10.49 -8.43 -17.92
C VAL C 210 -10.42 -7.41 -19.05
N ASP C 211 -11.53 -7.22 -19.76
CA ASP C 211 -11.54 -6.28 -20.87
C ASP C 211 -11.66 -4.82 -20.42
N TYR C 212 -11.34 -3.90 -21.34
CA TYR C 212 -11.37 -2.47 -21.05
C TYR C 212 -12.65 -2.00 -20.35
N ARG C 213 -13.79 -2.51 -20.83
CA ARG C 213 -15.09 -2.15 -20.29
C ARG C 213 -15.19 -2.42 -18.78
N HIS C 214 -14.53 -3.49 -18.32
CA HIS C 214 -14.56 -3.83 -16.90
C HIS C 214 -13.33 -3.29 -16.18
N GLN C 215 -12.48 -2.58 -16.91
CA GLN C 215 -11.27 -2.01 -16.35
C GLN C 215 -11.48 -0.58 -15.87
N THR C 216 -12.15 0.22 -16.69
CA THR C 216 -12.40 1.60 -16.33
C THR C 216 -13.62 2.11 -17.09
N HIS C 217 -14.27 3.13 -16.54
CA HIS C 217 -15.46 3.71 -17.16
C HIS C 217 -15.15 4.93 -18.05
N SER C 218 -13.92 5.41 -18.04
CA SER C 218 -13.58 6.53 -18.91
C SER C 218 -13.53 5.96 -20.33
N PRO C 219 -14.14 6.66 -21.31
CA PRO C 219 -14.14 6.17 -22.69
C PRO C 219 -12.75 5.87 -23.24
N THR C 220 -11.74 6.61 -22.77
CA THR C 220 -10.37 6.39 -23.21
C THR C 220 -9.43 6.60 -22.05
N ILE C 221 -8.18 6.18 -22.23
CA ILE C 221 -7.17 6.37 -21.21
C ILE C 221 -6.66 7.80 -21.36
N ALA C 222 -6.63 8.29 -22.59
CA ALA C 222 -6.17 9.65 -22.86
C ALA C 222 -6.99 10.65 -22.04
N ASP C 223 -8.29 10.39 -21.88
CA ASP C 223 -9.18 11.26 -21.12
C ASP C 223 -8.72 11.42 -19.66
N LYS C 224 -8.04 10.42 -19.14
CA LYS C 224 -7.57 10.47 -17.76
C LYS C 224 -6.59 11.62 -17.55
N ALA C 225 -6.00 12.12 -18.63
CA ALA C 225 -5.04 13.22 -18.53
C ALA C 225 -5.67 14.46 -17.92
N HIS C 226 -6.98 14.61 -18.04
CA HIS C 226 -7.69 15.76 -17.49
C HIS C 226 -7.54 15.84 -15.98
N ALA C 227 -7.37 14.68 -15.34
CA ALA C 227 -7.23 14.62 -13.90
C ALA C 227 -5.89 15.17 -13.40
N PHE C 228 -4.98 15.41 -14.34
CA PHE C 228 -3.65 15.94 -14.01
C PHE C 228 -3.43 17.30 -14.67
N GLY C 229 -4.36 17.73 -15.50
CA GLY C 229 -4.20 19.00 -16.18
C GLY C 229 -3.08 18.97 -17.20
N ILE C 230 -2.81 17.79 -17.75
CA ILE C 230 -1.76 17.65 -18.76
C ILE C 230 -2.40 17.18 -20.06
N PRO C 231 -1.69 17.36 -21.19
CA PRO C 231 -2.25 16.92 -22.46
C PRO C 231 -2.38 15.40 -22.58
N GLY C 232 -3.46 14.97 -23.22
CA GLY C 232 -3.71 13.55 -23.42
C GLY C 232 -3.91 13.30 -24.90
N TYR C 233 -3.32 12.23 -25.43
CA TYR C 233 -3.41 11.92 -26.85
C TYR C 233 -3.92 10.51 -27.11
N LEU C 234 -4.86 10.40 -28.06
CA LEU C 234 -5.41 9.12 -28.46
C LEU C 234 -4.77 8.81 -29.81
N VAL C 235 -3.99 7.74 -29.85
CA VAL C 235 -3.26 7.38 -31.06
C VAL C 235 -3.50 5.94 -31.54
N ASP C 236 -3.39 5.75 -32.85
CA ASP C 236 -3.53 4.44 -33.46
C ASP C 236 -2.16 3.77 -33.23
N GLY C 237 -2.08 2.90 -32.24
CA GLY C 237 -0.83 2.22 -31.92
C GLY C 237 -0.33 1.18 -32.91
N MET C 238 -1.11 0.92 -33.96
CA MET C 238 -0.71 -0.04 -34.99
C MET C 238 -0.10 0.74 -36.15
N ASP C 239 -0.01 2.05 -35.97
CA ASP C 239 0.53 2.99 -36.96
C ASP C 239 1.88 3.45 -36.39
N VAL C 240 2.97 2.92 -36.92
CA VAL C 240 4.29 3.27 -36.42
C VAL C 240 4.63 4.76 -36.58
N LEU C 241 4.13 5.39 -37.63
CA LEU C 241 4.42 6.81 -37.83
C LEU C 241 3.61 7.70 -36.89
N ALA C 242 2.33 7.41 -36.73
CA ALA C 242 1.49 8.19 -35.82
C ALA C 242 2.05 8.06 -34.40
N SER C 243 2.42 6.84 -34.03
CA SER C 243 2.97 6.59 -32.69
C SER C 243 4.28 7.35 -32.49
N TYR C 244 5.15 7.28 -33.49
CA TYR C 244 6.43 7.96 -33.44
C TYR C 244 6.29 9.48 -33.31
N TYR C 245 5.53 10.09 -34.21
CA TYR C 245 5.35 11.54 -34.20
C TYR C 245 4.66 12.10 -32.95
N VAL C 246 3.62 11.42 -32.46
CA VAL C 246 2.95 11.91 -31.26
C VAL C 246 3.86 11.76 -30.04
N VAL C 247 4.47 10.59 -29.86
CA VAL C 247 5.35 10.40 -28.71
C VAL C 247 6.53 11.36 -28.81
N LYS C 248 7.01 11.58 -30.03
CA LYS C 248 8.12 12.50 -30.27
C LYS C 248 7.73 13.90 -29.81
N GLU C 249 6.53 14.32 -30.17
CA GLU C 249 6.04 15.64 -29.77
C GLU C 249 6.00 15.75 -28.24
N ALA C 250 5.46 14.73 -27.59
CA ALA C 250 5.36 14.73 -26.13
C ALA C 250 6.75 14.79 -25.51
N VAL C 251 7.68 14.04 -26.08
CA VAL C 251 9.05 14.02 -25.58
C VAL C 251 9.68 15.41 -25.70
N GLU C 252 9.50 16.07 -26.85
CA GLU C 252 10.06 17.39 -27.06
C GLU C 252 9.46 18.40 -26.10
N ARG C 253 8.16 18.26 -25.84
CA ARG C 253 7.47 19.14 -24.92
C ARG C 253 8.09 18.98 -23.53
N ALA C 254 8.29 17.72 -23.14
CA ALA C 254 8.90 17.44 -21.85
C ALA C 254 10.32 17.98 -21.78
N ARG C 255 11.10 17.73 -22.84
CA ARG C 255 12.49 18.17 -22.86
C ARG C 255 12.66 19.69 -22.76
N ARG C 256 11.73 20.45 -23.31
CA ARG C 256 11.84 21.91 -23.26
C ARG C 256 11.26 22.48 -21.96
N GLY C 257 10.88 21.61 -21.04
CA GLY C 257 10.35 22.03 -19.76
C GLY C 257 8.86 22.32 -19.65
N GLU C 258 8.06 21.81 -20.58
CA GLU C 258 6.63 22.06 -20.53
C GLU C 258 5.82 21.01 -19.76
N GLY C 259 6.51 20.10 -19.09
CA GLY C 259 5.80 19.11 -18.29
C GLY C 259 5.41 17.82 -18.98
N PRO C 260 4.81 16.89 -18.24
CA PRO C 260 4.37 15.59 -18.75
C PRO C 260 3.15 15.57 -19.68
N SER C 261 2.97 14.44 -20.34
CA SER C 261 1.85 14.19 -21.25
C SER C 261 1.46 12.73 -21.06
N LEU C 262 0.24 12.38 -21.45
CA LEU C 262 -0.22 11.00 -21.36
C LEU C 262 -0.59 10.61 -22.79
N VAL C 263 0.12 9.62 -23.33
CA VAL C 263 -0.12 9.16 -24.70
C VAL C 263 -0.70 7.75 -24.70
N GLU C 264 -1.87 7.60 -25.30
CA GLU C 264 -2.50 6.28 -25.38
C GLU C 264 -2.28 5.70 -26.76
N LEU C 265 -1.57 4.58 -26.83
CA LEU C 265 -1.30 3.93 -28.10
C LEU C 265 -2.20 2.69 -28.14
N ARG C 266 -3.24 2.74 -28.98
CA ARG C 266 -4.16 1.62 -29.09
C ARG C 266 -3.55 0.54 -29.95
N VAL C 267 -3.33 -0.63 -29.34
CA VAL C 267 -2.75 -1.78 -30.02
C VAL C 267 -3.58 -3.02 -29.75
N TYR C 268 -3.08 -4.19 -30.13
CA TYR C 268 -3.77 -5.44 -29.87
C TYR C 268 -2.75 -6.52 -29.49
N ARG C 269 -3.12 -7.37 -28.54
CA ARG C 269 -2.26 -8.45 -28.07
C ARG C 269 -2.64 -9.71 -28.86
N TYR C 270 -1.90 -10.02 -29.91
CA TYR C 270 -2.20 -11.19 -30.73
C TYR C 270 -2.04 -12.53 -30.02
N GLY C 271 -1.05 -12.64 -29.15
CA GLY C 271 -0.85 -13.89 -28.44
C GLY C 271 -1.64 -13.92 -27.16
N PRO C 272 -1.53 -14.98 -26.35
CA PRO C 272 -2.27 -15.03 -25.09
C PRO C 272 -1.62 -14.03 -24.13
N HIS C 273 -2.22 -13.80 -22.97
CA HIS C 273 -1.64 -12.85 -22.02
C HIS C 273 -0.20 -13.24 -21.73
N SER C 274 0.03 -14.54 -21.55
CA SER C 274 1.36 -15.07 -21.28
C SER C 274 1.34 -16.58 -21.52
N SER C 275 2.50 -17.20 -21.37
CA SER C 275 2.63 -18.64 -21.56
C SER C 275 1.82 -19.42 -20.53
N ALA C 276 1.38 -18.74 -19.47
CA ALA C 276 0.59 -19.38 -18.43
C ALA C 276 -0.90 -19.14 -18.64
N ASP C 277 -1.24 -18.37 -19.67
CA ASP C 277 -2.63 -18.02 -19.97
C ASP C 277 -3.27 -18.86 -21.09
N ASP C 278 -4.57 -18.66 -21.29
CA ASP C 278 -5.33 -19.34 -22.32
C ASP C 278 -6.32 -18.34 -22.94
N ASP C 279 -5.79 -17.45 -23.76
CA ASP C 279 -6.59 -16.40 -24.42
C ASP C 279 -7.83 -16.95 -25.12
N SER C 280 -7.66 -18.05 -25.84
CA SER C 280 -8.77 -18.67 -26.55
C SER C 280 -9.73 -19.30 -25.54
N ARG C 281 -10.41 -18.45 -24.79
CA ARG C 281 -11.36 -18.91 -23.78
C ARG C 281 -12.16 -17.73 -23.24
N TYR C 282 -11.70 -16.51 -23.54
CA TYR C 282 -12.40 -15.32 -23.06
C TYR C 282 -12.46 -14.18 -24.10
N ARG C 283 -11.88 -14.40 -25.27
CA ARG C 283 -11.90 -13.39 -26.33
C ARG C 283 -12.60 -13.91 -27.59
N PRO C 284 -13.57 -13.14 -28.11
CA PRO C 284 -14.31 -13.55 -29.32
C PRO C 284 -13.38 -13.69 -30.52
N LYS C 285 -13.53 -14.80 -31.25
CA LYS C 285 -12.71 -15.07 -32.42
C LYS C 285 -12.82 -13.98 -33.48
N GLU C 286 -14.02 -13.43 -33.65
CA GLU C 286 -14.23 -12.37 -34.64
C GLU C 286 -13.34 -11.18 -34.34
N GLU C 287 -13.23 -10.84 -33.06
CA GLU C 287 -12.43 -9.71 -32.63
C GLU C 287 -10.95 -9.93 -32.96
N VAL C 288 -10.42 -11.07 -32.54
CA VAL C 288 -9.02 -11.40 -32.80
C VAL C 288 -8.72 -11.41 -34.30
N ALA C 289 -9.60 -12.06 -35.07
CA ALA C 289 -9.42 -12.13 -36.51
C ALA C 289 -9.46 -10.72 -37.09
N PHE C 290 -10.42 -9.93 -36.61
CA PHE C 290 -10.58 -8.56 -37.06
C PHE C 290 -9.32 -7.74 -36.84
N TRP C 291 -8.72 -7.86 -35.66
CA TRP C 291 -7.51 -7.11 -35.36
C TRP C 291 -6.23 -7.67 -36.01
N ARG C 292 -6.22 -8.96 -36.34
CA ARG C 292 -5.05 -9.55 -36.96
C ARG C 292 -4.85 -8.92 -38.33
N LYS C 293 -5.94 -8.39 -38.88
CA LYS C 293 -5.91 -7.74 -40.19
C LYS C 293 -5.36 -6.32 -40.05
N LYS C 294 -5.10 -5.91 -38.81
CA LYS C 294 -4.57 -4.57 -38.54
C LYS C 294 -3.10 -4.61 -38.13
N ASP C 295 -2.46 -5.76 -38.31
CA ASP C 295 -1.06 -5.97 -37.98
C ASP C 295 -0.22 -4.77 -38.46
N PRO C 296 0.54 -4.13 -37.55
CA PRO C 296 1.36 -2.98 -37.94
C PRO C 296 2.46 -3.26 -38.97
N ILE C 297 2.93 -4.50 -39.03
CA ILE C 297 4.00 -4.83 -39.97
C ILE C 297 3.54 -4.80 -41.43
N PRO C 298 2.49 -5.55 -41.79
CA PRO C 298 2.06 -5.50 -43.19
C PRO C 298 1.59 -4.09 -43.55
N ARG C 299 1.01 -3.40 -42.57
CA ARG C 299 0.51 -2.05 -42.79
C ARG C 299 1.62 -1.08 -43.17
N PHE C 300 2.74 -1.12 -42.47
CA PHE C 300 3.86 -0.23 -42.77
C PHE C 300 4.60 -0.73 -44.01
N ARG C 301 4.56 -2.04 -44.23
CA ARG C 301 5.19 -2.62 -45.40
C ARG C 301 4.56 -2.02 -46.65
N ARG C 302 3.24 -1.89 -46.64
CA ARG C 302 2.52 -1.31 -47.77
C ARG C 302 2.87 0.14 -47.97
N PHE C 303 3.12 0.85 -46.86
CA PHE C 303 3.49 2.25 -46.91
C PHE C 303 4.85 2.40 -47.59
N LEU C 304 5.79 1.53 -47.22
CA LEU C 304 7.13 1.56 -47.80
C LEU C 304 7.08 1.16 -49.27
N GLU C 305 6.36 0.08 -49.58
CA GLU C 305 6.26 -0.40 -50.95
C GLU C 305 5.78 0.67 -51.90
N ALA C 306 4.80 1.47 -51.48
CA ALA C 306 4.27 2.52 -52.33
C ALA C 306 5.31 3.62 -52.60
N ARG C 307 6.34 3.67 -51.78
CA ARG C 307 7.39 4.69 -51.92
C ARG C 307 8.70 4.14 -52.44
N GLY C 308 8.68 2.89 -52.90
CA GLY C 308 9.88 2.25 -53.43
C GLY C 308 10.89 1.90 -52.36
N LEU C 309 10.44 1.80 -51.12
CA LEU C 309 11.33 1.48 -50.01
C LEU C 309 11.21 0.04 -49.50
N TRP C 310 10.53 -0.80 -50.27
CA TRP C 310 10.36 -2.20 -49.90
C TRP C 310 10.15 -3.06 -51.13
N ASN C 311 10.68 -4.28 -51.07
CA ASN C 311 10.49 -5.27 -52.12
C ASN C 311 10.68 -6.63 -51.44
N GLU C 312 10.12 -7.66 -52.05
CA GLU C 312 10.19 -9.02 -51.52
C GLU C 312 11.62 -9.48 -51.21
N GLU C 313 12.57 -9.12 -52.06
CA GLU C 313 13.96 -9.52 -51.84
C GLU C 313 14.53 -8.93 -50.56
N TRP C 314 14.19 -7.67 -50.27
CA TRP C 314 14.68 -7.04 -49.05
C TRP C 314 14.05 -7.72 -47.84
N GLU C 315 12.78 -8.07 -47.96
CA GLU C 315 12.06 -8.76 -46.88
C GLU C 315 12.85 -10.02 -46.51
N GLU C 316 13.23 -10.78 -47.54
CA GLU C 316 14.00 -12.00 -47.35
C GLU C 316 15.33 -11.75 -46.66
N ASP C 317 16.11 -10.80 -47.18
CA ASP C 317 17.40 -10.49 -46.61
C ASP C 317 17.32 -10.02 -45.16
N VAL C 318 16.33 -9.18 -44.86
CA VAL C 318 16.16 -8.66 -43.51
C VAL C 318 15.80 -9.76 -42.51
N ARG C 319 14.84 -10.60 -42.88
CA ARG C 319 14.42 -11.69 -42.01
C ARG C 319 15.56 -12.66 -41.78
N GLU C 320 16.33 -12.95 -42.83
CA GLU C 320 17.45 -13.86 -42.71
C GLU C 320 18.53 -13.26 -41.80
N GLU C 321 18.72 -11.95 -41.90
CA GLU C 321 19.71 -11.26 -41.07
C GLU C 321 19.28 -11.32 -39.60
N ILE C 322 18.00 -11.09 -39.36
CA ILE C 322 17.47 -11.12 -38.00
C ILE C 322 17.57 -12.51 -37.40
N ARG C 323 17.26 -13.53 -38.19
CA ARG C 323 17.34 -14.91 -37.71
C ARG C 323 18.78 -15.22 -37.27
N ALA C 324 19.75 -14.75 -38.06
CA ALA C 324 21.16 -14.98 -37.75
C ALA C 324 21.52 -14.26 -36.46
N GLU C 325 20.96 -13.07 -36.27
CA GLU C 325 21.24 -12.30 -35.05
C GLU C 325 20.69 -13.04 -33.84
N LEU C 326 19.48 -13.59 -33.99
CA LEU C 326 18.86 -14.33 -32.90
C LEU C 326 19.68 -15.57 -32.55
N GLU C 327 20.15 -16.28 -33.57
CA GLU C 327 20.95 -17.48 -33.34
C GLU C 327 22.22 -17.14 -32.56
N ARG C 328 22.89 -16.09 -33.00
CA ARG C 328 24.13 -15.63 -32.37
C ARG C 328 23.87 -15.18 -30.93
N GLY C 329 22.80 -14.42 -30.73
CA GLY C 329 22.47 -13.95 -29.40
C GLY C 329 22.15 -15.08 -28.45
N LEU C 330 21.34 -16.03 -28.91
CA LEU C 330 20.97 -17.17 -28.08
C LEU C 330 22.21 -17.98 -27.72
N LYS C 331 23.09 -18.18 -28.69
CA LYS C 331 24.32 -18.94 -28.47
C LYS C 331 25.18 -18.30 -27.38
N GLU C 332 25.36 -16.99 -27.46
CA GLU C 332 26.16 -16.27 -26.48
C GLU C 332 25.51 -16.32 -25.10
N ALA C 333 24.19 -16.28 -25.05
CA ALA C 333 23.48 -16.32 -23.79
C ALA C 333 23.66 -17.66 -23.10
N GLU C 334 23.48 -18.75 -23.85
CA GLU C 334 23.62 -20.10 -23.30
C GLU C 334 25.07 -20.38 -22.94
N GLU C 335 25.96 -19.87 -23.76
CA GLU C 335 27.40 -20.04 -23.59
C GLU C 335 27.91 -19.45 -22.27
N ALA C 336 27.23 -18.40 -21.80
CA ALA C 336 27.62 -17.73 -20.56
C ALA C 336 27.56 -18.65 -19.34
N GLY C 337 26.75 -19.70 -19.42
CA GLY C 337 26.64 -20.63 -18.31
C GLY C 337 25.68 -20.20 -17.22
N PRO C 338 25.30 -21.13 -16.31
CA PRO C 338 24.40 -20.91 -15.19
C PRO C 338 24.93 -19.91 -14.17
N VAL C 339 24.04 -19.17 -13.51
CA VAL C 339 24.48 -18.22 -12.50
C VAL C 339 24.85 -19.01 -11.25
N PRO C 340 25.96 -18.64 -10.60
CA PRO C 340 26.41 -19.32 -9.38
C PRO C 340 25.37 -19.27 -8.26
N PRO C 341 25.26 -20.35 -7.48
CA PRO C 341 24.29 -20.41 -6.38
C PRO C 341 24.50 -19.27 -5.36
N GLU C 342 25.76 -18.96 -5.07
CA GLU C 342 26.10 -17.92 -4.10
C GLU C 342 25.57 -16.54 -4.46
N TRP C 343 25.30 -16.30 -5.74
CA TRP C 343 24.81 -15.00 -6.17
C TRP C 343 23.46 -14.66 -5.54
N MET C 344 22.80 -15.68 -4.99
CA MET C 344 21.52 -15.48 -4.34
C MET C 344 21.63 -14.57 -3.11
N PHE C 345 22.84 -14.46 -2.56
CA PHE C 345 23.07 -13.64 -1.37
C PHE C 345 23.73 -12.30 -1.67
N GLU C 346 24.01 -12.05 -2.95
CA GLU C 346 24.67 -10.81 -3.37
C GLU C 346 23.66 -9.74 -3.80
N ASP C 347 24.06 -8.48 -3.64
CA ASP C 347 23.24 -7.33 -4.04
C ASP C 347 21.96 -7.07 -3.25
N VAL C 348 21.76 -7.73 -2.12
CA VAL C 348 20.58 -7.44 -1.32
C VAL C 348 20.89 -6.04 -0.79
N PHE C 349 22.14 -5.87 -0.36
CA PHE C 349 22.68 -4.60 0.13
C PHE C 349 24.01 -4.47 -0.63
N ALA C 350 24.67 -3.33 -0.50
CA ALA C 350 25.96 -3.14 -1.18
C ALA C 350 26.94 -4.21 -0.71
N GLU C 351 26.86 -4.56 0.56
CA GLU C 351 27.72 -5.57 1.16
C GLU C 351 26.86 -6.50 2.02
N LYS C 352 27.24 -7.76 2.10
CA LYS C 352 26.49 -8.74 2.89
C LYS C 352 26.65 -8.57 4.38
N PRO C 353 25.53 -8.39 5.11
CA PRO C 353 25.55 -8.22 6.56
C PRO C 353 25.81 -9.57 7.22
N TRP C 354 26.04 -9.58 8.53
CA TRP C 354 26.32 -10.82 9.25
C TRP C 354 25.32 -11.94 8.99
N HIS C 355 24.02 -11.63 8.98
CA HIS C 355 23.02 -12.66 8.79
C HIS C 355 23.04 -13.31 7.42
N LEU C 356 23.39 -12.56 6.38
CA LEU C 356 23.44 -13.15 5.04
C LEU C 356 24.72 -13.97 4.90
N LEU C 357 25.78 -13.55 5.58
CA LEU C 357 27.04 -14.29 5.55
C LEU C 357 26.79 -15.64 6.22
N ARG C 358 26.04 -15.64 7.33
CA ARG C 358 25.74 -16.87 8.04
C ARG C 358 24.86 -17.78 7.19
N GLN C 359 23.83 -17.18 6.60
CA GLN C 359 22.91 -17.95 5.76
C GLN C 359 23.62 -18.53 4.54
N GLU C 360 24.56 -17.78 3.98
CA GLU C 360 25.31 -18.26 2.82
C GLU C 360 26.14 -19.47 3.24
N ALA C 361 26.82 -19.34 4.38
CA ALA C 361 27.66 -20.42 4.90
C ALA C 361 26.83 -21.68 5.13
N LEU C 362 25.62 -21.50 5.66
CA LEU C 362 24.71 -22.62 5.93
C LEU C 362 24.39 -23.37 4.64
N LEU C 363 23.99 -22.62 3.62
CA LEU C 363 23.65 -23.21 2.34
C LEU C 363 24.84 -23.90 1.71
N LYS C 364 26.02 -23.33 1.89
CA LYS C 364 27.24 -23.89 1.33
C LYS C 364 27.51 -25.31 1.84
N GLU C 365 27.03 -25.61 3.04
CA GLU C 365 27.22 -26.93 3.63
C GLU C 365 26.21 -27.89 3.01
N GLU C 366 25.50 -27.43 1.99
CA GLU C 366 24.49 -28.22 1.31
C GLU C 366 24.87 -28.50 -0.14
N ALA D 2 26.91 22.18 22.92
CA ALA D 2 25.69 22.75 23.55
C ALA D 2 24.55 21.73 23.57
N LEU D 3 23.60 21.95 24.46
CA LEU D 3 22.47 21.06 24.60
C LEU D 3 21.38 21.34 23.58
N MET D 4 20.84 20.28 23.00
CA MET D 4 19.75 20.43 22.05
C MET D 4 18.81 19.23 22.12
N THR D 5 17.61 19.44 21.61
CA THR D 5 16.58 18.42 21.58
C THR D 5 16.84 17.53 20.37
N MET D 6 16.08 16.44 20.28
CA MET D 6 16.23 15.54 19.16
C MET D 6 15.86 16.27 17.87
N VAL D 7 14.81 17.09 17.93
CA VAL D 7 14.38 17.85 16.74
C VAL D 7 15.52 18.73 16.24
N GLN D 8 16.18 19.43 17.15
CA GLN D 8 17.28 20.31 16.78
C GLN D 8 18.46 19.54 16.19
N ALA D 9 18.75 18.37 16.77
CA ALA D 9 19.86 17.55 16.30
C ALA D 9 19.57 17.01 14.90
N LEU D 10 18.32 16.61 14.65
CA LEU D 10 17.91 16.10 13.35
C LEU D 10 17.99 17.21 12.31
N ASN D 11 17.51 18.38 12.67
CA ASN D 11 17.53 19.54 11.78
C ASN D 11 18.98 19.86 11.44
N ARG D 12 19.85 19.83 12.45
CA ARG D 12 21.27 20.12 12.28
C ARG D 12 21.91 19.11 11.32
N ALA D 13 21.58 17.84 11.49
CA ALA D 13 22.12 16.80 10.63
C ALA D 13 21.72 17.06 9.18
N LEU D 14 20.46 17.43 8.96
CA LEU D 14 19.99 17.72 7.61
C LEU D 14 20.71 18.93 7.03
N ASP D 15 20.77 20.01 7.81
CA ASP D 15 21.43 21.24 7.38
C ASP D 15 22.88 20.93 6.99
N GLU D 16 23.58 20.21 7.85
CA GLU D 16 24.97 19.85 7.60
C GLU D 16 25.19 19.04 6.32
N GLU D 17 24.39 18.00 6.13
CA GLU D 17 24.54 17.18 4.94
C GLU D 17 24.16 17.91 3.66
N MET D 18 23.15 18.77 3.74
CA MET D 18 22.73 19.52 2.57
C MET D 18 23.78 20.55 2.17
N ALA D 19 24.50 21.09 3.15
CA ALA D 19 25.55 22.06 2.87
C ALA D 19 26.74 21.36 2.23
N LYS D 20 26.95 20.10 2.61
CA LYS D 20 28.06 19.32 2.08
C LYS D 20 27.84 18.72 0.71
N ASP D 21 26.59 18.34 0.42
CA ASP D 21 26.27 17.71 -0.85
C ASP D 21 25.01 18.30 -1.47
N PRO D 22 25.14 18.96 -2.63
CA PRO D 22 24.00 19.58 -3.33
C PRO D 22 22.94 18.56 -3.72
N ARG D 23 23.33 17.29 -3.82
CA ARG D 23 22.42 16.21 -4.21
C ARG D 23 21.40 15.86 -3.13
N VAL D 24 21.69 16.22 -1.88
CA VAL D 24 20.78 15.92 -0.79
C VAL D 24 19.56 16.82 -0.87
N VAL D 25 18.40 16.21 -1.00
CA VAL D 25 17.15 16.94 -1.08
C VAL D 25 16.12 16.38 -0.11
N VAL D 26 15.23 17.24 0.36
CA VAL D 26 14.19 16.84 1.29
C VAL D 26 12.82 16.96 0.61
N LEU D 27 11.98 15.95 0.79
CA LEU D 27 10.64 16.01 0.20
C LEU D 27 9.63 15.33 1.10
N GLY D 28 8.41 15.84 1.09
CA GLY D 28 7.34 15.27 1.89
C GLY D 28 6.24 16.28 2.11
N GLU D 29 5.21 15.86 2.84
CA GLU D 29 4.08 16.73 3.13
C GLU D 29 4.42 17.76 4.20
N ASP D 30 4.24 19.04 3.86
CA ASP D 30 4.48 20.15 4.78
C ASP D 30 5.91 20.30 5.31
N VAL D 31 6.91 19.88 4.53
CA VAL D 31 8.30 19.99 4.98
C VAL D 31 8.95 21.34 4.63
N GLY D 32 8.34 22.06 3.70
CA GLY D 32 8.91 23.32 3.27
C GLY D 32 8.62 24.56 4.11
N LYS D 33 7.72 25.40 3.60
CA LYS D 33 7.34 26.62 4.28
C LYS D 33 7.02 26.39 5.75
N ARG D 34 6.24 25.35 6.05
CA ARG D 34 5.86 25.06 7.41
C ARG D 34 7.02 24.53 8.26
N GLY D 35 8.02 23.96 7.60
CA GLY D 35 9.16 23.43 8.32
C GLY D 35 8.89 22.10 9.02
N GLY D 36 7.85 21.41 8.57
CA GLY D 36 7.50 20.12 9.16
C GLY D 36 6.55 20.26 10.34
N VAL D 37 5.63 19.31 10.48
CA VAL D 37 4.67 19.36 11.57
C VAL D 37 5.33 19.19 12.94
N PHE D 38 6.60 18.78 12.94
CA PHE D 38 7.36 18.62 14.18
C PHE D 38 8.61 19.52 14.12
N LEU D 39 8.63 20.39 13.11
CA LEU D 39 9.71 21.34 12.87
C LEU D 39 11.11 20.78 12.59
N VAL D 40 11.18 19.51 12.21
CA VAL D 40 12.48 18.90 11.92
C VAL D 40 13.15 19.57 10.72
N THR D 41 12.36 20.03 9.75
CA THR D 41 12.94 20.66 8.56
C THR D 41 12.84 22.19 8.58
N GLU D 42 12.60 22.75 9.76
CA GLU D 42 12.48 24.19 9.92
C GLU D 42 13.66 24.96 9.36
N GLY D 43 13.36 25.98 8.55
CA GLY D 43 14.40 26.82 7.98
C GLY D 43 15.16 26.31 6.78
N LEU D 44 15.03 25.02 6.47
CA LEU D 44 15.76 24.46 5.34
C LEU D 44 15.32 25.01 3.98
N LEU D 45 14.03 25.25 3.81
CA LEU D 45 13.55 25.79 2.53
C LEU D 45 14.11 27.21 2.33
N GLN D 46 14.05 28.00 3.39
CA GLN D 46 14.55 29.36 3.34
C GLN D 46 16.03 29.39 2.96
N LYS D 47 16.79 28.44 3.50
CA LYS D 47 18.23 28.38 3.23
C LYS D 47 18.66 27.70 1.93
N TYR D 48 17.96 26.65 1.53
CA TYR D 48 18.35 25.92 0.32
C TYR D 48 17.46 26.06 -0.90
N GLY D 49 16.26 26.60 -0.73
CA GLY D 49 15.38 26.79 -1.86
C GLY D 49 14.41 25.65 -2.19
N PRO D 50 13.37 25.93 -2.98
CA PRO D 50 12.35 24.96 -3.38
C PRO D 50 12.86 23.78 -4.21
N ASP D 51 14.06 23.90 -4.76
CA ASP D 51 14.64 22.81 -5.55
C ASP D 51 15.42 21.84 -4.65
N ARG D 52 15.46 22.14 -3.35
CA ARG D 52 16.17 21.30 -2.39
C ARG D 52 15.23 20.81 -1.28
N VAL D 53 14.16 21.56 -1.03
CA VAL D 53 13.18 21.20 -0.01
C VAL D 53 11.82 21.37 -0.66
N MET D 54 11.13 20.26 -0.93
CA MET D 54 9.85 20.41 -1.59
C MET D 54 8.63 19.74 -0.98
N ASP D 55 7.57 20.53 -0.81
CA ASP D 55 6.31 20.02 -0.31
C ASP D 55 5.78 19.18 -1.43
N THR D 56 5.22 18.03 -1.09
CA THR D 56 4.69 17.11 -2.09
C THR D 56 3.19 16.96 -1.98
N PRO D 57 2.56 16.36 -3.00
CA PRO D 57 1.10 16.17 -2.92
C PRO D 57 0.92 15.18 -1.76
N LEU D 58 -0.32 14.99 -1.34
CA LEU D 58 -0.58 14.08 -0.23
C LEU D 58 -0.66 12.64 -0.73
N SER D 59 0.49 12.04 -0.99
CA SER D 59 0.56 10.66 -1.47
C SER D 59 1.87 10.02 -1.05
N GLU D 60 1.78 9.03 -0.18
CA GLU D 60 2.98 8.34 0.28
C GLU D 60 3.59 7.48 -0.82
N ALA D 61 2.77 7.01 -1.76
CA ALA D 61 3.29 6.20 -2.87
C ALA D 61 4.14 7.15 -3.74
N ALA D 62 3.63 8.35 -3.96
CA ALA D 62 4.36 9.33 -4.76
C ALA D 62 5.66 9.75 -4.08
N ILE D 63 5.61 9.93 -2.77
CA ILE D 63 6.80 10.34 -2.03
C ILE D 63 7.89 9.27 -2.05
N VAL D 64 7.54 8.06 -1.61
CA VAL D 64 8.52 6.98 -1.57
C VAL D 64 9.01 6.59 -2.97
N GLY D 65 8.07 6.45 -3.91
CA GLY D 65 8.44 6.07 -5.27
C GLY D 65 9.25 7.13 -5.98
N ALA D 66 8.87 8.38 -5.84
CA ALA D 66 9.60 9.46 -6.49
C ALA D 66 11.00 9.50 -5.87
N ALA D 67 11.08 9.33 -4.56
CA ALA D 67 12.37 9.34 -3.89
C ALA D 67 13.26 8.26 -4.50
N LEU D 68 12.67 7.10 -4.76
CA LEU D 68 13.42 5.99 -5.35
C LEU D 68 13.96 6.36 -6.73
N GLY D 69 13.11 6.97 -7.56
CA GLY D 69 13.54 7.37 -8.89
C GLY D 69 14.64 8.44 -8.83
N MET D 70 14.48 9.38 -7.90
CA MET D 70 15.47 10.44 -7.74
C MET D 70 16.81 9.84 -7.33
N ALA D 71 16.76 8.89 -6.39
CA ALA D 71 17.97 8.24 -5.90
C ALA D 71 18.64 7.39 -6.97
N ALA D 72 17.84 6.72 -7.79
CA ALA D 72 18.40 5.87 -8.84
C ALA D 72 19.05 6.72 -9.92
N HIS D 73 18.51 7.91 -10.16
CA HIS D 73 19.01 8.79 -11.20
C HIS D 73 20.21 9.67 -10.81
N GLY D 74 20.13 10.39 -9.71
CA GLY D 74 21.27 11.22 -9.34
C GLY D 74 21.18 12.08 -8.09
N LEU D 75 20.14 11.88 -7.30
CA LEU D 75 20.00 12.67 -6.07
C LEU D 75 20.11 11.78 -4.84
N ARG D 76 20.16 12.41 -3.67
CA ARG D 76 20.25 11.69 -2.42
C ARG D 76 19.09 12.23 -1.60
N PRO D 77 17.88 11.76 -1.89
CA PRO D 77 16.67 12.20 -1.21
C PRO D 77 16.43 11.69 0.20
N VAL D 78 15.90 12.58 1.03
CA VAL D 78 15.55 12.26 2.40
C VAL D 78 14.05 12.53 2.38
N ALA D 79 13.27 11.47 2.20
CA ALA D 79 11.83 11.61 2.16
C ALA D 79 11.25 11.51 3.55
N GLU D 80 10.17 12.25 3.78
CA GLU D 80 9.52 12.19 5.07
C GLU D 80 8.10 11.66 4.92
N ILE D 81 7.74 10.72 5.79
CA ILE D 81 6.39 10.17 5.82
C ILE D 81 5.95 10.82 7.13
N GLN D 82 4.88 11.61 7.07
CA GLN D 82 4.44 12.38 8.23
C GLN D 82 4.34 11.64 9.56
N PHE D 83 3.86 10.40 9.52
CA PHE D 83 3.76 9.55 10.71
C PHE D 83 4.03 8.14 10.19
N ALA D 84 4.76 7.34 10.96
CA ALA D 84 5.07 5.98 10.55
C ALA D 84 3.77 5.25 10.16
N ASP D 85 2.67 5.61 10.80
CA ASP D 85 1.36 5.00 10.57
C ASP D 85 0.90 5.17 9.13
N TYR D 86 1.42 6.17 8.45
CA TYR D 86 1.03 6.45 7.08
C TYR D 86 1.97 5.95 5.99
N ILE D 87 2.84 5.01 6.34
CA ILE D 87 3.75 4.47 5.34
C ILE D 87 2.97 3.53 4.41
N PHE D 88 1.91 2.94 4.94
CA PHE D 88 1.14 1.95 4.19
C PHE D 88 0.62 2.31 2.80
N PRO D 89 0.15 3.56 2.58
CA PRO D 89 -0.32 3.85 1.23
C PRO D 89 0.84 3.77 0.23
N GLY D 90 2.06 3.87 0.75
CA GLY D 90 3.22 3.78 -0.14
C GLY D 90 4.01 2.51 0.14
N PHE D 91 3.35 1.53 0.74
CA PHE D 91 4.02 0.29 1.09
C PHE D 91 4.58 -0.49 -0.09
N ASP D 92 3.84 -0.59 -1.19
CA ASP D 92 4.37 -1.33 -2.32
C ASP D 92 5.61 -0.64 -2.88
N GLN D 93 5.59 0.69 -2.91
CA GLN D 93 6.76 1.40 -3.41
C GLN D 93 7.96 1.02 -2.55
N LEU D 94 7.76 0.99 -1.24
CA LEU D 94 8.83 0.67 -0.31
C LEU D 94 9.36 -0.76 -0.41
N VAL D 95 8.47 -1.74 -0.37
CA VAL D 95 8.90 -3.13 -0.42
C VAL D 95 9.13 -3.74 -1.79
N SER D 96 8.40 -3.29 -2.80
CA SER D 96 8.56 -3.84 -4.14
C SER D 96 9.53 -3.07 -5.04
N GLN D 97 9.64 -1.75 -4.83
CA GLN D 97 10.55 -0.96 -5.65
C GLN D 97 11.86 -0.62 -4.92
N VAL D 98 11.76 0.06 -3.78
CA VAL D 98 12.95 0.47 -3.04
C VAL D 98 13.81 -0.69 -2.54
N ALA D 99 13.21 -1.56 -1.74
CA ALA D 99 13.93 -2.68 -1.15
C ALA D 99 14.60 -3.64 -2.12
N LYS D 100 13.95 -3.89 -3.26
CA LYS D 100 14.47 -4.85 -4.22
C LYS D 100 15.22 -4.31 -5.45
N LEU D 101 15.36 -2.99 -5.54
CA LEU D 101 16.04 -2.44 -6.72
C LEU D 101 17.44 -2.98 -6.99
N ARG D 102 18.32 -2.90 -6.00
CA ARG D 102 19.68 -3.38 -6.18
C ARG D 102 19.69 -4.87 -6.51
N TYR D 103 18.94 -5.65 -5.75
CA TYR D 103 18.89 -7.09 -5.96
C TYR D 103 18.35 -7.49 -7.33
N ARG D 104 17.15 -7.03 -7.67
CA ARG D 104 16.52 -7.42 -8.93
C ARG D 104 17.27 -6.93 -10.18
N SER D 105 18.07 -5.88 -10.03
CA SER D 105 18.81 -5.34 -11.18
C SER D 105 20.24 -5.84 -11.24
N GLY D 106 20.58 -6.82 -10.39
CA GLY D 106 21.92 -7.35 -10.39
C GLY D 106 22.94 -6.30 -9.99
N GLY D 107 22.49 -5.30 -9.25
CA GLY D 107 23.39 -4.24 -8.82
C GLY D 107 23.54 -3.09 -9.81
N GLN D 108 22.82 -3.14 -10.92
CA GLN D 108 22.90 -2.08 -11.93
C GLN D 108 22.30 -0.75 -11.45
N PHE D 109 21.24 -0.85 -10.65
CA PHE D 109 20.58 0.35 -10.12
C PHE D 109 20.59 0.31 -8.59
N THR D 110 20.83 1.47 -7.97
CA THR D 110 20.87 1.55 -6.51
C THR D 110 19.90 2.59 -5.95
N ALA D 111 19.63 2.50 -4.66
CA ALA D 111 18.68 3.40 -4.00
C ALA D 111 19.23 4.14 -2.78
N PRO D 112 20.15 5.10 -3.00
CA PRO D 112 20.71 5.86 -1.88
C PRO D 112 19.68 6.86 -1.36
N LEU D 113 18.68 6.36 -0.65
CA LEU D 113 17.63 7.21 -0.13
C LEU D 113 17.33 6.93 1.33
N VAL D 114 16.77 7.92 2.01
CA VAL D 114 16.41 7.80 3.40
C VAL D 114 14.93 8.13 3.55
N VAL D 115 14.21 7.32 4.31
CA VAL D 115 12.80 7.58 4.55
C VAL D 115 12.66 7.77 6.05
N ARG D 116 12.52 9.00 6.50
CA ARG D 116 12.36 9.21 7.94
C ARG D 116 10.90 9.37 8.29
N MET D 117 10.55 9.00 9.51
CA MET D 117 9.17 9.07 9.98
C MET D 117 9.07 9.05 11.49
N PRO D 118 8.17 9.88 12.06
CA PRO D 118 7.99 9.93 13.51
C PRO D 118 7.23 8.64 13.84
N SER D 119 7.47 8.07 15.01
CA SER D 119 6.78 6.84 15.38
C SER D 119 6.59 6.69 16.88
N GLY D 120 5.98 5.58 17.28
CA GLY D 120 5.77 5.28 18.69
C GLY D 120 4.59 5.95 19.37
N GLY D 121 4.18 5.38 20.49
CA GLY D 121 3.06 5.94 21.23
C GLY D 121 3.47 6.88 22.35
N GLY D 122 2.63 6.95 23.38
CA GLY D 122 2.90 7.83 24.49
C GLY D 122 2.57 9.28 24.20
N VAL D 123 1.83 9.53 23.11
CA VAL D 123 1.47 10.90 22.74
C VAL D 123 -0.03 11.09 22.48
N ARG D 124 -0.84 10.12 22.90
CA ARG D 124 -2.29 10.17 22.72
C ARG D 124 -2.67 10.28 21.24
N GLY D 125 -1.94 9.56 20.40
CA GLY D 125 -2.21 9.62 18.96
C GLY D 125 -3.21 8.64 18.40
N GLY D 126 -3.77 7.78 19.24
CA GLY D 126 -4.75 6.83 18.76
C GLY D 126 -4.19 5.80 17.78
N HIS D 127 -5.06 5.27 16.92
CA HIS D 127 -4.68 4.25 15.94
C HIS D 127 -3.61 4.64 14.92
N HIS D 128 -3.65 5.88 14.42
CA HIS D 128 -2.68 6.28 13.39
C HIS D 128 -1.71 7.42 13.67
N HIS D 129 -1.39 7.65 14.93
CA HIS D 129 -0.42 8.68 15.30
C HIS D 129 0.43 8.10 16.43
N SER D 130 0.52 6.76 16.46
CA SER D 130 1.26 6.07 17.51
C SER D 130 1.98 4.79 17.08
N GLN D 131 1.68 4.27 15.90
CA GLN D 131 2.27 3.02 15.45
C GLN D 131 3.80 2.93 15.36
N SER D 132 4.29 1.70 15.52
CA SER D 132 5.70 1.36 15.44
C SER D 132 5.70 0.17 14.50
N PRO D 133 5.76 0.43 13.19
CA PRO D 133 5.75 -0.59 12.13
C PRO D 133 7.08 -1.19 11.71
N GLU D 134 8.13 -1.00 12.50
CA GLU D 134 9.45 -1.50 12.11
C GLU D 134 9.52 -2.97 11.68
N ALA D 135 8.71 -3.83 12.28
CA ALA D 135 8.75 -5.25 11.91
C ALA D 135 8.50 -5.43 10.41
N HIS D 136 7.57 -4.66 9.88
CA HIS D 136 7.23 -4.72 8.45
C HIS D 136 8.46 -4.45 7.60
N PHE D 137 9.32 -3.55 8.08
CA PHE D 137 10.51 -3.18 7.33
C PHE D 137 11.63 -4.21 7.51
N VAL D 138 11.82 -4.67 8.74
CA VAL D 138 12.86 -5.66 9.04
C VAL D 138 12.59 -6.96 8.28
N HIS D 139 11.31 -7.31 8.14
CA HIS D 139 10.93 -8.52 7.44
C HIS D 139 11.18 -8.44 5.93
N THR D 140 11.36 -7.21 5.43
CA THR D 140 11.59 -6.97 4.01
C THR D 140 13.08 -6.83 3.68
N ALA D 141 13.64 -7.87 3.06
CA ALA D 141 15.05 -7.87 2.70
C ALA D 141 15.39 -6.68 1.79
N GLY D 142 16.50 -6.01 2.07
CA GLY D 142 16.92 -4.88 1.26
C GLY D 142 16.77 -3.51 1.91
N LEU D 143 16.16 -3.47 3.09
CA LEU D 143 15.98 -2.20 3.78
C LEU D 143 16.75 -2.15 5.10
N LYS D 144 17.54 -1.12 5.30
CA LYS D 144 18.23 -0.99 6.58
C LYS D 144 17.19 -0.26 7.42
N VAL D 145 17.16 -0.54 8.72
CA VAL D 145 16.19 0.09 9.60
C VAL D 145 16.88 0.62 10.84
N VAL D 146 16.63 1.89 11.16
CA VAL D 146 17.24 2.54 12.32
C VAL D 146 16.21 3.29 13.14
N ALA D 147 16.29 3.14 14.46
CA ALA D 147 15.37 3.83 15.38
C ALA D 147 16.24 4.47 16.45
N VAL D 148 16.22 5.80 16.52
CA VAL D 148 17.03 6.54 17.48
C VAL D 148 16.27 6.89 18.76
N SER D 149 17.01 7.18 19.83
CA SER D 149 16.37 7.53 21.10
C SER D 149 17.03 8.68 21.85
N THR D 150 18.11 9.24 21.30
CA THR D 150 18.78 10.37 21.94
C THR D 150 19.17 11.40 20.88
N PRO D 151 19.30 12.67 21.28
CA PRO D 151 19.67 13.72 20.32
C PRO D 151 21.03 13.41 19.68
N TYR D 152 21.99 12.96 20.49
CA TYR D 152 23.32 12.63 19.98
C TYR D 152 23.26 11.57 18.87
N ASP D 153 22.50 10.50 19.10
CA ASP D 153 22.38 9.44 18.11
C ASP D 153 21.61 9.93 16.88
N ALA D 154 20.59 10.75 17.12
CA ALA D 154 19.77 11.27 16.03
C ALA D 154 20.64 11.95 14.99
N LYS D 155 21.49 12.87 15.42
CA LYS D 155 22.37 13.57 14.48
C LYS D 155 23.38 12.65 13.83
N GLY D 156 24.11 11.89 14.65
CA GLY D 156 25.12 10.99 14.13
C GLY D 156 24.62 9.94 13.17
N LEU D 157 23.48 9.33 13.49
CA LEU D 157 22.94 8.28 12.63
C LEU D 157 22.20 8.80 11.40
N LEU D 158 21.55 9.95 11.50
CA LEU D 158 20.85 10.47 10.32
C LEU D 158 21.92 10.85 9.29
N LYS D 159 23.03 11.39 9.76
CA LYS D 159 24.12 11.77 8.85
C LYS D 159 24.68 10.52 8.21
N ALA D 160 24.84 9.45 8.99
CA ALA D 160 25.35 8.18 8.49
C ALA D 160 24.38 7.60 7.45
N ALA D 161 23.09 7.71 7.72
CA ALA D 161 22.08 7.20 6.81
C ALA D 161 22.15 7.92 5.45
N ILE D 162 22.28 9.23 5.51
CA ILE D 162 22.36 10.02 4.29
C ILE D 162 23.58 9.66 3.45
N ARG D 163 24.67 9.28 4.13
CA ARG D 163 25.89 8.90 3.42
C ARG D 163 25.87 7.45 2.95
N ASP D 164 25.03 6.64 3.59
CA ASP D 164 24.90 5.23 3.26
C ASP D 164 24.19 5.08 1.90
N GLU D 165 24.71 4.21 1.05
CA GLU D 165 24.13 3.99 -0.28
C GLU D 165 22.92 3.08 -0.24
N ASP D 166 22.78 2.28 0.82
CA ASP D 166 21.65 1.38 0.96
C ASP D 166 20.45 2.16 1.48
N PRO D 167 19.23 1.80 1.04
CA PRO D 167 18.03 2.52 1.51
C PRO D 167 17.92 2.35 3.01
N VAL D 168 17.55 3.42 3.70
CA VAL D 168 17.41 3.36 5.16
C VAL D 168 16.07 3.92 5.61
N VAL D 169 15.34 3.17 6.41
CA VAL D 169 14.09 3.66 6.97
C VAL D 169 14.55 4.15 8.35
N PHE D 170 14.32 5.42 8.62
CA PHE D 170 14.76 6.08 9.85
C PHE D 170 13.57 6.46 10.74
N LEU D 171 13.42 5.78 11.88
CA LEU D 171 12.32 6.07 12.78
C LEU D 171 12.68 6.96 13.96
N GLU D 172 11.88 8.00 14.14
CA GLU D 172 12.09 9.00 15.19
C GLU D 172 10.91 8.96 16.18
N PRO D 173 11.11 8.38 17.37
CA PRO D 173 10.04 8.31 18.37
C PRO D 173 9.57 9.72 18.72
N LYS D 174 8.36 10.07 18.30
CA LYS D 174 7.87 11.42 18.53
C LYS D 174 7.81 11.88 19.98
N ARG D 175 7.61 10.97 20.93
CA ARG D 175 7.57 11.35 22.34
C ARG D 175 8.94 11.86 22.78
N LEU D 176 9.97 11.51 22.00
CA LEU D 176 11.33 11.91 22.33
C LEU D 176 11.83 13.13 21.57
N TYR D 177 10.99 13.73 20.71
CA TYR D 177 11.40 14.88 19.93
C TYR D 177 11.92 16.06 20.73
N ARG D 178 11.32 16.33 21.88
CA ARG D 178 11.75 17.46 22.72
C ARG D 178 11.75 17.06 24.20
N SER D 179 11.77 15.77 24.46
CA SER D 179 11.75 15.25 25.82
C SER D 179 13.00 15.54 26.65
N VAL D 180 14.11 15.84 25.99
CA VAL D 180 15.33 16.12 26.72
C VAL D 180 16.38 16.85 25.88
N LYS D 181 17.15 17.71 26.54
CA LYS D 181 18.20 18.46 25.87
C LYS D 181 19.56 17.89 26.29
N GLU D 182 20.20 17.21 25.35
CA GLU D 182 21.51 16.59 25.58
C GLU D 182 22.61 17.28 24.77
N GLU D 183 23.85 17.08 25.20
CA GLU D 183 25.01 17.64 24.51
C GLU D 183 25.15 17.01 23.14
N VAL D 184 25.13 17.83 22.10
CA VAL D 184 25.28 17.36 20.73
C VAL D 184 26.31 18.24 20.05
N PRO D 185 27.51 17.69 19.78
CA PRO D 185 28.57 18.45 19.13
C PRO D 185 28.14 19.05 17.80
N GLU D 186 28.61 20.26 17.52
CA GLU D 186 28.28 20.92 16.27
C GLU D 186 29.25 20.45 15.19
N GLU D 187 30.39 19.94 15.63
CA GLU D 187 31.40 19.44 14.70
C GLU D 187 30.83 18.25 13.93
N ASP D 188 31.37 18.02 12.74
CA ASP D 188 30.91 16.92 11.90
C ASP D 188 31.32 15.57 12.46
N TYR D 189 30.32 14.75 12.80
CA TYR D 189 30.57 13.41 13.32
C TYR D 189 29.44 12.50 12.88
N THR D 190 29.73 11.21 12.77
CA THR D 190 28.72 10.23 12.40
C THR D 190 28.80 9.10 13.40
N LEU D 191 27.81 8.23 13.36
CA LEU D 191 27.77 7.07 14.24
C LEU D 191 27.58 5.88 13.32
N PRO D 192 28.06 4.70 13.73
CA PRO D 192 27.94 3.49 12.92
C PRO D 192 26.56 2.84 12.88
N ILE D 193 26.06 2.63 11.66
CA ILE D 193 24.78 1.97 11.47
C ILE D 193 25.07 0.49 11.64
N GLY D 194 24.24 -0.20 12.41
CA GLY D 194 24.44 -1.63 12.64
C GLY D 194 25.09 -1.93 13.98
N LYS D 195 25.31 -0.90 14.79
CA LYS D 195 25.94 -1.05 16.10
C LYS D 195 25.06 -0.53 17.23
N ALA D 196 24.93 -1.34 18.28
CA ALA D 196 24.14 -0.98 19.43
C ALA D 196 24.95 -0.04 20.32
N ALA D 197 24.27 0.60 21.27
CA ALA D 197 24.94 1.49 22.21
C ALA D 197 24.67 1.00 23.62
N LEU D 198 25.73 0.90 24.41
CA LEU D 198 25.62 0.45 25.79
C LEU D 198 25.26 1.68 26.63
N ARG D 199 24.00 1.76 27.07
CA ARG D 199 23.53 2.89 27.87
C ARG D 199 23.99 2.79 29.32
N ARG D 200 24.04 1.56 29.81
CA ARG D 200 24.44 1.31 31.19
C ARG D 200 24.98 -0.10 31.30
N GLU D 201 26.13 -0.24 31.94
CA GLU D 201 26.73 -1.56 32.12
C GLU D 201 26.15 -2.23 33.36
N GLY D 202 26.00 -3.55 33.28
CA GLY D 202 25.46 -4.30 34.40
C GLY D 202 25.84 -5.75 34.21
N LYS D 203 25.61 -6.58 35.23
CA LYS D 203 25.97 -7.98 35.10
C LYS D 203 24.91 -8.98 35.57
N ASP D 204 23.79 -8.48 36.11
CA ASP D 204 22.74 -9.38 36.59
C ASP D 204 21.60 -9.58 35.59
N LEU D 205 21.39 -8.60 34.71
CA LEU D 205 20.30 -8.70 33.75
C LEU D 205 20.58 -7.85 32.52
N THR D 206 20.19 -8.35 31.35
CA THR D 206 20.36 -7.60 30.11
C THR D 206 18.99 -7.07 29.68
N LEU D 207 18.92 -5.77 29.42
CA LEU D 207 17.67 -5.16 28.96
C LEU D 207 17.91 -4.70 27.53
N ILE D 208 17.35 -5.46 26.58
CA ILE D 208 17.49 -5.14 25.16
C ILE D 208 16.31 -4.24 24.77
N CYS D 209 16.61 -3.10 24.16
CA CYS D 209 15.58 -2.16 23.80
C CYS D 209 16.02 -1.18 22.72
N TYR D 210 15.14 -0.24 22.40
CA TYR D 210 15.42 0.80 21.41
C TYR D 210 14.23 1.75 21.31
N GLY D 211 14.50 2.90 20.69
CA GLY D 211 13.46 3.89 20.47
C GLY D 211 12.51 4.29 21.57
N THR D 212 11.23 4.27 21.24
CA THR D 212 10.14 4.68 22.11
C THR D 212 10.18 4.33 23.60
N VAL D 213 10.53 3.09 23.92
CA VAL D 213 10.52 2.63 25.31
C VAL D 213 11.72 2.99 26.17
N MET D 214 12.75 3.59 25.60
CA MET D 214 13.96 3.92 26.36
C MET D 214 13.76 4.58 27.73
N PRO D 215 12.87 5.58 27.83
CA PRO D 215 12.67 6.23 29.12
C PRO D 215 12.28 5.26 30.23
N GLU D 216 11.29 4.41 29.97
CA GLU D 216 10.85 3.45 30.97
C GLU D 216 11.90 2.37 31.25
N VAL D 217 12.59 1.92 30.22
CA VAL D 217 13.61 0.90 30.42
C VAL D 217 14.73 1.44 31.30
N LEU D 218 15.16 2.67 31.04
CA LEU D 218 16.22 3.28 31.83
C LEU D 218 15.81 3.49 33.29
N GLN D 219 14.57 3.91 33.52
CA GLN D 219 14.12 4.11 34.89
C GLN D 219 13.98 2.77 35.58
N ALA D 220 13.59 1.74 34.83
CA ALA D 220 13.45 0.40 35.39
C ALA D 220 14.83 -0.07 35.87
N ALA D 221 15.87 0.21 35.10
CA ALA D 221 17.23 -0.17 35.49
C ALA D 221 17.60 0.59 36.76
N ALA D 222 17.14 1.84 36.86
CA ALA D 222 17.42 2.65 38.03
C ALA D 222 16.75 2.06 39.26
N GLU D 223 15.51 1.61 39.11
CA GLU D 223 14.77 1.00 40.22
C GLU D 223 15.50 -0.27 40.66
N LEU D 224 15.94 -1.06 39.68
CA LEU D 224 16.65 -2.30 39.99
C LEU D 224 17.93 -2.00 40.77
N ALA D 225 18.64 -0.95 40.37
CA ALA D 225 19.88 -0.57 41.04
C ALA D 225 19.64 -0.29 42.52
N LYS D 226 18.47 0.24 42.86
CA LYS D 226 18.15 0.53 44.25
C LYS D 226 18.14 -0.76 45.06
N ALA D 227 17.81 -1.86 44.41
CA ALA D 227 17.75 -3.16 45.08
C ALA D 227 19.05 -3.95 44.93
N GLY D 228 20.10 -3.30 44.44
CA GLY D 228 21.37 -3.98 44.27
C GLY D 228 21.48 -4.84 43.02
N VAL D 229 20.52 -4.71 42.12
CA VAL D 229 20.52 -5.48 40.88
C VAL D 229 21.09 -4.58 39.77
N SER D 230 22.15 -5.03 39.12
CA SER D 230 22.76 -4.25 38.04
C SER D 230 22.26 -4.70 36.68
N ALA D 231 21.48 -3.84 36.03
CA ALA D 231 20.95 -4.15 34.73
C ALA D 231 21.80 -3.53 33.63
N GLU D 232 22.05 -4.29 32.58
CA GLU D 232 22.82 -3.76 31.46
C GLU D 232 21.81 -3.34 30.42
N VAL D 233 21.80 -2.06 30.07
CA VAL D 233 20.85 -1.55 29.09
C VAL D 233 21.53 -1.39 27.73
N LEU D 234 21.02 -2.11 26.75
CA LEU D 234 21.58 -2.06 25.40
C LEU D 234 20.57 -1.51 24.40
N ASP D 235 20.83 -0.31 23.90
CA ASP D 235 19.99 0.33 22.90
C ASP D 235 20.48 -0.15 21.54
N LEU D 236 19.71 -1.01 20.89
CA LEU D 236 20.13 -1.55 19.59
C LEU D 236 20.38 -0.48 18.53
N ARG D 237 19.52 0.54 18.51
CA ARG D 237 19.61 1.62 17.52
C ARG D 237 19.30 1.13 16.11
N THR D 238 20.16 0.28 15.55
CA THR D 238 19.91 -0.26 14.22
C THR D 238 19.18 -1.59 14.36
N LEU D 239 18.04 -1.71 13.71
CA LEU D 239 17.25 -2.94 13.79
C LEU D 239 17.60 -3.90 12.66
N MET D 240 18.12 -3.36 11.57
CA MET D 240 18.52 -4.16 10.42
C MET D 240 19.64 -3.45 9.67
N PRO D 241 20.86 -4.02 9.71
CA PRO D 241 21.22 -5.26 10.41
C PRO D 241 21.50 -4.97 11.89
N TRP D 242 20.92 -5.75 12.79
CA TRP D 242 21.15 -5.50 14.21
C TRP D 242 22.48 -6.03 14.72
N ASP D 243 22.93 -5.48 15.84
CA ASP D 243 24.22 -5.83 16.45
C ASP D 243 24.20 -7.17 17.16
N TYR D 244 24.31 -8.24 16.39
CA TYR D 244 24.31 -9.61 16.92
C TYR D 244 25.34 -9.80 18.03
N GLU D 245 26.58 -9.37 17.77
CA GLU D 245 27.65 -9.51 18.73
C GLU D 245 27.39 -8.84 20.07
N ALA D 246 26.96 -7.58 20.05
CA ALA D 246 26.68 -6.86 21.29
C ALA D 246 25.60 -7.57 22.10
N VAL D 247 24.55 -8.03 21.42
CA VAL D 247 23.46 -8.73 22.08
C VAL D 247 23.94 -10.02 22.74
N MET D 248 24.62 -10.86 21.96
CA MET D 248 25.08 -12.14 22.50
C MET D 248 26.14 -11.99 23.59
N ASN D 249 27.01 -10.98 23.46
CA ASN D 249 28.03 -10.76 24.47
C ASN D 249 27.39 -10.37 25.80
N SER D 250 26.34 -9.56 25.74
CA SER D 250 25.67 -9.12 26.96
C SER D 250 24.92 -10.26 27.61
N VAL D 251 24.13 -10.99 26.83
CA VAL D 251 23.35 -12.11 27.34
C VAL D 251 24.25 -13.23 27.86
N ALA D 252 25.40 -13.43 27.22
CA ALA D 252 26.31 -14.47 27.66
C ALA D 252 26.82 -14.11 29.06
N LYS D 253 27.06 -12.82 29.27
CA LYS D 253 27.54 -12.32 30.55
C LYS D 253 26.51 -12.43 31.67
N THR D 254 25.33 -11.87 31.46
CA THR D 254 24.28 -11.87 32.47
C THR D 254 23.47 -13.17 32.59
N GLY D 255 23.29 -13.86 31.48
CA GLY D 255 22.53 -15.10 31.51
C GLY D 255 21.02 -14.90 31.54
N ARG D 256 20.58 -13.64 31.61
CA ARG D 256 19.14 -13.36 31.61
C ARG D 256 18.84 -12.09 30.85
N VAL D 257 17.78 -12.14 30.06
CA VAL D 257 17.41 -11.01 29.23
C VAL D 257 15.92 -10.74 29.11
N VAL D 258 15.58 -9.45 29.09
CA VAL D 258 14.23 -8.97 28.92
C VAL D 258 14.32 -8.03 27.72
N LEU D 259 13.47 -8.23 26.72
CA LEU D 259 13.47 -7.41 25.53
C LEU D 259 12.23 -6.52 25.57
N VAL D 260 12.42 -5.22 25.33
CA VAL D 260 11.31 -4.27 25.40
C VAL D 260 11.14 -3.43 24.14
N SER D 261 9.87 -3.23 23.76
CA SER D 261 9.51 -2.44 22.59
C SER D 261 8.02 -2.12 22.70
N ASP D 262 7.57 -1.05 22.05
CA ASP D 262 6.15 -0.72 22.12
C ASP D 262 5.40 -1.27 20.89
N ALA D 263 6.13 -1.92 19.99
CA ALA D 263 5.51 -2.51 18.80
C ALA D 263 4.70 -3.73 19.24
N PRO D 264 3.62 -4.06 18.51
CA PRO D 264 2.78 -5.23 18.84
C PRO D 264 3.64 -6.48 18.96
N ARG D 265 3.23 -7.38 19.86
CA ARG D 265 3.98 -8.61 20.11
C ARG D 265 4.21 -9.56 18.93
N HIS D 266 3.13 -10.06 18.35
CA HIS D 266 3.23 -11.04 17.26
C HIS D 266 4.07 -10.69 16.04
N ALA D 267 5.05 -11.54 15.78
CA ALA D 267 5.97 -11.38 14.66
C ALA D 267 6.69 -10.04 14.71
N SER D 268 6.99 -9.57 15.91
CA SER D 268 7.68 -8.30 16.08
C SER D 268 9.20 -8.48 15.96
N PHE D 269 9.90 -7.35 15.88
CA PHE D 269 11.35 -7.40 15.80
C PHE D 269 11.95 -8.00 17.07
N VAL D 270 11.45 -7.63 18.24
CA VAL D 270 12.02 -8.20 19.46
C VAL D 270 11.78 -9.70 19.53
N SER D 271 10.76 -10.18 18.82
CA SER D 271 10.49 -11.62 18.80
C SER D 271 11.60 -12.30 18.01
N GLU D 272 12.11 -11.61 16.99
CA GLU D 272 13.19 -12.14 16.17
C GLU D 272 14.47 -12.25 17.00
N VAL D 273 14.77 -11.21 17.75
CA VAL D 273 15.97 -11.22 18.58
C VAL D 273 15.84 -12.31 19.64
N ALA D 274 14.66 -12.39 20.25
CA ALA D 274 14.41 -13.41 21.28
C ALA D 274 14.60 -14.81 20.73
N ALA D 275 14.03 -15.07 19.57
CA ALA D 275 14.14 -16.39 18.93
C ALA D 275 15.60 -16.71 18.60
N THR D 276 16.36 -15.69 18.23
CA THR D 276 17.76 -15.87 17.87
C THR D 276 18.61 -16.16 19.11
N ILE D 277 18.34 -15.43 20.20
CA ILE D 277 19.09 -15.66 21.44
C ILE D 277 18.87 -17.10 21.89
N ALA D 278 17.62 -17.58 21.81
CA ALA D 278 17.29 -18.94 22.22
C ALA D 278 17.95 -19.99 21.34
N GLU D 279 17.97 -19.75 20.04
CA GLU D 279 18.55 -20.68 19.09
C GLU D 279 20.07 -20.78 19.19
N ASP D 280 20.72 -19.67 19.51
CA ASP D 280 22.17 -19.63 19.58
C ASP D 280 22.81 -19.65 20.97
N LEU D 281 22.07 -19.21 21.99
CA LEU D 281 22.64 -19.17 23.35
C LEU D 281 21.87 -19.91 24.42
N LEU D 282 21.11 -20.94 24.05
CA LEU D 282 20.33 -21.69 25.03
C LEU D 282 21.19 -22.08 26.24
N ASP D 283 22.42 -22.53 25.96
CA ASP D 283 23.35 -22.96 27.00
C ASP D 283 23.81 -21.86 27.95
N MET D 284 23.62 -20.61 27.56
CA MET D 284 24.03 -19.48 28.39
C MET D 284 22.86 -18.86 29.17
N LEU D 285 21.65 -19.33 28.90
CA LEU D 285 20.47 -18.78 29.56
C LEU D 285 20.16 -19.36 30.93
N LEU D 286 20.03 -18.49 31.92
CA LEU D 286 19.71 -18.88 33.29
C LEU D 286 18.21 -18.67 33.51
N ALA D 287 17.58 -18.05 32.52
CA ALA D 287 16.15 -17.78 32.57
C ALA D 287 15.64 -17.61 31.14
N PRO D 288 14.32 -17.78 30.94
CA PRO D 288 13.74 -17.63 29.60
C PRO D 288 13.82 -16.19 29.11
N PRO D 289 14.00 -16.00 27.80
CA PRO D 289 14.06 -14.63 27.27
C PRO D 289 12.63 -14.09 27.34
N ILE D 290 12.44 -13.02 28.11
CA ILE D 290 11.11 -12.44 28.29
C ILE D 290 10.91 -11.18 27.46
N ARG D 291 9.79 -11.13 26.76
CA ARG D 291 9.46 -9.99 25.92
C ARG D 291 8.37 -9.11 26.50
N VAL D 292 8.66 -7.82 26.64
CA VAL D 292 7.69 -6.84 27.13
C VAL D 292 7.42 -6.00 25.88
N THR D 293 6.22 -6.14 25.31
CA THR D 293 5.89 -5.44 24.09
C THR D 293 4.54 -4.76 24.13
N GLY D 294 4.18 -4.12 23.02
CA GLY D 294 2.88 -3.50 22.94
C GLY D 294 1.95 -4.68 22.82
N PHE D 295 0.67 -4.49 23.13
CA PHE D 295 -0.28 -5.59 23.05
C PHE D 295 -0.70 -5.82 21.60
N ASP D 296 -1.24 -7.01 21.32
CA ASP D 296 -1.68 -7.34 19.97
C ASP D 296 -3.06 -6.76 19.67
N THR D 297 -3.13 -5.42 19.72
CA THR D 297 -4.36 -4.69 19.45
C THR D 297 -3.97 -3.43 18.71
N PRO D 298 -4.95 -2.74 18.07
CA PRO D 298 -4.57 -1.50 17.38
C PRO D 298 -4.17 -0.57 18.52
N TYR D 299 -3.47 0.52 18.23
CA TYR D 299 -3.07 1.42 19.30
C TYR D 299 -4.27 2.18 19.85
N PRO D 300 -4.60 1.96 21.13
CA PRO D 300 -5.74 2.62 21.78
C PRO D 300 -5.51 4.05 22.24
N TYR D 301 -6.54 4.88 22.11
CA TYR D 301 -6.44 6.27 22.54
C TYR D 301 -6.66 6.36 24.05
N ALA D 302 -7.83 5.92 24.50
CA ALA D 302 -8.16 5.97 25.92
C ALA D 302 -7.13 5.32 26.84
N GLN D 303 -6.62 4.16 26.44
CA GLN D 303 -5.65 3.45 27.26
C GLN D 303 -4.19 3.61 26.80
N ASP D 304 -3.90 4.71 26.12
CA ASP D 304 -2.55 4.98 25.63
C ASP D 304 -1.50 4.74 26.71
N LYS D 305 -1.74 5.29 27.89
CA LYS D 305 -0.84 5.19 29.05
C LYS D 305 -0.53 3.77 29.50
N LEU D 306 -1.47 2.85 29.22
CA LEU D 306 -1.31 1.45 29.62
C LEU D 306 -0.77 0.57 28.50
N TYR D 307 -0.98 0.97 27.26
CA TYR D 307 -0.49 0.16 26.13
C TYR D 307 1.03 0.23 26.11
N LEU D 308 1.57 1.44 26.14
CA LEU D 308 3.00 1.68 26.14
C LEU D 308 3.57 1.02 27.40
N PRO D 309 4.57 0.12 27.25
CA PRO D 309 5.14 -0.53 28.42
C PRO D 309 5.45 0.46 29.55
N THR D 310 5.02 0.13 30.76
CA THR D 310 5.26 0.97 31.92
C THR D 310 6.49 0.49 32.66
N VAL D 311 7.02 1.33 33.55
CA VAL D 311 8.18 0.97 34.34
C VAL D 311 7.83 -0.29 35.12
N THR D 312 6.61 -0.30 35.65
CA THR D 312 6.13 -1.45 36.43
C THR D 312 6.08 -2.74 35.61
N ARG D 313 5.58 -2.65 34.38
CA ARG D 313 5.47 -3.83 33.53
C ARG D 313 6.84 -4.39 33.22
N ILE D 314 7.80 -3.51 32.99
CA ILE D 314 9.16 -3.92 32.69
C ILE D 314 9.80 -4.55 33.92
N LEU D 315 9.60 -3.94 35.09
CA LEU D 315 10.16 -4.47 36.34
C LEU D 315 9.58 -5.82 36.68
N ASN D 316 8.28 -6.03 36.42
CA ASN D 316 7.65 -7.31 36.70
C ASN D 316 8.30 -8.41 35.85
N ALA D 317 8.66 -8.06 34.63
CA ALA D 317 9.30 -9.01 33.74
C ALA D 317 10.73 -9.26 34.21
N ALA D 318 11.38 -8.22 34.72
CA ALA D 318 12.75 -8.34 35.21
C ALA D 318 12.79 -9.27 36.42
N LYS D 319 11.81 -9.11 37.31
CA LYS D 319 11.72 -9.94 38.51
C LYS D 319 11.53 -11.40 38.10
N ARG D 320 10.69 -11.61 37.10
CA ARG D 320 10.40 -12.94 36.58
C ARG D 320 11.70 -13.60 36.13
N ALA D 321 12.50 -12.86 35.38
CA ALA D 321 13.77 -13.37 34.86
C ALA D 321 14.77 -13.58 35.99
N LEU D 322 14.79 -12.67 36.95
CA LEU D 322 15.70 -12.76 38.08
C LEU D 322 15.38 -13.90 39.04
N ASP D 323 14.10 -14.11 39.33
CA ASP D 323 13.70 -15.16 40.26
C ASP D 323 13.58 -16.54 39.64
N TYR D 324 13.83 -16.64 38.34
CA TYR D 324 13.71 -17.93 37.67
C TYR D 324 14.82 -18.89 38.09
#